data_8J5M
#
_entry.id   8J5M
#
_cell.length_a   105.297
_cell.length_b   113.605
_cell.length_c   180.860
_cell.angle_alpha   90.000
_cell.angle_beta   90.000
_cell.angle_gamma   90.000
#
_symmetry.space_group_name_H-M   'P 21 21 21'
#
loop_
_entity.id
_entity.type
_entity.pdbx_description
1 polymer Beta-glucosidase
2 non-polymer 'ACETATE ION'
3 non-polymer 'SULFATE ION'
4 water water
#
_entity_poly.entity_id   1
_entity_poly.type   'polypeptide(L)'
_entity_poly.pdbx_seq_one_letter_code
;MGSSHHHHHHSSGLVPRGSHMGFPKDFLWGTATASYQIEGAAFEDGKGLNIWDVFSHQEGKIFENHNGDVACDHYNRLEE
DLDILSKLGVKSYRFSVSWSRVLPAGIGQVNHKGIAFYQMLISGLRERGIIPCMTLYHWDLPYALHLKGGWLNDDSPNWF
AEYAKVIKTYFGKEVSYFITFNEPQVFVGCGYLSGNHAPGYQLPKAEIVRIAHNVLKAHGLAVKELRKGEPCKIGFTGAS
CPCIPASDRKEDIEAAYNQYFSSNSNEFVFTDAFWFDPVLKGRYPKWVTYINNVSMPIITKEDMELISQPIDFVGLNIYN
GKYVNEDGGILQKKQGVPRTAIGWPITQEALYWGPRFTSERYHKPIMITGNGMSCHDCISLDGKVHDENRIDYMHRYLLQ
LKKAIADGVDVEGYYAWSLLDNFEWANGYNDRFGITYVDYETQQRIIKDSGFFYQQIIETNGDLL
;
_entity_poly.pdbx_strand_id   A,B,D,C
#
loop_
_chem_comp.id
_chem_comp.type
_chem_comp.name
_chem_comp.formula
ACT non-polymer 'ACETATE ION' 'C2 H3 O2 -1'
SO4 non-polymer 'SULFATE ION' 'O4 S -2'
#
# COMPACT_ATOMS: atom_id res chain seq x y z
N LEU A 14 -12.70 -43.46 -14.63
CA LEU A 14 -13.79 -43.38 -15.62
C LEU A 14 -13.79 -44.63 -16.49
N VAL A 15 -14.95 -44.96 -17.04
CA VAL A 15 -15.10 -46.05 -18.04
C VAL A 15 -14.89 -45.46 -19.43
N PRO A 16 -13.86 -45.94 -20.18
CA PRO A 16 -13.53 -45.37 -21.48
C PRO A 16 -14.60 -45.64 -22.53
N ARG A 17 -14.57 -44.83 -23.58
CA ARG A 17 -15.46 -44.90 -24.76
C ARG A 17 -14.62 -45.46 -25.91
N GLY A 18 -13.31 -45.20 -25.92
CA GLY A 18 -12.43 -45.49 -27.06
C GLY A 18 -12.42 -44.34 -28.03
N SER A 19 -11.41 -44.29 -28.88
CA SER A 19 -10.98 -43.07 -29.59
C SER A 19 -11.66 -42.97 -30.97
N HIS A 20 -12.41 -43.99 -31.42
CA HIS A 20 -12.77 -44.04 -32.86
C HIS A 20 -13.83 -42.99 -33.22
N MET A 21 -14.90 -42.84 -32.42
CA MET A 21 -15.97 -41.85 -32.68
C MET A 21 -15.36 -40.44 -32.82
N GLY A 22 -14.37 -40.09 -31.98
CA GLY A 22 -13.86 -38.71 -31.88
C GLY A 22 -14.89 -37.84 -31.17
N PHE A 23 -15.14 -36.62 -31.62
CA PHE A 23 -16.26 -35.81 -31.10
C PHE A 23 -17.58 -36.44 -31.54
N PRO A 24 -18.61 -36.44 -30.69
CA PRO A 24 -19.93 -36.95 -31.08
C PRO A 24 -20.54 -36.16 -32.25
N LYS A 25 -21.43 -36.82 -32.99
CA LYS A 25 -22.01 -36.25 -34.23
C LYS A 25 -22.79 -34.96 -33.92
N ASP A 26 -23.44 -34.88 -32.77
CA ASP A 26 -24.33 -33.75 -32.40
C ASP A 26 -23.57 -32.76 -31.48
N PHE A 27 -22.25 -32.81 -31.48
CA PHE A 27 -21.39 -31.97 -30.58
C PHE A 27 -21.68 -30.50 -30.84
N LEU A 28 -21.92 -29.73 -29.78
CA LEU A 28 -22.22 -28.28 -29.88
C LEU A 28 -20.90 -27.51 -30.00
N TRP A 29 -20.48 -27.22 -31.23
CA TRP A 29 -19.34 -26.33 -31.52
C TRP A 29 -19.83 -24.88 -31.44
N GLY A 30 -19.34 -24.14 -30.46
CA GLY A 30 -19.90 -22.82 -30.17
C GLY A 30 -18.84 -21.76 -29.99
N THR A 31 -19.33 -20.55 -29.82
CA THR A 31 -18.54 -19.40 -29.35
C THR A 31 -19.38 -18.68 -28.30
N ALA A 32 -18.73 -17.91 -27.43
CA ALA A 32 -19.40 -17.32 -26.25
C ALA A 32 -19.05 -15.85 -26.10
N THR A 33 -20.01 -15.11 -25.57
CA THR A 33 -19.89 -13.70 -25.17
C THR A 33 -20.66 -13.49 -23.88
N ALA A 34 -20.61 -12.28 -23.36
CA ALA A 34 -21.44 -11.82 -22.22
C ALA A 34 -21.93 -10.41 -22.52
N SER A 35 -23.10 -10.09 -22.00
CA SER A 35 -23.85 -8.85 -22.29
C SER A 35 -22.96 -7.62 -22.08
N TYR A 36 -22.42 -7.44 -20.86
CA TYR A 36 -21.69 -6.19 -20.55
C TYR A 36 -20.41 -6.10 -21.39
N GLN A 37 -19.83 -7.24 -21.75
CA GLN A 37 -18.53 -7.23 -22.46
C GLN A 37 -18.69 -6.76 -23.90
N ILE A 38 -19.86 -6.92 -24.54
CA ILE A 38 -19.98 -6.63 -26.00
C ILE A 38 -21.09 -5.60 -26.32
N GLU A 39 -22.13 -5.47 -25.53
CA GLU A 39 -23.40 -4.84 -26.02
C GLU A 39 -23.27 -3.35 -26.21
N GLY A 40 -22.67 -2.65 -25.25
CA GLY A 40 -22.80 -1.18 -25.18
C GLY A 40 -24.25 -0.81 -25.00
N ALA A 41 -24.67 0.33 -25.57
CA ALA A 41 -26.03 0.87 -25.32
C ALA A 41 -26.37 0.78 -23.82
N ALA A 42 -25.43 1.19 -22.96
CA ALA A 42 -25.54 0.98 -21.50
C ALA A 42 -26.64 1.84 -20.89
N PHE A 43 -26.96 2.98 -21.50
CA PHE A 43 -27.89 4.00 -20.94
C PHE A 43 -28.97 4.34 -21.96
N GLU A 44 -29.33 3.38 -22.82
CA GLU A 44 -30.28 3.57 -23.95
C GLU A 44 -31.53 2.71 -23.74
N ASP A 45 -32.63 3.12 -24.38
CA ASP A 45 -33.83 2.27 -24.57
C ASP A 45 -34.38 1.78 -23.22
N GLY A 46 -34.29 2.62 -22.18
CA GLY A 46 -34.89 2.35 -20.86
C GLY A 46 -34.11 1.31 -20.06
N LYS A 47 -32.93 0.91 -20.53
CA LYS A 47 -32.11 -0.08 -19.75
C LYS A 47 -31.78 0.54 -18.39
N GLY A 48 -31.89 -0.24 -17.32
CA GLY A 48 -31.50 0.18 -15.96
C GLY A 48 -29.99 0.08 -15.77
N LEU A 49 -29.46 0.82 -14.82
CA LEU A 49 -28.03 0.66 -14.48
C LEU A 49 -27.79 -0.76 -13.95
N ASN A 50 -26.57 -1.25 -14.18
CA ASN A 50 -26.08 -2.46 -13.47
C ASN A 50 -24.81 -2.09 -12.70
N ILE A 51 -24.32 -3.02 -11.90
CA ILE A 51 -23.18 -2.72 -10.99
C ILE A 51 -21.91 -2.42 -11.80
N TRP A 52 -21.77 -2.96 -13.00
CA TRP A 52 -20.57 -2.69 -13.83
C TRP A 52 -20.62 -1.29 -14.45
N ASP A 53 -21.81 -0.78 -14.78
CA ASP A 53 -21.95 0.63 -15.22
C ASP A 53 -21.38 1.53 -14.13
N VAL A 54 -21.73 1.28 -12.87
CA VAL A 54 -21.33 2.17 -11.76
C VAL A 54 -19.85 1.90 -11.42
N PHE A 55 -19.45 0.65 -11.29
CA PHE A 55 -18.06 0.29 -10.91
C PHE A 55 -17.07 0.83 -11.95
N SER A 56 -17.34 0.64 -13.23
CA SER A 56 -16.39 0.95 -14.33
C SER A 56 -16.19 2.47 -14.41
N HIS A 57 -17.13 3.26 -13.88
CA HIS A 57 -17.05 4.75 -13.89
C HIS A 57 -16.35 5.29 -12.64
N GLN A 58 -15.98 4.43 -11.70
CA GLN A 58 -15.23 4.82 -10.49
C GLN A 58 -13.75 4.91 -10.85
N GLU A 59 -13.13 6.07 -10.56
CA GLU A 59 -11.71 6.32 -10.89
C GLU A 59 -10.85 5.14 -10.42
N GLY A 60 -10.04 4.58 -11.31
CA GLY A 60 -8.98 3.62 -10.95
C GLY A 60 -9.45 2.18 -10.85
N LYS A 61 -10.74 1.88 -11.07
CA LYS A 61 -11.23 0.48 -10.94
C LYS A 61 -10.87 -0.35 -12.17
N ILE A 62 -10.80 0.27 -13.34
CA ILE A 62 -10.54 -0.42 -14.63
C ILE A 62 -9.24 0.12 -15.21
N PHE A 63 -8.50 -0.76 -15.89
CA PHE A 63 -7.37 -0.37 -16.74
C PHE A 63 -7.75 0.87 -17.57
N GLU A 64 -6.97 1.95 -17.41
CA GLU A 64 -7.09 3.22 -18.18
C GLU A 64 -8.53 3.76 -18.11
N ASN A 65 -9.26 3.47 -17.04
CA ASN A 65 -10.67 3.90 -16.84
C ASN A 65 -11.52 3.52 -18.06
N HIS A 66 -11.23 2.39 -18.69
CA HIS A 66 -12.12 1.82 -19.71
C HIS A 66 -13.47 1.49 -19.09
N ASN A 67 -14.51 1.45 -19.90
CA ASN A 67 -15.83 1.03 -19.42
C ASN A 67 -16.60 0.37 -20.57
N GLY A 68 -17.72 -0.24 -20.24
CA GLY A 68 -18.60 -0.93 -21.20
C GLY A 68 -19.68 -0.04 -21.76
N ASP A 69 -19.52 1.29 -21.73
CA ASP A 69 -20.63 2.16 -22.22
C ASP A 69 -20.99 1.80 -23.65
N VAL A 70 -19.98 1.55 -24.48
CA VAL A 70 -20.15 1.24 -25.92
C VAL A 70 -19.65 -0.17 -26.21
N ALA A 71 -18.52 -0.58 -25.63
CA ALA A 71 -17.96 -1.94 -25.85
C ALA A 71 -17.86 -2.21 -27.36
N CYS A 72 -18.40 -3.33 -27.85
CA CYS A 72 -18.38 -3.69 -29.29
C CYS A 72 -19.62 -3.15 -29.99
N ASP A 73 -20.45 -2.37 -29.29
CA ASP A 73 -21.69 -1.79 -29.85
C ASP A 73 -22.52 -2.90 -30.49
N HIS A 74 -22.50 -4.09 -29.91
CA HIS A 74 -23.22 -5.27 -30.45
C HIS A 74 -24.73 -5.03 -30.41
N TYR A 75 -25.22 -4.22 -29.47
CA TYR A 75 -26.65 -3.84 -29.39
C TYR A 75 -27.10 -3.26 -30.73
N ASN A 76 -26.24 -2.50 -31.39
CA ASN A 76 -26.54 -1.83 -32.69
C ASN A 76 -26.00 -2.61 -33.89
N ARG A 77 -25.12 -3.59 -33.68
CA ARG A 77 -24.39 -4.24 -34.80
C ARG A 77 -24.68 -5.75 -34.80
N LEU A 78 -25.80 -6.14 -34.21
CA LEU A 78 -26.30 -7.54 -34.07
C LEU A 78 -26.20 -8.29 -35.42
N GLU A 79 -26.71 -7.70 -36.49
CA GLU A 79 -26.82 -8.39 -37.81
C GLU A 79 -25.43 -8.76 -38.31
N GLU A 80 -24.47 -7.84 -38.19
CA GLU A 80 -23.08 -8.10 -38.63
C GLU A 80 -22.52 -9.28 -37.85
N ASP A 81 -22.75 -9.32 -36.53
CA ASP A 81 -22.16 -10.37 -35.66
C ASP A 81 -22.84 -11.71 -35.93
N LEU A 82 -24.15 -11.71 -36.16
CA LEU A 82 -24.88 -12.93 -36.56
C LEU A 82 -24.31 -13.47 -37.88
N ASP A 83 -24.00 -12.58 -38.82
CA ASP A 83 -23.43 -12.98 -40.14
C ASP A 83 -22.06 -13.63 -39.93
N ILE A 84 -21.26 -13.13 -38.97
CA ILE A 84 -19.93 -13.75 -38.68
C ILE A 84 -20.17 -15.16 -38.15
N LEU A 85 -21.12 -15.33 -37.21
CA LEU A 85 -21.44 -16.66 -36.64
C LEU A 85 -21.80 -17.63 -37.79
N SER A 86 -22.62 -17.16 -38.73
CA SER A 86 -23.05 -17.99 -39.88
C SER A 86 -21.85 -18.29 -40.78
N LYS A 87 -21.04 -17.28 -41.10
CA LYS A 87 -19.86 -17.44 -42.00
C LYS A 87 -18.93 -18.52 -41.45
N LEU A 88 -18.73 -18.56 -40.14
CA LEU A 88 -17.78 -19.48 -39.50
C LEU A 88 -18.43 -20.84 -39.24
N GLY A 89 -19.74 -20.97 -39.46
CA GLY A 89 -20.45 -22.26 -39.35
C GLY A 89 -20.58 -22.72 -37.91
N VAL A 90 -20.56 -21.78 -36.97
CA VAL A 90 -20.75 -22.10 -35.53
C VAL A 90 -22.12 -22.75 -35.34
N LYS A 91 -22.20 -23.84 -34.58
CA LYS A 91 -23.45 -24.61 -34.35
C LYS A 91 -24.26 -23.99 -33.22
N SER A 92 -23.60 -23.32 -32.26
CA SER A 92 -24.27 -22.79 -31.05
C SER A 92 -23.59 -21.48 -30.65
N TYR A 93 -24.38 -20.55 -30.14
CA TYR A 93 -23.91 -19.23 -29.68
C TYR A 93 -24.33 -19.09 -28.21
N ARG A 94 -23.34 -19.01 -27.33
CA ARG A 94 -23.55 -18.74 -25.90
C ARG A 94 -23.43 -17.24 -25.67
N PHE A 95 -24.48 -16.66 -25.11
CA PHE A 95 -24.58 -15.21 -24.83
C PHE A 95 -25.25 -15.09 -23.48
N SER A 96 -25.16 -13.91 -22.87
CA SER A 96 -25.93 -13.63 -21.64
C SER A 96 -26.96 -12.56 -21.93
N VAL A 97 -28.02 -12.58 -21.14
CA VAL A 97 -29.06 -11.54 -21.16
C VAL A 97 -28.71 -10.54 -20.07
N SER A 98 -28.78 -9.27 -20.42
CA SER A 98 -28.66 -8.15 -19.46
C SER A 98 -29.95 -8.11 -18.65
N TRP A 99 -29.90 -8.57 -17.41
CA TRP A 99 -31.00 -8.49 -16.44
C TRP A 99 -31.54 -7.05 -16.40
N SER A 100 -30.66 -6.06 -16.34
CA SER A 100 -31.05 -4.63 -16.21
C SER A 100 -31.67 -4.10 -17.51
N ARG A 101 -31.41 -4.74 -18.64
CA ARG A 101 -32.00 -4.32 -19.93
C ARG A 101 -33.46 -4.78 -19.98
N VAL A 102 -33.77 -5.96 -19.44
CA VAL A 102 -35.17 -6.51 -19.52
C VAL A 102 -35.98 -6.13 -18.28
N LEU A 103 -35.34 -5.93 -17.12
CA LEU A 103 -36.00 -5.51 -15.87
C LEU A 103 -35.16 -4.37 -15.29
N PRO A 104 -35.41 -3.12 -15.71
CA PRO A 104 -34.53 -2.01 -15.30
C PRO A 104 -34.34 -1.85 -13.80
N ALA A 105 -35.34 -2.19 -12.97
CA ALA A 105 -35.25 -2.16 -11.49
C ALA A 105 -34.90 -3.54 -10.93
N GLY A 106 -34.61 -4.51 -11.79
CA GLY A 106 -34.30 -5.88 -11.38
C GLY A 106 -35.54 -6.73 -11.15
N ILE A 107 -36.61 -6.12 -10.67
CA ILE A 107 -37.93 -6.76 -10.46
C ILE A 107 -39.01 -5.81 -10.99
N GLY A 108 -40.25 -6.30 -11.13
CA GLY A 108 -41.40 -5.47 -11.56
C GLY A 108 -41.46 -5.31 -13.06
N GLN A 109 -41.52 -4.05 -13.51
CA GLN A 109 -41.90 -3.68 -14.88
C GLN A 109 -40.86 -4.22 -15.87
N VAL A 110 -41.31 -5.01 -16.84
CA VAL A 110 -40.48 -5.48 -17.97
C VAL A 110 -40.28 -4.31 -18.94
N ASN A 111 -39.08 -4.20 -19.49
CA ASN A 111 -38.73 -3.22 -20.53
C ASN A 111 -38.84 -3.90 -21.89
N HIS A 112 -39.88 -3.58 -22.66
CA HIS A 112 -40.17 -4.32 -23.92
C HIS A 112 -39.11 -4.02 -24.98
N LYS A 113 -38.45 -2.84 -24.96
CA LYS A 113 -37.35 -2.57 -25.90
C LYS A 113 -36.18 -3.52 -25.61
N GLY A 114 -35.93 -3.79 -24.33
CA GLY A 114 -34.92 -4.78 -23.91
C GLY A 114 -35.26 -6.16 -24.43
N ILE A 115 -36.47 -6.61 -24.16
CA ILE A 115 -36.95 -7.94 -24.65
C ILE A 115 -36.79 -7.98 -26.18
N ALA A 116 -37.18 -6.91 -26.89
CA ALA A 116 -37.17 -6.87 -28.36
C ALA A 116 -35.76 -7.13 -28.90
N PHE A 117 -34.72 -6.60 -28.24
CA PHE A 117 -33.34 -6.83 -28.67
C PHE A 117 -33.04 -8.33 -28.66
N TYR A 118 -33.32 -9.01 -27.55
CA TYR A 118 -33.01 -10.45 -27.39
C TYR A 118 -33.90 -11.26 -28.32
N GLN A 119 -35.13 -10.81 -28.56
CA GLN A 119 -36.02 -11.51 -29.53
C GLN A 119 -35.40 -11.44 -30.93
N MET A 120 -34.87 -10.28 -31.32
CA MET A 120 -34.20 -10.11 -32.63
C MET A 120 -32.96 -11.01 -32.70
N LEU A 121 -32.15 -11.04 -31.63
CA LEU A 121 -30.97 -11.93 -31.58
C LEU A 121 -31.40 -13.39 -31.80
N ILE A 122 -32.36 -13.84 -31.01
CA ILE A 122 -32.79 -15.27 -31.00
C ILE A 122 -33.42 -15.61 -32.35
N SER A 123 -34.22 -14.71 -32.92
CA SER A 123 -34.81 -14.92 -34.28
C SER A 123 -33.68 -15.05 -35.28
N GLY A 124 -32.68 -14.17 -35.21
CA GLY A 124 -31.51 -14.19 -36.10
C GLY A 124 -30.75 -15.50 -36.00
N LEU A 125 -30.54 -16.01 -34.78
CA LEU A 125 -29.86 -17.31 -34.58
C LEU A 125 -30.68 -18.43 -35.23
N ARG A 126 -31.98 -18.45 -34.95
CA ARG A 126 -32.90 -19.51 -35.45
C ARG A 126 -32.90 -19.49 -36.99
N GLU A 127 -32.96 -18.31 -37.60
CA GLU A 127 -32.93 -18.16 -39.09
C GLU A 127 -31.67 -18.79 -39.66
N ARG A 128 -30.55 -18.74 -38.92
CA ARG A 128 -29.23 -19.20 -39.39
C ARG A 128 -28.96 -20.64 -38.92
N GLY A 129 -29.90 -21.26 -38.22
CA GLY A 129 -29.76 -22.66 -37.75
C GLY A 129 -28.74 -22.78 -36.63
N ILE A 130 -28.58 -21.71 -35.85
CA ILE A 130 -27.58 -21.65 -34.73
C ILE A 130 -28.35 -21.84 -33.42
N ILE A 131 -27.89 -22.76 -32.58
CA ILE A 131 -28.58 -23.12 -31.31
C ILE A 131 -28.22 -22.09 -30.25
N PRO A 132 -29.21 -21.33 -29.73
CA PRO A 132 -28.94 -20.39 -28.64
C PRO A 132 -28.59 -21.14 -27.33
N CYS A 133 -27.59 -20.63 -26.61
CA CYS A 133 -27.25 -21.09 -25.25
C CYS A 133 -27.23 -19.86 -24.35
N MET A 134 -28.26 -19.70 -23.52
CA MET A 134 -28.52 -18.40 -22.84
C MET A 134 -28.03 -18.47 -21.39
N THR A 135 -27.05 -17.64 -21.06
CA THR A 135 -26.61 -17.39 -19.67
C THR A 135 -27.53 -16.34 -19.06
N LEU A 136 -28.20 -16.65 -17.95
CA LEU A 136 -29.08 -15.66 -17.29
C LEU A 136 -28.21 -14.61 -16.57
N TYR A 137 -27.21 -15.07 -15.81
CA TYR A 137 -26.39 -14.17 -14.97
C TYR A 137 -24.90 -14.25 -15.32
N HIS A 138 -24.40 -13.21 -15.97
CA HIS A 138 -22.96 -13.06 -16.28
C HIS A 138 -22.47 -11.73 -15.68
N TRP A 139 -22.85 -11.50 -14.43
CA TRP A 139 -22.17 -10.62 -13.43
C TRP A 139 -22.80 -9.22 -13.40
N ASP A 140 -23.71 -8.91 -14.32
CA ASP A 140 -24.29 -7.55 -14.42
C ASP A 140 -25.54 -7.45 -13.53
N LEU A 141 -25.37 -7.55 -12.22
CA LEU A 141 -26.48 -7.37 -11.24
C LEU A 141 -27.10 -6.00 -11.46
N PRO A 142 -28.45 -5.91 -11.61
CA PRO A 142 -29.11 -4.62 -11.65
C PRO A 142 -28.75 -3.76 -10.43
N TYR A 143 -28.44 -2.51 -10.71
CA TYR A 143 -27.98 -1.56 -9.67
C TYR A 143 -29.08 -1.35 -8.63
N ALA A 144 -30.35 -1.34 -9.07
CA ALA A 144 -31.47 -1.16 -8.11
C ALA A 144 -31.43 -2.27 -7.06
N LEU A 145 -31.02 -3.49 -7.43
CA LEU A 145 -30.97 -4.61 -6.47
C LEU A 145 -29.71 -4.50 -5.59
N HIS A 146 -28.61 -4.01 -6.16
CA HIS A 146 -27.39 -3.70 -5.37
C HIS A 146 -27.74 -2.71 -4.24
N LEU A 147 -28.56 -1.70 -4.51
CA LEU A 147 -28.94 -0.70 -3.49
C LEU A 147 -29.75 -1.36 -2.37
N LYS A 148 -30.39 -2.50 -2.64
CA LYS A 148 -31.13 -3.30 -1.63
C LYS A 148 -30.24 -4.37 -1.02
N GLY A 149 -28.91 -4.25 -1.13
CA GLY A 149 -27.99 -5.20 -0.50
C GLY A 149 -27.50 -6.28 -1.46
N GLY A 150 -28.03 -6.35 -2.67
CA GLY A 150 -27.65 -7.38 -3.64
C GLY A 150 -27.76 -8.75 -3.02
N TRP A 151 -26.72 -9.56 -3.18
CA TRP A 151 -26.74 -10.98 -2.77
C TRP A 151 -26.68 -11.16 -1.25
N LEU A 152 -26.52 -10.07 -0.47
CA LEU A 152 -26.60 -10.16 1.00
C LEU A 152 -28.08 -10.24 1.43
N ASN A 153 -29.00 -9.78 0.58
CA ASN A 153 -30.43 -9.67 0.94
C ASN A 153 -31.07 -11.07 0.90
N ASP A 154 -31.79 -11.43 1.96
CA ASP A 154 -32.52 -12.72 2.08
C ASP A 154 -33.41 -12.95 0.84
N ASP A 155 -33.90 -11.87 0.21
CA ASP A 155 -34.88 -11.94 -0.91
C ASP A 155 -34.18 -12.04 -2.27
N SER A 156 -32.84 -11.99 -2.31
CA SER A 156 -32.11 -12.02 -3.60
C SER A 156 -32.47 -13.29 -4.38
N PRO A 157 -32.66 -14.48 -3.78
CA PRO A 157 -33.09 -15.64 -4.58
C PRO A 157 -34.44 -15.40 -5.26
N ASN A 158 -35.37 -14.71 -4.60
CA ASN A 158 -36.71 -14.40 -5.17
C ASN A 158 -36.58 -13.42 -6.33
N TRP A 159 -35.67 -12.44 -6.23
CA TRP A 159 -35.44 -11.49 -7.33
C TRP A 159 -35.00 -12.28 -8.57
N PHE A 160 -34.06 -13.19 -8.36
CA PHE A 160 -33.50 -13.99 -9.48
C PHE A 160 -34.60 -14.90 -10.05
N ALA A 161 -35.43 -15.49 -9.20
CA ALA A 161 -36.55 -16.36 -9.64
C ALA A 161 -37.48 -15.55 -10.54
N GLU A 162 -37.79 -14.31 -10.18
CA GLU A 162 -38.67 -13.41 -10.95
C GLU A 162 -38.05 -13.18 -12.34
N TYR A 163 -36.75 -12.90 -12.40
CA TYR A 163 -36.00 -12.72 -13.65
C TYR A 163 -36.07 -14.01 -14.50
N ALA A 164 -35.83 -15.17 -13.89
CA ALA A 164 -35.82 -16.46 -14.60
C ALA A 164 -37.22 -16.71 -15.21
N LYS A 165 -38.27 -16.32 -14.50
CA LYS A 165 -39.66 -16.49 -15.00
C LYS A 165 -39.88 -15.59 -16.22
N VAL A 166 -39.39 -14.35 -16.19
CA VAL A 166 -39.44 -13.44 -17.38
C VAL A 166 -38.69 -14.12 -18.52
N ILE A 167 -37.50 -14.66 -18.26
CA ILE A 167 -36.68 -15.32 -19.33
C ILE A 167 -37.53 -16.44 -19.96
N LYS A 168 -38.08 -17.33 -19.14
CA LYS A 168 -38.78 -18.53 -19.63
C LYS A 168 -40.04 -18.07 -20.38
N THR A 169 -40.74 -17.08 -19.84
CA THR A 169 -42.00 -16.54 -20.44
C THR A 169 -41.72 -16.02 -21.85
N TYR A 170 -40.70 -15.20 -22.03
CA TYR A 170 -40.46 -14.47 -23.31
C TYR A 170 -39.63 -15.30 -24.28
N PHE A 171 -38.76 -16.20 -23.81
CA PHE A 171 -37.76 -16.85 -24.68
C PHE A 171 -37.88 -18.38 -24.67
N GLY A 172 -38.78 -18.95 -23.86
CA GLY A 172 -38.90 -20.40 -23.67
C GLY A 172 -39.31 -21.15 -24.95
N LYS A 173 -39.99 -20.49 -25.89
CA LYS A 173 -40.43 -21.15 -27.15
C LYS A 173 -39.22 -21.42 -28.05
N GLU A 174 -38.20 -20.56 -28.07
CA GLU A 174 -37.12 -20.60 -29.09
C GLU A 174 -35.76 -20.92 -28.46
N VAL A 175 -35.65 -20.87 -27.13
CA VAL A 175 -34.36 -21.16 -26.43
C VAL A 175 -34.55 -22.40 -25.57
N SER A 176 -33.68 -23.40 -25.76
CA SER A 176 -33.76 -24.73 -25.12
C SER A 176 -32.49 -25.05 -24.31
N TYR A 177 -31.55 -24.11 -24.25
CA TYR A 177 -30.28 -24.28 -23.47
C TYR A 177 -30.12 -23.04 -22.59
N PHE A 178 -30.08 -23.24 -21.29
CA PHE A 178 -29.94 -22.17 -20.29
C PHE A 178 -28.80 -22.50 -19.34
N ILE A 179 -28.08 -21.46 -18.93
CA ILE A 179 -27.10 -21.52 -17.82
C ILE A 179 -27.51 -20.46 -16.81
N THR A 180 -27.78 -20.84 -15.57
CA THR A 180 -28.26 -19.90 -14.55
C THR A 180 -27.16 -18.89 -14.26
N PHE A 181 -26.02 -19.38 -13.80
CA PHE A 181 -24.88 -18.54 -13.32
C PHE A 181 -23.61 -18.89 -14.07
N ASN A 182 -22.87 -17.86 -14.42
CA ASN A 182 -21.49 -17.95 -14.95
C ASN A 182 -20.48 -17.65 -13.83
N GLU A 183 -19.64 -18.62 -13.47
CA GLU A 183 -18.42 -18.42 -12.64
C GLU A 183 -18.75 -17.67 -11.35
N PRO A 184 -19.55 -18.27 -10.43
CA PRO A 184 -19.76 -17.68 -9.11
C PRO A 184 -18.42 -17.51 -8.35
N GLN A 185 -17.43 -18.37 -8.61
CA GLN A 185 -16.08 -18.22 -8.04
C GLN A 185 -15.61 -16.77 -8.25
N VAL A 186 -15.80 -16.26 -9.46
CA VAL A 186 -15.24 -14.95 -9.86
C VAL A 186 -16.18 -13.85 -9.40
N PHE A 187 -17.48 -13.91 -9.71
CA PHE A 187 -18.32 -12.73 -9.36
C PHE A 187 -18.47 -12.61 -7.85
N VAL A 188 -18.42 -13.71 -7.11
CA VAL A 188 -18.47 -13.62 -5.63
C VAL A 188 -17.05 -13.37 -5.10
N GLY A 189 -16.06 -14.14 -5.52
CA GLY A 189 -14.69 -13.99 -5.01
C GLY A 189 -14.09 -12.64 -5.38
N CYS A 190 -14.11 -12.28 -6.66
CA CYS A 190 -13.53 -10.99 -7.11
C CYS A 190 -14.47 -9.83 -6.75
N GLY A 191 -15.78 -10.04 -6.79
CA GLY A 191 -16.74 -8.96 -6.53
C GLY A 191 -16.82 -8.59 -5.06
N TYR A 192 -16.67 -9.55 -4.15
CA TYR A 192 -16.98 -9.35 -2.71
C TYR A 192 -15.85 -9.78 -1.79
N LEU A 193 -14.85 -10.55 -2.23
CA LEU A 193 -13.73 -10.92 -1.33
C LEU A 193 -12.48 -10.11 -1.68
N SER A 194 -12.01 -10.16 -2.92
CA SER A 194 -10.77 -9.43 -3.32
C SER A 194 -11.11 -7.97 -3.66
N GLY A 195 -12.32 -7.72 -4.17
CA GLY A 195 -12.82 -6.39 -4.49
C GLY A 195 -12.32 -5.84 -5.82
N ASN A 196 -11.73 -6.66 -6.69
CA ASN A 196 -11.21 -6.15 -7.98
C ASN A 196 -12.31 -6.13 -9.05
N HIS A 197 -13.43 -6.79 -8.84
CA HIS A 197 -14.61 -6.75 -9.74
C HIS A 197 -15.78 -6.08 -9.02
N ALA A 198 -16.77 -5.65 -9.80
CA ALA A 198 -17.98 -5.01 -9.26
C ALA A 198 -18.66 -5.97 -8.28
N PRO A 199 -19.20 -5.50 -7.14
CA PRO A 199 -19.21 -4.08 -6.76
C PRO A 199 -17.96 -3.58 -6.03
N GLY A 200 -16.96 -4.43 -5.86
CA GLY A 200 -15.62 -4.00 -5.40
C GLY A 200 -15.46 -4.08 -3.90
N TYR A 201 -16.08 -5.06 -3.24
CA TYR A 201 -16.06 -5.18 -1.76
C TYR A 201 -15.03 -6.23 -1.31
N GLN A 202 -14.65 -6.09 -0.02
CA GLN A 202 -13.76 -7.04 0.68
C GLN A 202 -14.46 -7.43 1.99
N LEU A 203 -15.33 -8.41 1.89
CA LEU A 203 -16.25 -8.79 2.97
C LEU A 203 -15.70 -9.92 3.81
N PRO A 204 -16.18 -10.04 5.06
CA PRO A 204 -15.79 -11.14 5.91
C PRO A 204 -16.30 -12.49 5.38
N LYS A 205 -15.64 -13.55 5.81
CA LYS A 205 -15.95 -14.95 5.43
C LYS A 205 -17.45 -15.22 5.54
N ALA A 206 -18.08 -14.87 6.66
CA ALA A 206 -19.51 -15.20 6.91
C ALA A 206 -20.37 -14.58 5.79
N GLU A 207 -20.04 -13.36 5.36
CA GLU A 207 -20.81 -12.65 4.32
C GLU A 207 -20.58 -13.32 2.96
N ILE A 208 -19.36 -13.79 2.69
CA ILE A 208 -19.07 -14.55 1.46
C ILE A 208 -19.93 -15.83 1.47
N VAL A 209 -20.03 -16.52 2.60
CA VAL A 209 -20.89 -17.74 2.67
C VAL A 209 -22.36 -17.35 2.50
N ARG A 210 -22.79 -16.25 3.11
CA ARG A 210 -24.19 -15.77 2.95
C ARG A 210 -24.48 -15.51 1.47
N ILE A 211 -23.58 -14.81 0.80
CA ILE A 211 -23.75 -14.48 -0.64
C ILE A 211 -23.81 -15.77 -1.45
N ALA A 212 -22.87 -16.68 -1.20
CA ALA A 212 -22.79 -17.96 -1.93
C ALA A 212 -24.13 -18.69 -1.77
N HIS A 213 -24.63 -18.73 -0.53
CA HIS A 213 -25.86 -19.49 -0.22
C HIS A 213 -27.04 -18.85 -0.95
N ASN A 214 -27.10 -17.52 -1.00
CA ASN A 214 -28.19 -16.84 -1.73
C ASN A 214 -28.07 -17.07 -3.23
N VAL A 215 -26.85 -17.07 -3.78
CA VAL A 215 -26.65 -17.38 -5.22
C VAL A 215 -27.12 -18.81 -5.50
N LEU A 216 -26.77 -19.75 -4.63
CA LEU A 216 -27.12 -21.17 -4.83
C LEU A 216 -28.64 -21.38 -4.71
N LYS A 217 -29.30 -20.74 -3.75
CA LYS A 217 -30.78 -20.81 -3.63
C LYS A 217 -31.40 -20.15 -4.86
N ALA A 218 -30.85 -19.03 -5.33
CA ALA A 218 -31.30 -18.34 -6.55
C ALA A 218 -31.26 -19.31 -7.71
N HIS A 219 -30.14 -20.04 -7.84
CA HIS A 219 -29.97 -21.07 -8.88
C HIS A 219 -31.14 -22.07 -8.80
N GLY A 220 -31.40 -22.62 -7.62
CA GLY A 220 -32.48 -23.62 -7.42
C GLY A 220 -33.82 -23.07 -7.85
N LEU A 221 -34.19 -21.87 -7.40
CA LEU A 221 -35.48 -21.25 -7.79
C LEU A 221 -35.53 -20.99 -9.30
N ALA A 222 -34.41 -20.61 -9.91
CA ALA A 222 -34.36 -20.33 -11.35
C ALA A 222 -34.55 -21.64 -12.12
N VAL A 223 -33.95 -22.72 -11.66
CA VAL A 223 -34.15 -24.03 -12.33
C VAL A 223 -35.65 -24.35 -12.31
N LYS A 224 -36.32 -24.18 -11.17
CA LYS A 224 -37.78 -24.45 -11.07
C LYS A 224 -38.55 -23.59 -12.09
N GLU A 225 -38.19 -22.32 -12.23
CA GLU A 225 -38.88 -21.42 -13.19
C GLU A 225 -38.60 -21.90 -14.62
N LEU A 226 -37.37 -22.32 -14.92
CA LEU A 226 -36.99 -22.67 -16.30
C LEU A 226 -37.61 -24.02 -16.68
N ARG A 227 -38.02 -24.84 -15.71
CA ARG A 227 -38.69 -26.15 -15.99
C ARG A 227 -40.16 -25.93 -16.36
N LYS A 228 -40.74 -24.78 -16.04
CA LYS A 228 -42.18 -24.52 -16.30
C LYS A 228 -42.39 -24.23 -17.79
N GLY A 229 -43.13 -25.10 -18.49
CA GLY A 229 -43.38 -24.95 -19.93
C GLY A 229 -42.48 -25.84 -20.75
N GLU A 230 -41.81 -25.28 -21.75
CA GLU A 230 -41.11 -26.05 -22.81
C GLU A 230 -39.97 -26.85 -22.17
N PRO A 231 -39.67 -28.05 -22.70
CA PRO A 231 -38.51 -28.80 -22.26
C PRO A 231 -37.24 -28.02 -22.60
N CYS A 232 -36.23 -28.13 -21.73
CA CYS A 232 -34.94 -27.47 -21.97
C CYS A 232 -33.83 -28.18 -21.22
N LYS A 233 -32.59 -27.85 -21.58
CA LYS A 233 -31.37 -28.33 -20.88
C LYS A 233 -30.84 -27.14 -20.09
N ILE A 234 -30.61 -27.37 -18.80
CA ILE A 234 -30.18 -26.30 -17.85
C ILE A 234 -28.81 -26.68 -17.31
N GLY A 235 -27.90 -25.72 -17.28
CA GLY A 235 -26.56 -25.90 -16.69
C GLY A 235 -26.21 -24.82 -15.68
N PHE A 236 -25.04 -25.00 -15.07
CA PHE A 236 -24.42 -24.10 -14.08
C PHE A 236 -22.93 -24.09 -14.42
N THR A 237 -22.33 -22.92 -14.61
CA THR A 237 -20.94 -22.83 -15.13
C THR A 237 -19.98 -22.43 -14.01
N GLY A 238 -18.96 -23.23 -13.79
CA GLY A 238 -17.87 -22.92 -12.84
C GLY A 238 -16.65 -22.41 -13.56
N ALA A 239 -15.92 -21.50 -12.93
CA ALA A 239 -14.52 -21.19 -13.27
C ALA A 239 -13.67 -22.30 -12.66
N SER A 240 -12.84 -22.96 -13.46
CA SER A 240 -12.06 -24.11 -12.98
C SER A 240 -10.60 -23.98 -13.43
N CYS A 241 -9.68 -24.25 -12.50
CA CYS A 241 -8.22 -24.28 -12.71
C CYS A 241 -7.75 -25.67 -12.33
N PRO A 242 -7.89 -26.65 -13.25
CA PRO A 242 -7.66 -28.06 -12.91
C PRO A 242 -6.26 -28.35 -12.36
N CYS A 243 -6.17 -29.29 -11.44
CA CYS A 243 -4.88 -29.85 -10.94
C CYS A 243 -4.42 -30.93 -11.90
N ILE A 244 -3.24 -30.75 -12.47
CA ILE A 244 -2.66 -31.68 -13.48
C ILE A 244 -1.68 -32.58 -12.72
N PRO A 245 -1.94 -33.90 -12.67
CA PRO A 245 -1.09 -34.80 -11.91
C PRO A 245 0.35 -34.86 -12.44
N ALA A 246 1.27 -35.22 -11.55
CA ALA A 246 2.72 -35.30 -11.80
C ALA A 246 3.02 -36.40 -12.82
N SER A 247 2.18 -37.44 -12.88
CA SER A 247 2.34 -38.59 -13.80
C SER A 247 1.01 -39.30 -13.94
N ASP A 248 0.98 -40.38 -14.74
CA ASP A 248 -0.21 -41.25 -14.91
C ASP A 248 -0.26 -42.32 -13.82
N ARG A 249 0.63 -42.29 -12.85
CA ARG A 249 0.54 -43.21 -11.68
C ARG A 249 -0.78 -42.95 -10.94
N LYS A 250 -1.48 -44.03 -10.59
CA LYS A 250 -2.79 -43.99 -9.90
C LYS A 250 -2.71 -43.04 -8.68
N GLU A 251 -1.65 -43.13 -7.89
CA GLU A 251 -1.51 -42.34 -6.63
C GLU A 251 -1.31 -40.85 -6.96
N ASP A 252 -0.57 -40.52 -8.01
CA ASP A 252 -0.35 -39.11 -8.42
C ASP A 252 -1.69 -38.52 -8.92
N ILE A 253 -2.44 -39.31 -9.66
CA ILE A 253 -3.78 -38.90 -10.17
C ILE A 253 -4.70 -38.65 -8.96
N GLU A 254 -4.76 -39.57 -8.00
CA GLU A 254 -5.59 -39.43 -6.78
C GLU A 254 -5.22 -38.14 -6.03
N ALA A 255 -3.93 -37.85 -5.87
CA ALA A 255 -3.46 -36.64 -5.16
C ALA A 255 -3.98 -35.38 -5.89
N ALA A 256 -3.94 -35.38 -7.21
CA ALA A 256 -4.41 -34.23 -8.03
C ALA A 256 -5.91 -34.09 -7.85
N TYR A 257 -6.65 -35.20 -7.92
CA TYR A 257 -8.12 -35.19 -7.75
C TYR A 257 -8.44 -34.60 -6.38
N ASN A 258 -7.75 -35.06 -5.33
CA ASN A 258 -8.03 -34.61 -3.94
C ASN A 258 -7.77 -33.11 -3.82
N GLN A 259 -6.66 -32.61 -4.39
CA GLN A 259 -6.34 -31.16 -4.33
C GLN A 259 -7.42 -30.38 -5.08
N TYR A 260 -7.79 -30.84 -6.26
CA TYR A 260 -8.78 -30.17 -7.14
C TYR A 260 -10.10 -29.95 -6.40
N PHE A 261 -10.53 -30.94 -5.61
CA PHE A 261 -11.85 -30.89 -4.93
C PHE A 261 -11.70 -30.52 -3.45
N SER A 262 -10.53 -30.03 -3.04
CA SER A 262 -10.32 -29.57 -1.65
C SER A 262 -10.89 -28.17 -1.48
N SER A 263 -11.26 -27.85 -0.25
CA SER A 263 -11.62 -26.48 0.17
C SER A 263 -11.50 -26.42 1.68
N ASN A 264 -11.39 -25.22 2.24
CA ASN A 264 -11.40 -25.04 3.71
C ASN A 264 -11.87 -23.62 3.99
N SER A 265 -12.12 -23.29 5.26
CA SER A 265 -12.73 -22.00 5.65
C SER A 265 -11.83 -20.82 5.23
N ASN A 266 -10.53 -21.02 5.06
CA ASN A 266 -9.58 -19.95 4.67
C ASN A 266 -9.41 -19.87 3.15
N GLU A 267 -9.85 -20.87 2.39
CA GLU A 267 -9.67 -20.88 0.92
C GLU A 267 -10.76 -21.74 0.30
N PHE A 268 -11.88 -21.12 -0.08
CA PHE A 268 -13.03 -21.87 -0.63
C PHE A 268 -13.67 -21.16 -1.82
N VAL A 269 -13.70 -19.83 -1.87
CA VAL A 269 -14.64 -19.15 -2.81
C VAL A 269 -14.25 -19.43 -4.27
N PHE A 270 -12.97 -19.65 -4.55
CA PHE A 270 -12.47 -19.87 -5.93
C PHE A 270 -12.40 -21.36 -6.25
N THR A 271 -12.90 -22.24 -5.38
CA THR A 271 -12.74 -23.70 -5.56
C THR A 271 -13.92 -24.24 -6.37
N ASP A 272 -13.76 -25.49 -6.81
CA ASP A 272 -14.82 -26.20 -7.57
C ASP A 272 -15.84 -26.79 -6.59
N ALA A 273 -15.39 -27.51 -5.57
CA ALA A 273 -16.29 -28.33 -4.72
C ALA A 273 -17.20 -27.42 -3.90
N PHE A 274 -16.76 -26.24 -3.50
CA PHE A 274 -17.60 -25.35 -2.66
C PHE A 274 -18.90 -25.02 -3.39
N TRP A 275 -18.84 -24.87 -4.72
CA TRP A 275 -20.02 -24.48 -5.54
C TRP A 275 -20.72 -25.71 -6.09
N PHE A 276 -19.97 -26.68 -6.62
CA PHE A 276 -20.57 -27.83 -7.34
C PHE A 276 -21.12 -28.87 -6.36
N ASP A 277 -20.52 -29.05 -5.18
CA ASP A 277 -21.10 -30.05 -4.23
C ASP A 277 -22.51 -29.62 -3.84
N PRO A 278 -22.78 -28.36 -3.47
CA PRO A 278 -24.18 -27.96 -3.26
C PRO A 278 -25.10 -28.20 -4.47
N VAL A 279 -24.68 -27.76 -5.65
CA VAL A 279 -25.54 -27.82 -6.87
C VAL A 279 -25.84 -29.29 -7.21
N LEU A 280 -24.83 -30.14 -7.18
CA LEU A 280 -24.93 -31.50 -7.77
C LEU A 280 -25.15 -32.56 -6.69
N LYS A 281 -24.62 -32.37 -5.48
CA LYS A 281 -24.70 -33.40 -4.42
C LYS A 281 -25.64 -32.92 -3.29
N GLY A 282 -26.10 -31.68 -3.29
CA GLY A 282 -26.96 -31.14 -2.23
C GLY A 282 -26.28 -31.10 -0.88
N ARG A 283 -24.96 -30.93 -0.85
CA ARG A 283 -24.24 -30.69 0.42
C ARG A 283 -23.09 -29.72 0.16
N TYR A 284 -22.79 -28.91 1.17
CA TYR A 284 -21.53 -28.12 1.21
C TYR A 284 -20.40 -29.04 1.64
N PRO A 285 -19.14 -28.65 1.36
CA PRO A 285 -18.00 -29.28 2.02
C PRO A 285 -18.25 -29.37 3.54
N LYS A 286 -17.71 -30.42 4.17
CA LYS A 286 -17.97 -30.73 5.59
C LYS A 286 -17.63 -29.53 6.48
N TRP A 287 -16.57 -28.78 6.17
CA TRP A 287 -16.06 -27.71 7.07
C TRP A 287 -17.15 -26.65 7.29
N VAL A 288 -18.07 -26.46 6.32
CA VAL A 288 -19.10 -25.39 6.42
C VAL A 288 -19.99 -25.67 7.64
N THR A 289 -20.27 -26.95 7.95
CA THR A 289 -21.09 -27.41 9.11
C THR A 289 -20.54 -26.83 10.43
N TYR A 290 -19.22 -26.65 10.56
CA TYR A 290 -18.57 -26.33 11.85
C TYR A 290 -18.31 -24.84 12.03
N ILE A 291 -18.55 -24.00 11.03
CA ILE A 291 -18.17 -22.55 11.13
C ILE A 291 -19.22 -21.81 11.99
N ASN A 292 -18.78 -21.10 13.02
CA ASN A 292 -19.67 -20.32 13.94
C ASN A 292 -19.41 -18.81 13.82
N ASN A 293 -18.67 -18.35 12.81
CA ASN A 293 -18.32 -16.91 12.63
C ASN A 293 -19.56 -16.02 12.84
N VAL A 294 -19.34 -14.84 13.39
CA VAL A 294 -20.44 -13.85 13.65
C VAL A 294 -21.21 -13.67 12.34
N SER A 295 -22.54 -13.86 12.36
CA SER A 295 -23.45 -13.50 11.24
C SER A 295 -23.50 -14.61 10.17
N MET A 296 -22.99 -15.81 10.46
CA MET A 296 -23.09 -16.94 9.50
C MET A 296 -24.56 -17.10 9.12
N PRO A 297 -24.87 -17.33 7.83
CA PRO A 297 -26.24 -17.69 7.45
C PRO A 297 -26.60 -19.04 8.08
N ILE A 298 -27.90 -19.23 8.30
CA ILE A 298 -28.48 -20.54 8.74
C ILE A 298 -28.77 -21.35 7.49
N ILE A 299 -28.07 -22.47 7.34
CA ILE A 299 -28.18 -23.35 6.15
C ILE A 299 -29.04 -24.55 6.55
N THR A 300 -30.21 -24.70 5.92
CA THR A 300 -31.20 -25.76 6.29
C THR A 300 -31.21 -26.91 5.27
N LYS A 301 -31.74 -28.05 5.70
CA LYS A 301 -32.00 -29.21 4.82
C LYS A 301 -32.82 -28.76 3.62
N GLU A 302 -33.85 -27.95 3.86
CA GLU A 302 -34.78 -27.45 2.81
C GLU A 302 -33.99 -26.58 1.82
N ASP A 303 -33.09 -25.74 2.32
CA ASP A 303 -32.20 -24.92 1.43
C ASP A 303 -31.41 -25.85 0.49
N MET A 304 -30.83 -26.94 1.01
CA MET A 304 -29.95 -27.81 0.20
C MET A 304 -30.78 -28.57 -0.83
N GLU A 305 -32.03 -28.94 -0.49
CA GLU A 305 -32.95 -29.58 -1.46
C GLU A 305 -33.25 -28.58 -2.59
N LEU A 306 -33.51 -27.32 -2.25
CA LEU A 306 -33.78 -26.24 -3.24
C LEU A 306 -32.57 -26.10 -4.17
N ILE A 307 -31.37 -25.96 -3.59
CA ILE A 307 -30.13 -25.71 -4.38
C ILE A 307 -29.92 -26.83 -5.39
N SER A 308 -30.16 -28.09 -4.98
CA SER A 308 -29.77 -29.28 -5.78
C SER A 308 -30.91 -29.74 -6.70
N GLN A 309 -31.62 -28.81 -7.33
CA GLN A 309 -32.59 -29.16 -8.40
C GLN A 309 -31.86 -29.91 -9.51
N PRO A 310 -32.47 -30.95 -10.11
CA PRO A 310 -31.82 -31.66 -11.21
C PRO A 310 -31.48 -30.71 -12.35
N ILE A 311 -30.24 -30.80 -12.83
CA ILE A 311 -29.78 -30.05 -14.03
C ILE A 311 -29.17 -31.03 -15.02
N ASP A 312 -28.94 -30.55 -16.23
CA ASP A 312 -28.66 -31.43 -17.40
C ASP A 312 -27.18 -31.47 -17.71
N PHE A 313 -26.44 -30.38 -17.46
CA PHE A 313 -24.99 -30.37 -17.74
C PHE A 313 -24.28 -29.46 -16.74
N VAL A 314 -23.02 -29.77 -16.56
CA VAL A 314 -22.03 -28.97 -15.80
C VAL A 314 -21.24 -28.15 -16.82
N GLY A 315 -21.23 -26.84 -16.66
CA GLY A 315 -20.43 -25.94 -17.48
C GLY A 315 -19.08 -25.72 -16.82
N LEU A 316 -18.02 -25.89 -17.58
CA LEU A 316 -16.65 -25.57 -17.14
C LEU A 316 -16.08 -24.47 -18.03
N ASN A 317 -15.62 -23.38 -17.43
CA ASN A 317 -14.79 -22.39 -18.13
C ASN A 317 -13.37 -22.64 -17.67
N ILE A 318 -12.54 -23.18 -18.56
CA ILE A 318 -11.14 -23.55 -18.26
C ILE A 318 -10.23 -22.82 -19.23
N TYR A 319 -9.25 -22.09 -18.69
CA TYR A 319 -8.21 -21.39 -19.48
C TYR A 319 -6.87 -22.08 -19.26
N ASN A 320 -6.62 -22.50 -18.03
CA ASN A 320 -5.39 -23.23 -17.70
C ASN A 320 -5.61 -23.94 -16.37
N GLY A 321 -4.61 -24.72 -15.97
CA GLY A 321 -4.62 -25.43 -14.70
C GLY A 321 -3.32 -25.17 -13.98
N LYS A 322 -3.02 -26.02 -13.01
CA LYS A 322 -1.77 -25.92 -12.24
C LYS A 322 -1.23 -27.34 -12.12
N TYR A 323 0.09 -27.46 -12.25
CA TYR A 323 0.77 -28.75 -12.11
C TYR A 323 1.00 -28.98 -10.61
N VAL A 324 0.68 -30.19 -10.16
CA VAL A 324 0.86 -30.56 -8.73
C VAL A 324 1.87 -31.71 -8.65
N ASN A 325 2.56 -31.81 -7.53
CA ASN A 325 3.54 -32.88 -7.29
C ASN A 325 2.76 -34.14 -6.91
N GLU A 326 3.48 -35.23 -6.66
CA GLU A 326 2.93 -36.55 -6.30
C GLU A 326 2.02 -36.46 -5.07
N ASP A 327 2.22 -35.45 -4.19
CA ASP A 327 1.42 -35.27 -2.95
C ASP A 327 0.31 -34.22 -3.11
N GLY A 328 0.11 -33.63 -4.30
CA GLY A 328 -0.96 -32.66 -4.57
C GLY A 328 -0.54 -31.22 -4.25
N GLY A 329 0.72 -31.01 -3.85
CA GLY A 329 1.29 -29.67 -3.65
C GLY A 329 1.51 -28.97 -4.98
N ILE A 330 1.34 -27.66 -5.02
CA ILE A 330 1.39 -26.88 -6.30
C ILE A 330 2.86 -26.72 -6.68
N LEU A 331 3.25 -27.15 -7.87
CA LEU A 331 4.64 -26.95 -8.40
C LEU A 331 4.81 -25.51 -8.88
N GLN A 332 5.99 -24.94 -8.74
CA GLN A 332 6.30 -23.59 -9.29
C GLN A 332 6.24 -23.68 -10.83
N LYS A 333 5.75 -22.61 -11.47
CA LYS A 333 5.72 -22.49 -12.94
C LYS A 333 7.13 -22.72 -13.50
N LYS A 334 7.24 -23.45 -14.61
CA LYS A 334 8.48 -23.62 -15.39
C LYS A 334 9.00 -22.23 -15.81
N GLN A 335 10.31 -22.05 -15.78
CA GLN A 335 10.93 -20.79 -16.23
C GLN A 335 10.66 -20.60 -17.73
N GLY A 336 10.03 -19.49 -18.11
CA GLY A 336 9.71 -19.15 -19.51
C GLY A 336 8.56 -19.96 -20.06
N VAL A 337 7.71 -20.51 -19.17
CA VAL A 337 6.50 -21.28 -19.59
C VAL A 337 5.75 -20.47 -20.65
N PRO A 338 5.25 -21.13 -21.71
CA PRO A 338 4.34 -20.49 -22.66
C PRO A 338 3.19 -19.84 -21.89
N ARG A 339 2.86 -18.62 -22.29
CA ARG A 339 1.83 -17.84 -21.56
C ARG A 339 1.02 -17.03 -22.56
N THR A 340 0.05 -16.30 -22.03
CA THR A 340 -0.91 -15.51 -22.83
C THR A 340 -0.71 -14.03 -22.53
N ALA A 341 -1.39 -13.18 -23.29
CA ALA A 341 -1.25 -11.71 -23.16
C ALA A 341 -1.82 -11.21 -21.82
N ILE A 342 -2.65 -11.98 -21.12
CA ILE A 342 -3.21 -11.59 -19.80
C ILE A 342 -2.28 -12.08 -18.68
N GLY A 343 -1.28 -12.90 -19.03
CA GLY A 343 -0.23 -13.37 -18.11
C GLY A 343 -0.40 -14.83 -17.72
N TRP A 344 -1.53 -15.45 -18.05
CA TRP A 344 -1.82 -16.84 -17.61
C TRP A 344 -0.93 -17.80 -18.38
N PRO A 345 -0.55 -18.95 -17.77
CA PRO A 345 0.22 -19.96 -18.48
C PRO A 345 -0.68 -20.76 -19.43
N ILE A 346 -0.04 -21.39 -20.42
CA ILE A 346 -0.71 -22.33 -21.34
C ILE A 346 -0.40 -23.74 -20.80
N THR A 347 -1.46 -24.45 -20.40
CA THR A 347 -1.37 -25.80 -19.77
C THR A 347 -2.39 -26.69 -20.48
N GLN A 348 -2.03 -27.26 -21.62
CA GLN A 348 -2.98 -27.97 -22.50
C GLN A 348 -3.72 -29.07 -21.72
N GLU A 349 -3.06 -29.75 -20.79
CA GLU A 349 -3.65 -30.93 -20.08
C GLU A 349 -4.79 -30.50 -19.16
N ALA A 350 -4.99 -29.19 -18.92
CA ALA A 350 -6.14 -28.73 -18.12
C ALA A 350 -7.46 -29.17 -18.76
N LEU A 351 -7.54 -29.25 -20.09
CA LEU A 351 -8.82 -29.57 -20.77
C LEU A 351 -8.97 -31.08 -20.92
N TYR A 352 -8.01 -31.85 -20.41
CA TYR A 352 -8.19 -33.30 -20.14
C TYR A 352 -8.61 -33.50 -18.69
N TRP A 353 -7.78 -33.07 -17.72
CA TRP A 353 -7.98 -33.40 -16.29
C TRP A 353 -9.21 -32.71 -15.69
N GLY A 354 -9.46 -31.46 -16.04
CA GLY A 354 -10.65 -30.78 -15.49
C GLY A 354 -11.93 -31.55 -15.84
N PRO A 355 -12.19 -31.80 -17.13
CA PRO A 355 -13.36 -32.60 -17.53
C PRO A 355 -13.35 -34.01 -16.91
N ARG A 356 -12.19 -34.68 -16.90
CA ARG A 356 -12.11 -36.06 -16.36
C ARG A 356 -12.50 -36.06 -14.87
N PHE A 357 -11.85 -35.22 -14.06
CA PHE A 357 -12.12 -35.21 -12.61
C PHE A 357 -13.57 -34.78 -12.34
N THR A 358 -14.08 -33.81 -13.10
CA THR A 358 -15.46 -33.32 -12.91
C THR A 358 -16.43 -34.47 -13.24
N SER A 359 -16.13 -35.22 -14.30
CA SER A 359 -16.92 -36.40 -14.73
C SER A 359 -16.89 -37.47 -13.63
N GLU A 360 -15.71 -37.76 -13.09
CA GLU A 360 -15.54 -38.82 -12.05
C GLU A 360 -16.32 -38.43 -10.78
N ARG A 361 -16.32 -37.16 -10.39
CA ARG A 361 -16.97 -36.76 -9.12
C ARG A 361 -18.49 -36.76 -9.29
N TYR A 362 -19.01 -36.21 -10.37
CA TYR A 362 -20.45 -35.86 -10.48
C TYR A 362 -21.19 -36.75 -11.50
N HIS A 363 -20.50 -37.44 -12.41
CA HIS A 363 -21.13 -38.30 -13.45
C HIS A 363 -22.21 -37.53 -14.21
N LYS A 364 -21.91 -36.29 -14.62
CA LYS A 364 -22.86 -35.47 -15.41
C LYS A 364 -22.21 -35.13 -16.74
N PRO A 365 -23.01 -34.92 -17.79
CA PRO A 365 -22.48 -34.35 -19.02
C PRO A 365 -21.84 -32.98 -18.77
N ILE A 366 -20.77 -32.70 -19.48
CA ILE A 366 -19.96 -31.46 -19.35
C ILE A 366 -20.09 -30.69 -20.65
N MET A 367 -20.21 -29.37 -20.54
CA MET A 367 -20.00 -28.45 -21.67
C MET A 367 -18.83 -27.54 -21.26
N ILE A 368 -17.85 -27.43 -22.14
CA ILE A 368 -16.79 -26.40 -21.99
C ILE A 368 -17.43 -25.09 -22.44
N THR A 369 -17.93 -24.31 -21.49
CA THR A 369 -18.72 -23.10 -21.79
C THR A 369 -17.79 -21.92 -22.09
N GLY A 370 -16.47 -22.11 -21.95
CA GLY A 370 -15.52 -21.05 -22.25
C GLY A 370 -14.11 -21.59 -22.20
N ASN A 371 -13.39 -21.36 -23.28
CA ASN A 371 -11.96 -21.72 -23.41
C ASN A 371 -11.41 -20.81 -24.50
N GLY A 372 -10.27 -20.20 -24.24
CA GLY A 372 -9.66 -19.29 -25.22
C GLY A 372 -8.45 -18.64 -24.64
N MET A 373 -7.91 -17.68 -25.38
CA MET A 373 -6.59 -17.10 -25.08
C MET A 373 -6.62 -15.59 -25.38
N SER A 374 -6.09 -14.80 -24.46
CA SER A 374 -5.75 -13.38 -24.70
C SER A 374 -4.47 -13.33 -25.51
N CYS A 375 -4.45 -12.61 -26.63
CA CYS A 375 -3.27 -12.47 -27.49
C CYS A 375 -3.06 -11.00 -27.78
N HIS A 376 -1.81 -10.60 -27.96
CA HIS A 376 -1.48 -9.22 -28.37
C HIS A 376 -1.75 -9.08 -29.88
N ASP A 377 -3.00 -9.10 -30.26
CA ASP A 377 -3.41 -9.10 -31.68
C ASP A 377 -3.30 -7.68 -32.25
N CYS A 378 -3.00 -7.61 -33.54
CA CYS A 378 -2.82 -6.33 -34.26
C CYS A 378 -3.38 -6.54 -35.68
N ILE A 379 -3.71 -5.47 -36.38
CA ILE A 379 -3.91 -5.57 -37.85
C ILE A 379 -2.53 -5.41 -38.48
N SER A 380 -2.06 -6.45 -39.16
N SER A 380 -2.06 -6.45 -39.16
CA SER A 380 -0.73 -6.46 -39.82
CA SER A 380 -0.73 -6.46 -39.81
C SER A 380 -0.78 -5.57 -41.06
C SER A 380 -0.78 -5.58 -41.07
N LEU A 381 0.38 -5.33 -41.66
CA LEU A 381 0.47 -4.49 -42.89
C LEU A 381 -0.42 -5.05 -44.00
N ASP A 382 -0.66 -6.37 -44.03
CA ASP A 382 -1.52 -7.01 -45.06
C ASP A 382 -3.02 -6.82 -44.77
N GLY A 383 -3.38 -6.14 -43.67
CA GLY A 383 -4.78 -5.85 -43.30
C GLY A 383 -5.47 -7.00 -42.61
N LYS A 384 -4.75 -8.08 -42.33
CA LYS A 384 -5.31 -9.29 -41.70
C LYS A 384 -4.91 -9.33 -40.22
N VAL A 385 -5.55 -10.20 -39.46
CA VAL A 385 -5.19 -10.40 -38.03
C VAL A 385 -4.71 -11.84 -37.88
N HIS A 386 -3.39 -11.99 -37.72
CA HIS A 386 -2.70 -13.29 -37.65
C HIS A 386 -2.49 -13.65 -36.18
N ASP A 387 -3.07 -14.76 -35.73
CA ASP A 387 -3.05 -15.14 -34.31
C ASP A 387 -2.65 -16.61 -34.18
N GLU A 388 -1.49 -16.96 -34.72
CA GLU A 388 -1.00 -18.37 -34.70
C GLU A 388 -0.94 -18.87 -33.25
N ASN A 389 -0.63 -18.03 -32.26
CA ASN A 389 -0.53 -18.49 -30.85
C ASN A 389 -1.92 -18.96 -30.37
N ARG A 390 -2.99 -18.30 -30.79
CA ARG A 390 -4.36 -18.73 -30.42
C ARG A 390 -4.71 -20.04 -31.14
N ILE A 391 -4.32 -20.18 -32.40
CA ILE A 391 -4.54 -21.44 -33.16
C ILE A 391 -3.84 -22.59 -32.41
N ASP A 392 -2.57 -22.39 -32.06
CA ASP A 392 -1.81 -23.46 -31.35
C ASP A 392 -2.50 -23.79 -30.02
N TYR A 393 -2.90 -22.78 -29.26
CA TYR A 393 -3.60 -22.95 -27.97
C TYR A 393 -4.85 -23.81 -28.21
N MET A 394 -5.71 -23.41 -29.14
CA MET A 394 -6.99 -24.10 -29.40
C MET A 394 -6.70 -25.54 -29.85
N HIS A 395 -5.74 -25.72 -30.75
CA HIS A 395 -5.39 -27.06 -31.28
C HIS A 395 -4.94 -27.96 -30.13
N ARG A 396 -4.02 -27.46 -29.29
CA ARG A 396 -3.50 -28.25 -28.15
C ARG A 396 -4.63 -28.58 -27.16
N TYR A 397 -5.46 -27.62 -26.77
CA TYR A 397 -6.51 -27.83 -25.75
C TYR A 397 -7.58 -28.78 -26.32
N LEU A 398 -7.94 -28.63 -27.59
CA LEU A 398 -9.00 -29.49 -28.18
C LEU A 398 -8.50 -30.92 -28.31
N LEU A 399 -7.20 -31.12 -28.58
CA LEU A 399 -6.66 -32.51 -28.58
C LEU A 399 -6.85 -33.14 -27.20
N GLN A 400 -6.66 -32.36 -26.14
CA GLN A 400 -6.78 -32.88 -24.76
C GLN A 400 -8.25 -33.17 -24.46
N LEU A 401 -9.17 -32.30 -24.89
CA LEU A 401 -10.62 -32.53 -24.69
C LEU A 401 -11.04 -33.79 -25.46
N LYS A 402 -10.51 -33.96 -26.67
CA LYS A 402 -10.86 -35.15 -27.50
C LYS A 402 -10.40 -36.42 -26.77
N LYS A 403 -9.23 -36.36 -26.13
CA LYS A 403 -8.70 -37.51 -25.34
C LYS A 403 -9.61 -37.78 -24.13
N ALA A 404 -10.11 -36.73 -23.47
CA ALA A 404 -11.05 -36.89 -22.33
C ALA A 404 -12.32 -37.62 -22.82
N ILE A 405 -12.82 -37.28 -24.00
CA ILE A 405 -14.02 -37.93 -24.58
C ILE A 405 -13.69 -39.41 -24.81
N ALA A 406 -12.53 -39.70 -25.40
CA ALA A 406 -12.08 -41.10 -25.64
C ALA A 406 -12.03 -41.86 -24.30
N ASP A 407 -11.59 -41.18 -23.24
CA ASP A 407 -11.43 -41.82 -21.91
C ASP A 407 -12.75 -41.82 -21.12
N GLY A 408 -13.87 -41.41 -21.71
CA GLY A 408 -15.21 -41.68 -21.16
C GLY A 408 -15.87 -40.45 -20.57
N VAL A 409 -15.31 -39.27 -20.77
CA VAL A 409 -16.02 -38.03 -20.34
C VAL A 409 -17.14 -37.74 -21.35
N ASP A 410 -18.35 -37.53 -20.87
CA ASP A 410 -19.50 -37.11 -21.71
C ASP A 410 -19.40 -35.60 -21.90
N VAL A 411 -18.80 -35.17 -23.00
CA VAL A 411 -18.66 -33.73 -23.34
C VAL A 411 -19.66 -33.43 -24.46
N GLU A 412 -20.54 -32.47 -24.24
CA GLU A 412 -21.66 -32.20 -25.16
C GLU A 412 -21.35 -30.97 -26.02
N GLY A 413 -20.38 -30.15 -25.63
CA GLY A 413 -20.09 -28.94 -26.42
C GLY A 413 -18.82 -28.25 -25.98
N TYR A 414 -18.39 -27.33 -26.81
CA TYR A 414 -17.16 -26.53 -26.61
C TYR A 414 -17.47 -25.14 -27.15
N TYR A 415 -17.28 -24.12 -26.31
CA TYR A 415 -17.56 -22.72 -26.68
C TYR A 415 -16.26 -21.94 -26.59
N ALA A 416 -15.78 -21.47 -27.73
CA ALA A 416 -14.60 -20.60 -27.83
C ALA A 416 -14.94 -19.27 -27.15
N TRP A 417 -14.15 -18.91 -26.13
CA TRP A 417 -14.20 -17.55 -25.54
C TRP A 417 -13.15 -16.73 -26.28
N SER A 418 -13.51 -15.77 -27.14
CA SER A 418 -14.84 -15.23 -27.34
C SER A 418 -15.10 -15.03 -28.84
N LEU A 419 -16.36 -14.86 -29.25
CA LEU A 419 -16.66 -14.47 -30.65
C LEU A 419 -15.88 -13.21 -31.00
N LEU A 420 -15.90 -12.23 -30.11
CA LEU A 420 -15.38 -10.87 -30.35
C LEU A 420 -14.32 -10.53 -29.30
N ASP A 421 -13.31 -9.79 -29.70
CA ASP A 421 -12.52 -8.99 -28.74
C ASP A 421 -13.52 -8.12 -27.97
N ASN A 422 -13.33 -7.94 -26.67
CA ASN A 422 -14.37 -7.26 -25.88
C ASN A 422 -13.78 -6.65 -24.61
N PHE A 423 -14.66 -6.11 -23.78
CA PHE A 423 -14.32 -5.49 -22.48
C PHE A 423 -13.98 -6.63 -21.50
N GLU A 424 -12.69 -6.80 -21.19
CA GLU A 424 -12.21 -7.85 -20.27
C GLU A 424 -12.19 -7.28 -18.84
N TRP A 425 -13.37 -6.88 -18.35
CA TRP A 425 -13.59 -6.58 -16.91
C TRP A 425 -12.52 -5.59 -16.42
N ALA A 426 -11.78 -5.87 -15.35
CA ALA A 426 -10.89 -4.86 -14.75
C ALA A 426 -9.68 -4.59 -15.67
N ASN A 427 -9.46 -5.42 -16.69
CA ASN A 427 -8.37 -5.20 -17.68
C ASN A 427 -8.86 -4.34 -18.85
N GLY A 428 -10.11 -3.92 -18.84
CA GLY A 428 -10.68 -3.11 -19.93
C GLY A 428 -10.45 -3.76 -21.27
N TYR A 429 -10.10 -2.98 -22.30
CA TYR A 429 -9.97 -3.47 -23.68
C TYR A 429 -8.54 -3.96 -23.95
N ASN A 430 -7.72 -4.05 -22.91
CA ASN A 430 -6.28 -4.38 -23.04
C ASN A 430 -6.05 -5.87 -23.28
N ASP A 431 -7.08 -6.70 -23.16
CA ASP A 431 -6.98 -8.16 -23.39
C ASP A 431 -7.99 -8.54 -24.46
N ARG A 432 -7.48 -9.11 -25.55
CA ARG A 432 -8.25 -9.51 -26.73
C ARG A 432 -8.33 -11.04 -26.76
N PHE A 433 -9.52 -11.58 -26.52
CA PHE A 433 -9.79 -13.03 -26.49
C PHE A 433 -10.52 -13.49 -27.76
N GLY A 434 -10.83 -12.58 -28.68
CA GLY A 434 -11.74 -12.91 -29.78
C GLY A 434 -11.12 -13.83 -30.83
N ILE A 435 -11.98 -14.57 -31.53
CA ILE A 435 -11.63 -15.14 -32.86
C ILE A 435 -11.98 -14.10 -33.94
N THR A 436 -12.60 -12.98 -33.55
CA THR A 436 -12.86 -11.79 -34.38
C THR A 436 -12.22 -10.58 -33.71
N TYR A 437 -11.38 -9.86 -34.45
CA TYR A 437 -10.75 -8.60 -34.01
C TYR A 437 -11.78 -7.48 -34.12
N VAL A 438 -11.80 -6.60 -33.12
CA VAL A 438 -12.64 -5.37 -33.17
C VAL A 438 -11.73 -4.16 -33.07
N ASP A 439 -11.78 -3.28 -34.08
CA ASP A 439 -11.14 -1.95 -34.01
C ASP A 439 -12.13 -1.02 -33.32
N TYR A 440 -11.85 -0.59 -32.10
CA TYR A 440 -12.85 0.16 -31.29
C TYR A 440 -13.06 1.56 -31.86
N GLU A 441 -12.14 2.07 -32.67
CA GLU A 441 -12.29 3.41 -33.28
C GLU A 441 -13.45 3.39 -34.30
N THR A 442 -13.55 2.32 -35.07
CA THR A 442 -14.47 2.19 -36.25
C THR A 442 -15.54 1.12 -36.01
N GLN A 443 -15.36 0.30 -34.97
CA GLN A 443 -16.15 -0.93 -34.70
C GLN A 443 -16.03 -1.96 -35.83
N GLN A 444 -15.02 -1.84 -36.69
CA GLN A 444 -14.75 -2.85 -37.74
C GLN A 444 -14.50 -4.20 -37.09
N ARG A 445 -15.16 -5.24 -37.60
CA ARG A 445 -14.85 -6.65 -37.27
C ARG A 445 -13.92 -7.21 -38.35
N ILE A 446 -12.85 -7.88 -37.93
CA ILE A 446 -11.96 -8.62 -38.86
C ILE A 446 -11.83 -10.02 -38.28
N ILE A 447 -12.34 -11.02 -38.99
CA ILE A 447 -12.17 -12.41 -38.54
C ILE A 447 -10.68 -12.72 -38.54
N LYS A 448 -10.17 -13.27 -37.43
CA LYS A 448 -8.75 -13.60 -37.29
C LYS A 448 -8.47 -14.95 -37.95
N ASP A 449 -7.20 -15.28 -38.19
CA ASP A 449 -6.82 -16.64 -38.66
C ASP A 449 -7.51 -17.71 -37.81
N SER A 450 -7.59 -17.52 -36.49
CA SER A 450 -8.19 -18.54 -35.58
C SER A 450 -9.65 -18.78 -35.94
N GLY A 451 -10.38 -17.76 -36.39
CA GLY A 451 -11.78 -17.92 -36.81
C GLY A 451 -11.90 -18.92 -37.95
N PHE A 452 -11.00 -18.82 -38.94
CA PHE A 452 -11.00 -19.71 -40.13
C PHE A 452 -10.51 -21.09 -39.72
N PHE A 453 -9.53 -21.14 -38.82
CA PHE A 453 -9.04 -22.42 -38.23
C PHE A 453 -10.22 -23.13 -37.56
N TYR A 454 -11.00 -22.40 -36.76
CA TYR A 454 -12.15 -22.96 -36.01
C TYR A 454 -13.24 -23.40 -36.98
N GLN A 455 -13.51 -22.60 -38.01
CA GLN A 455 -14.48 -22.95 -39.07
C GLN A 455 -14.14 -24.36 -39.60
N GLN A 456 -12.87 -24.61 -39.88
CA GLN A 456 -12.39 -25.88 -40.46
C GLN A 456 -12.57 -27.00 -39.42
N ILE A 457 -12.25 -26.74 -38.14
CA ILE A 457 -12.49 -27.73 -37.05
C ILE A 457 -13.97 -28.14 -37.07
N ILE A 458 -14.89 -27.17 -37.13
CA ILE A 458 -16.33 -27.46 -37.04
C ILE A 458 -16.75 -28.26 -38.27
N GLU A 459 -16.29 -27.86 -39.47
CA GLU A 459 -16.66 -28.53 -40.75
C GLU A 459 -16.26 -30.01 -40.69
N THR A 460 -15.14 -30.32 -40.04
CA THR A 460 -14.57 -31.69 -39.97
C THR A 460 -14.90 -32.35 -38.63
N ASN A 461 -15.72 -31.69 -37.79
CA ASN A 461 -16.12 -32.19 -36.44
C ASN A 461 -14.86 -32.55 -35.61
N GLY A 462 -13.75 -31.87 -35.86
CA GLY A 462 -12.50 -32.07 -35.12
C GLY A 462 -11.82 -33.39 -35.45
N ASP A 463 -12.18 -34.02 -36.57
CA ASP A 463 -11.64 -35.36 -36.94
C ASP A 463 -10.16 -35.27 -37.29
N LEU A 464 -9.66 -34.11 -37.73
CA LEU A 464 -8.29 -33.93 -38.26
C LEU A 464 -7.36 -33.27 -37.23
N LEU A 465 -7.83 -33.00 -36.02
CA LEU A 465 -6.98 -32.40 -34.96
C LEU A 465 -5.75 -33.26 -34.74
N LEU B 14 -23.99 38.89 15.26
CA LEU B 14 -24.76 38.54 16.49
C LEU B 14 -24.86 39.78 17.36
N VAL B 15 -25.90 39.85 18.17
CA VAL B 15 -26.02 40.91 19.22
C VAL B 15 -25.40 40.38 20.50
N PRO B 16 -24.36 41.06 21.02
CA PRO B 16 -23.68 40.58 22.22
C PRO B 16 -24.59 40.68 23.45
N ARG B 17 -24.28 39.85 24.44
CA ARG B 17 -24.96 39.75 25.76
C ARG B 17 -24.07 40.49 26.77
N GLY B 18 -22.77 40.59 26.48
CA GLY B 18 -21.75 41.10 27.42
C GLY B 18 -21.30 40.01 28.36
N SER B 19 -20.17 40.21 29.03
CA SER B 19 -19.45 39.12 29.73
C SER B 19 -19.91 38.99 31.19
N HIS B 20 -20.80 39.84 31.69
CA HIS B 20 -21.13 39.83 33.14
C HIS B 20 -21.95 38.59 33.52
N MET B 21 -22.98 38.22 32.75
CA MET B 21 -23.90 37.11 33.16
C MET B 21 -23.12 35.79 33.19
N GLY B 22 -22.30 35.51 32.18
CA GLY B 22 -21.70 34.17 32.03
C GLY B 22 -22.71 33.16 31.52
N PHE B 23 -22.61 31.90 31.97
CA PHE B 23 -23.51 30.83 31.49
C PHE B 23 -24.92 31.09 31.97
N PRO B 24 -25.95 30.82 31.14
CA PRO B 24 -27.33 31.01 31.57
C PRO B 24 -27.72 30.11 32.74
N LYS B 25 -28.74 30.56 33.48
CA LYS B 25 -29.20 29.94 34.74
C LYS B 25 -29.61 28.48 34.49
N ASP B 26 -30.22 28.18 33.35
CA ASP B 26 -30.83 26.86 33.05
C ASP B 26 -29.86 26.03 32.19
N PHE B 27 -28.59 26.38 32.16
CA PHE B 27 -27.59 25.75 31.25
C PHE B 27 -27.48 24.26 31.54
N LEU B 28 -27.56 23.43 30.50
CA LEU B 28 -27.49 21.95 30.63
C LEU B 28 -26.02 21.52 30.70
N TRP B 29 -25.51 21.35 31.91
CA TRP B 29 -24.18 20.75 32.17
C TRP B 29 -24.31 19.22 32.12
N GLY B 30 -23.66 18.61 31.14
CA GLY B 30 -23.86 17.19 30.88
C GLY B 30 -22.59 16.42 30.68
N THR B 31 -22.76 15.12 30.53
N THR B 31 -22.74 15.12 30.56
CA THR B 31 -21.71 14.21 30.04
CA THR B 31 -21.70 14.20 30.06
C THR B 31 -22.38 13.27 29.03
C THR B 31 -22.38 13.27 29.04
N ALA B 32 -21.60 12.67 28.14
CA ALA B 32 -22.13 11.93 26.98
C ALA B 32 -21.43 10.60 26.83
N THR B 33 -22.19 9.62 26.34
CA THR B 33 -21.73 8.27 25.95
C THR B 33 -22.49 7.84 24.70
N ALA B 34 -22.15 6.67 24.18
CA ALA B 34 -22.86 6.00 23.08
C ALA B 34 -22.98 4.52 23.43
N SER B 35 -24.05 3.90 22.96
CA SER B 35 -24.43 2.52 23.27
C SER B 35 -23.27 1.57 23.03
N TYR B 36 -22.73 1.52 21.80
CA TYR B 36 -21.74 0.49 21.46
C TYR B 36 -20.45 0.71 22.25
N GLN B 37 -20.16 1.96 22.59
CA GLN B 37 -18.88 2.30 23.23
C GLN B 37 -18.86 1.86 24.69
N ILE B 38 -20.01 1.73 25.37
CA ILE B 38 -20.02 1.44 26.83
C ILE B 38 -20.81 0.18 27.21
N GLU B 39 -21.82 -0.22 26.45
CA GLU B 39 -22.86 -1.14 27.01
C GLU B 39 -22.35 -2.56 27.19
N GLY B 40 -21.61 -3.09 26.22
CA GLY B 40 -21.40 -4.54 26.17
C GLY B 40 -22.71 -5.29 26.03
N ALA B 41 -22.82 -6.48 26.61
CA ALA B 41 -24.01 -7.34 26.45
C ALA B 41 -24.42 -7.38 24.97
N ALA B 42 -23.45 -7.55 24.07
CA ALA B 42 -23.65 -7.40 22.62
C ALA B 42 -24.52 -8.53 22.06
N PHE B 43 -24.49 -9.70 22.70
CA PHE B 43 -25.15 -10.94 22.19
C PHE B 43 -26.12 -11.51 23.22
N GLU B 44 -26.65 -10.65 24.11
CA GLU B 44 -27.48 -11.04 25.27
C GLU B 44 -28.91 -10.54 25.12
N ASP B 45 -29.85 -11.21 25.80
CA ASP B 45 -31.22 -10.70 26.05
C ASP B 45 -31.92 -10.36 24.74
N GLY B 46 -31.66 -11.14 23.68
CA GLY B 46 -32.37 -11.07 22.39
C GLY B 46 -31.89 -9.89 21.55
N LYS B 47 -30.83 -9.20 21.96
CA LYS B 47 -30.29 -8.09 21.13
C LYS B 47 -29.85 -8.65 19.77
N GLY B 48 -30.21 -7.95 18.70
CA GLY B 48 -29.78 -8.31 17.33
C GLY B 48 -28.38 -7.79 17.05
N LEU B 49 -27.71 -8.38 16.08
CA LEU B 49 -26.38 -7.89 15.67
C LEU B 49 -26.52 -6.46 15.12
N ASN B 50 -25.47 -5.67 15.31
CA ASN B 50 -25.32 -4.40 14.57
C ASN B 50 -24.02 -4.46 13.76
N ILE B 51 -23.80 -3.45 12.93
CA ILE B 51 -22.66 -3.47 11.98
C ILE B 51 -21.33 -3.43 12.75
N TRP B 52 -21.29 -2.83 13.94
CA TRP B 52 -20.04 -2.78 14.73
C TRP B 52 -19.72 -4.15 15.36
N ASP B 53 -20.72 -4.92 15.76
CA ASP B 53 -20.49 -6.32 16.22
C ASP B 53 -19.76 -7.08 15.11
N VAL B 54 -20.19 -6.94 13.87
CA VAL B 54 -19.62 -7.73 12.75
C VAL B 54 -18.27 -7.13 12.34
N PHE B 55 -18.20 -5.81 12.18
CA PHE B 55 -16.96 -5.13 11.73
C PHE B 55 -15.83 -5.38 12.75
N SER B 56 -16.09 -5.23 14.04
CA SER B 56 -15.07 -5.30 15.10
C SER B 56 -14.50 -6.71 15.19
N HIS B 57 -15.23 -7.72 14.71
CA HIS B 57 -14.80 -9.14 14.73
C HIS B 57 -14.01 -9.51 13.48
N GLN B 58 -13.88 -8.60 12.52
CA GLN B 58 -13.02 -8.83 11.33
C GLN B 58 -11.58 -8.54 11.70
N GLU B 59 -10.68 -9.50 11.47
CA GLU B 59 -9.22 -9.36 11.68
C GLU B 59 -8.75 -8.02 11.13
N GLY B 60 -8.07 -7.23 11.95
CA GLY B 60 -7.32 -6.03 11.49
C GLY B 60 -8.17 -4.78 11.35
N LYS B 61 -9.48 -4.82 11.65
CA LYS B 61 -10.32 -3.59 11.52
C LYS B 61 -10.13 -2.67 12.72
N ILE B 62 -9.88 -3.22 13.90
CA ILE B 62 -9.75 -2.44 15.16
C ILE B 62 -8.35 -2.62 15.70
N PHE B 63 -7.81 -1.57 16.32
CA PHE B 63 -6.58 -1.65 17.13
C PHE B 63 -6.60 -2.91 17.99
N GLU B 64 -5.58 -3.76 17.84
CA GLU B 64 -5.35 -5.00 18.63
C GLU B 64 -6.60 -5.90 18.64
N ASN B 65 -7.42 -5.82 17.60
CA ASN B 65 -8.68 -6.61 17.44
C ASN B 65 -9.57 -6.43 18.67
N HIS B 66 -9.54 -5.25 19.29
CA HIS B 66 -10.53 -4.92 20.33
C HIS B 66 -11.94 -4.93 19.73
N ASN B 67 -12.93 -5.11 20.58
CA ASN B 67 -14.34 -5.05 20.16
C ASN B 67 -15.19 -4.56 21.33
N GLY B 68 -16.45 -4.26 21.05
CA GLY B 68 -17.43 -3.80 22.02
C GLY B 68 -18.24 -4.94 22.63
N ASP B 69 -17.77 -6.18 22.60
CA ASP B 69 -18.60 -7.29 23.15
C ASP B 69 -18.98 -7.01 24.60
N VAL B 70 -18.03 -6.50 25.38
CA VAL B 70 -18.19 -6.21 26.83
C VAL B 70 -18.05 -4.71 27.08
N ALA B 71 -17.11 -4.04 26.44
CA ALA B 71 -16.89 -2.58 26.63
C ALA B 71 -16.80 -2.26 28.12
N CYS B 72 -17.59 -1.32 28.63
CA CYS B 72 -17.60 -0.94 30.06
C CYS B 72 -18.64 -1.78 30.82
N ASP B 73 -19.27 -2.75 30.16
CA ASP B 73 -20.29 -3.63 30.78
C ASP B 73 -21.34 -2.76 31.45
N HIS B 74 -21.66 -1.62 30.85
CA HIS B 74 -22.62 -0.64 31.43
C HIS B 74 -24.02 -1.27 31.46
N TYR B 75 -24.32 -2.19 30.55
CA TYR B 75 -25.61 -2.92 30.55
C TYR B 75 -25.84 -3.56 31.92
N ASN B 76 -24.79 -4.07 32.54
CA ASN B 76 -24.86 -4.76 33.86
C ASN B 76 -24.50 -3.84 35.02
N ARG B 77 -23.89 -2.68 34.77
CA ARG B 77 -23.29 -1.86 35.84
C ARG B 77 -23.91 -0.45 35.83
N LEU B 78 -25.13 -0.36 35.32
CA LEU B 78 -25.97 0.85 35.16
C LEU B 78 -26.00 1.63 36.49
N GLU B 79 -26.30 0.94 37.59
CA GLU B 79 -26.54 1.60 38.90
C GLU B 79 -25.27 2.33 39.34
N GLU B 80 -24.11 1.70 39.20
CA GLU B 80 -22.81 2.30 39.57
C GLU B 80 -22.61 3.57 38.74
N ASP B 81 -22.91 3.53 37.45
CA ASP B 81 -22.66 4.68 36.53
C ASP B 81 -23.64 5.81 36.84
N LEU B 82 -24.90 5.47 37.13
CA LEU B 82 -25.91 6.47 37.58
C LEU B 82 -25.43 7.16 38.86
N ASP B 83 -24.86 6.39 39.80
CA ASP B 83 -24.36 6.94 41.09
C ASP B 83 -23.21 7.91 40.80
N ILE B 84 -22.36 7.62 39.80
CA ILE B 84 -21.25 8.56 39.46
C ILE B 84 -21.86 9.86 38.93
N LEU B 85 -22.86 9.77 38.05
CA LEU B 85 -23.54 10.97 37.48
C LEU B 85 -24.08 11.81 38.64
N SER B 86 -24.71 11.17 39.62
CA SER B 86 -25.30 11.87 40.79
C SER B 86 -24.18 12.49 41.64
N LYS B 87 -23.12 11.72 41.92
CA LYS B 87 -22.00 12.18 42.76
C LYS B 87 -21.40 13.47 42.18
N LEU B 88 -21.27 13.53 40.86
CA LEU B 88 -20.61 14.66 40.17
C LEU B 88 -21.60 15.81 39.93
N GLY B 89 -22.88 15.60 40.20
CA GLY B 89 -23.90 16.67 40.12
C GLY B 89 -24.20 17.05 38.68
N VAL B 90 -23.98 16.14 37.74
CA VAL B 90 -24.28 16.37 36.31
C VAL B 90 -25.77 16.64 36.16
N LYS B 91 -26.16 17.66 35.39
CA LYS B 91 -27.57 18.07 35.22
C LYS B 91 -28.25 17.24 34.13
N SER B 92 -27.46 16.74 33.15
CA SER B 92 -28.03 16.05 31.96
C SER B 92 -27.07 14.95 31.53
N TYR B 93 -27.61 13.85 31.03
CA TYR B 93 -26.83 12.69 30.57
C TYR B 93 -27.27 12.41 29.14
N ARG B 94 -26.31 12.55 28.22
CA ARG B 94 -26.51 12.23 26.78
C ARG B 94 -26.02 10.80 26.56
N PHE B 95 -26.92 9.98 26.05
CA PHE B 95 -26.64 8.56 25.76
C PHE B 95 -27.34 8.23 24.45
N SER B 96 -26.96 7.10 23.84
CA SER B 96 -27.67 6.62 22.65
C SER B 96 -28.39 5.32 23.00
N VAL B 97 -29.46 5.08 22.26
CA VAL B 97 -30.19 3.80 22.32
C VAL B 97 -29.63 2.89 21.22
N SER B 98 -29.37 1.65 21.59
CA SER B 98 -29.01 0.59 20.63
C SER B 98 -30.26 0.20 19.86
N TRP B 99 -30.35 0.65 18.62
CA TRP B 99 -31.44 0.27 17.67
C TRP B 99 -31.60 -1.26 17.68
N SER B 100 -30.50 -2.00 17.58
CA SER B 100 -30.53 -3.50 17.48
C SER B 100 -30.95 -4.14 18.82
N ARG B 101 -30.82 -3.43 19.93
CA ARG B 101 -31.25 -3.94 21.26
C ARG B 101 -32.77 -3.87 21.35
N VAL B 102 -33.39 -2.82 20.81
CA VAL B 102 -34.86 -2.63 20.92
C VAL B 102 -35.59 -3.24 19.72
N LEU B 103 -34.95 -3.30 18.54
CA LEU B 103 -35.52 -3.90 17.32
C LEU B 103 -34.46 -4.80 16.73
N PRO B 104 -34.36 -6.07 17.16
CA PRO B 104 -33.26 -6.93 16.74
C PRO B 104 -33.08 -7.06 15.22
N ALA B 105 -34.15 -7.01 14.43
CA ALA B 105 -34.10 -7.04 12.95
C ALA B 105 -34.15 -5.62 12.36
N GLY B 106 -34.09 -4.59 13.21
CA GLY B 106 -34.16 -3.18 12.78
C GLY B 106 -35.58 -2.68 12.59
N ILE B 107 -36.47 -3.56 12.15
CA ILE B 107 -37.92 -3.26 12.01
C ILE B 107 -38.70 -4.45 12.59
N GLY B 108 -40.01 -4.29 12.80
CA GLY B 108 -40.90 -5.37 13.25
C GLY B 108 -40.88 -5.56 14.76
N GLN B 109 -40.55 -6.76 15.21
CA GLN B 109 -40.75 -7.21 16.61
C GLN B 109 -39.88 -6.36 17.56
N VAL B 110 -40.51 -5.70 18.52
CA VAL B 110 -39.81 -4.97 19.62
C VAL B 110 -39.29 -6.01 20.61
N ASN B 111 -38.07 -5.81 21.09
CA ASN B 111 -37.46 -6.65 22.14
C ASN B 111 -37.68 -5.96 23.50
N HIS B 112 -38.59 -6.49 24.31
CA HIS B 112 -39.00 -5.81 25.56
C HIS B 112 -37.88 -5.88 26.60
N LYS B 113 -36.96 -6.85 26.54
CA LYS B 113 -35.79 -6.86 27.46
C LYS B 113 -34.90 -5.65 27.11
N GLY B 114 -34.75 -5.35 25.81
CA GLY B 114 -34.04 -4.14 25.36
C GLY B 114 -34.68 -2.88 25.89
N ILE B 115 -35.99 -2.74 25.67
CA ILE B 115 -36.77 -1.58 26.19
C ILE B 115 -36.55 -1.48 27.71
N ALA B 116 -36.64 -2.59 28.44
CA ALA B 116 -36.56 -2.64 29.91
C ALA B 116 -35.24 -2.02 30.39
N PHE B 117 -34.14 -2.29 29.68
CA PHE B 117 -32.83 -1.74 30.07
C PHE B 117 -32.90 -0.21 30.04
N TYR B 118 -33.39 0.37 28.94
CA TYR B 118 -33.44 1.85 28.78
C TYR B 118 -34.46 2.42 29.75
N GLN B 119 -35.55 1.69 30.02
CA GLN B 119 -36.53 2.15 31.04
C GLN B 119 -35.85 2.26 32.41
N MET B 120 -35.04 1.28 32.78
CA MET B 120 -34.31 1.28 34.07
C MET B 120 -33.31 2.45 34.08
N LEU B 121 -32.58 2.67 32.99
CA LEU B 121 -31.66 3.83 32.88
C LEU B 121 -32.44 5.13 33.11
N ILE B 122 -33.51 5.33 32.35
CA ILE B 122 -34.27 6.61 32.32
C ILE B 122 -34.92 6.81 33.71
N SER B 123 -35.47 5.75 34.30
CA SER B 123 -36.05 5.83 35.68
C SER B 123 -34.96 6.26 36.65
N GLY B 124 -33.76 5.67 36.53
CA GLY B 124 -32.61 5.99 37.40
C GLY B 124 -32.21 7.45 37.24
N LEU B 125 -32.17 7.97 36.02
CA LEU B 125 -31.87 9.40 35.77
C LEU B 125 -32.92 10.28 36.44
N ARG B 126 -34.19 9.96 36.21
CA ARG B 126 -35.34 10.76 36.74
C ARG B 126 -35.27 10.76 38.27
N GLU B 127 -35.00 9.63 38.91
CA GLU B 127 -34.89 9.51 40.39
C GLU B 127 -33.79 10.44 40.90
N ARG B 128 -32.73 10.67 40.11
CA ARG B 128 -31.55 11.47 40.51
C ARG B 128 -31.70 12.93 40.04
N GLY B 129 -32.81 13.28 39.40
CA GLY B 129 -33.04 14.65 38.90
C GLY B 129 -32.14 15.00 37.72
N ILE B 130 -31.72 14.00 36.95
CA ILE B 130 -30.81 14.20 35.77
C ILE B 130 -31.66 14.15 34.50
N ILE B 131 -31.48 15.13 33.61
CA ILE B 131 -32.28 15.28 32.38
C ILE B 131 -31.70 14.36 31.31
N PRO B 132 -32.47 13.36 30.83
CA PRO B 132 -32.02 12.51 29.73
C PRO B 132 -31.94 13.30 28.42
N CYS B 133 -30.88 13.05 27.65
CA CYS B 133 -30.72 13.56 26.28
C CYS B 133 -30.41 12.33 25.39
N MET B 134 -31.39 11.90 24.62
CA MET B 134 -31.34 10.57 23.94
C MET B 134 -30.95 10.75 22.46
N THR B 135 -29.81 10.19 22.10
CA THR B 135 -29.37 10.05 20.69
C THR B 135 -30.00 8.78 20.12
N LEU B 136 -30.75 8.88 19.05
CA LEU B 136 -31.37 7.70 18.42
C LEU B 136 -30.31 6.90 17.66
N TYR B 137 -29.46 7.58 16.89
CA TYR B 137 -28.49 6.89 16.01
C TYR B 137 -27.06 7.35 16.31
N HIS B 138 -26.29 6.48 16.95
CA HIS B 138 -24.84 6.69 17.19
C HIS B 138 -24.07 5.51 16.59
N TRP B 139 -24.43 5.18 15.34
CA TRP B 139 -23.58 4.49 14.33
C TRP B 139 -23.84 2.98 14.32
N ASP B 140 -24.62 2.46 15.26
CA ASP B 140 -24.82 0.99 15.40
C ASP B 140 -26.03 0.58 14.56
N LEU B 141 -25.93 0.69 13.24
CA LEU B 141 -26.99 0.22 12.31
C LEU B 141 -27.25 -1.25 12.57
N PRO B 142 -28.52 -1.67 12.76
CA PRO B 142 -28.84 -3.10 12.81
C PRO B 142 -28.31 -3.86 11.59
N TYR B 143 -27.68 -4.98 11.86
CA TYR B 143 -27.03 -5.80 10.82
C TYR B 143 -28.07 -6.30 9.83
N ALA B 144 -29.27 -6.65 10.30
CA ALA B 144 -30.34 -7.11 9.39
C ALA B 144 -30.62 -6.03 8.34
N LEU B 145 -30.53 -4.75 8.69
CA LEU B 145 -30.82 -3.66 7.73
C LEU B 145 -29.61 -3.45 6.80
N HIS B 146 -28.39 -3.64 7.33
CA HIS B 146 -27.16 -3.64 6.50
C HIS B 146 -27.30 -4.68 5.38
N LEU B 147 -27.82 -5.88 5.68
CA LEU B 147 -27.95 -6.96 4.68
C LEU B 147 -28.95 -6.53 3.59
N LYS B 148 -29.85 -5.58 3.88
CA LYS B 148 -30.81 -5.03 2.90
C LYS B 148 -30.25 -3.75 2.27
N GLY B 149 -28.94 -3.54 2.32
CA GLY B 149 -28.31 -2.38 1.65
C GLY B 149 -28.10 -1.19 2.57
N GLY B 150 -28.54 -1.27 3.82
CA GLY B 150 -28.41 -0.16 4.78
C GLY B 150 -28.87 1.14 4.16
N TRP B 151 -28.06 2.18 4.29
CA TRP B 151 -28.45 3.55 3.87
C TRP B 151 -28.48 3.72 2.36
N LEU B 152 -28.09 2.71 1.57
CA LEU B 152 -28.23 2.76 0.10
C LEU B 152 -29.69 2.47 -0.28
N ASN B 153 -30.45 1.80 0.60
CA ASN B 153 -31.82 1.33 0.29
C ASN B 153 -32.78 2.51 0.34
N ASP B 154 -33.62 2.67 -0.69
CA ASP B 154 -34.66 3.73 -0.77
C ASP B 154 -35.53 3.72 0.49
N ASP B 155 -35.70 2.56 1.14
CA ASP B 155 -36.62 2.39 2.29
C ASP B 155 -35.92 2.69 3.62
N SER B 156 -34.62 2.98 3.62
CA SER B 156 -33.87 3.21 4.87
C SER B 156 -34.49 4.36 5.68
N PRO B 157 -35.00 5.45 5.08
CA PRO B 157 -35.68 6.48 5.87
C PRO B 157 -36.92 5.92 6.61
N ASN B 158 -37.65 5.01 5.97
CA ASN B 158 -38.86 4.39 6.59
C ASN B 158 -38.45 3.48 7.75
N TRP B 159 -37.34 2.77 7.63
CA TRP B 159 -36.84 1.91 8.73
C TRP B 159 -36.56 2.80 9.94
N PHE B 160 -35.90 3.93 9.70
CA PHE B 160 -35.51 4.87 10.77
C PHE B 160 -36.78 5.47 11.39
N ALA B 161 -37.76 5.83 10.56
CA ALA B 161 -39.05 6.39 11.05
C ALA B 161 -39.72 5.37 11.99
N GLU B 162 -39.71 4.09 11.61
CA GLU B 162 -40.30 3.01 12.43
C GLU B 162 -39.60 2.94 13.79
N TYR B 163 -38.26 3.00 13.80
CA TYR B 163 -37.46 3.04 15.03
C TYR B 163 -37.82 4.26 15.88
N ALA B 164 -37.92 5.44 15.27
CA ALA B 164 -38.20 6.70 15.98
C ALA B 164 -39.59 6.59 16.64
N LYS B 165 -40.54 5.94 15.97
CA LYS B 165 -41.90 5.75 16.52
C LYS B 165 -41.84 4.83 17.76
N VAL B 166 -41.04 3.77 17.70
CA VAL B 166 -40.82 2.89 18.87
C VAL B 166 -40.21 3.74 20.01
N ILE B 167 -39.21 4.57 19.70
CA ILE B 167 -38.55 5.43 20.72
C ILE B 167 -39.62 6.31 21.38
N LYS B 168 -40.42 7.00 20.58
CA LYS B 168 -41.41 7.98 21.11
C LYS B 168 -42.46 7.23 21.92
N THR B 169 -42.89 6.06 21.44
CA THR B 169 -43.91 5.21 22.12
C THR B 169 -43.43 4.87 23.52
N TYR B 170 -42.21 4.35 23.66
CA TYR B 170 -41.73 3.73 24.90
C TYR B 170 -41.09 4.76 25.83
N PHE B 171 -40.53 5.86 25.30
CA PHE B 171 -39.69 6.77 26.11
C PHE B 171 -40.22 8.20 26.06
N GLY B 172 -41.28 8.49 25.30
CA GLY B 172 -41.78 9.86 25.09
C GLY B 172 -42.34 10.49 26.36
N LYS B 173 -42.77 9.69 27.34
CA LYS B 173 -43.32 10.22 28.62
C LYS B 173 -42.19 10.85 29.44
N GLU B 174 -40.99 10.27 29.45
CA GLU B 174 -39.94 10.63 30.43
C GLU B 174 -38.72 11.29 29.76
N VAL B 175 -38.64 11.23 28.43
CA VAL B 175 -37.49 11.85 27.70
C VAL B 175 -38.05 12.96 26.82
N SER B 176 -37.48 14.16 26.98
CA SER B 176 -37.92 15.42 26.34
C SER B 176 -36.81 16.03 25.49
N TYR B 177 -35.65 15.37 25.39
CA TYR B 177 -34.50 15.84 24.57
C TYR B 177 -34.07 14.66 23.70
N PHE B 178 -34.15 14.83 22.40
CA PHE B 178 -33.76 13.80 21.40
C PHE B 178 -32.79 14.42 20.40
N ILE B 179 -31.83 13.59 19.99
CA ILE B 179 -30.95 13.88 18.83
C ILE B 179 -31.12 12.72 17.85
N THR B 180 -31.51 13.00 16.62
CA THR B 180 -31.77 11.94 15.62
C THR B 180 -30.45 11.24 15.29
N PHE B 181 -29.49 12.01 14.78
CA PHE B 181 -28.20 11.48 14.29
C PHE B 181 -27.04 12.16 15.00
N ASN B 182 -26.04 11.34 15.32
CA ASN B 182 -24.72 11.79 15.81
C ASN B 182 -23.71 11.75 14.65
N GLU B 183 -23.15 12.89 14.27
CA GLU B 183 -21.95 12.97 13.39
C GLU B 183 -22.14 12.14 12.11
N PRO B 184 -23.07 12.52 11.23
CA PRO B 184 -23.18 11.89 9.91
C PRO B 184 -21.87 12.02 9.12
N GLN B 185 -21.13 13.11 9.32
CA GLN B 185 -19.80 13.29 8.71
C GLN B 185 -18.99 12.01 8.90
N VAL B 186 -18.97 11.51 10.14
CA VAL B 186 -18.09 10.38 10.52
C VAL B 186 -18.75 9.06 10.11
N PHE B 187 -20.00 8.79 10.48
CA PHE B 187 -20.52 7.43 10.16
C PHE B 187 -20.70 7.27 8.64
N VAL B 188 -20.96 8.33 7.90
CA VAL B 188 -21.01 8.23 6.42
C VAL B 188 -19.59 8.31 5.85
N GLY B 189 -18.82 9.32 6.24
CA GLY B 189 -17.46 9.51 5.66
C GLY B 189 -16.53 8.37 6.02
N CYS B 190 -16.41 8.02 7.30
CA CYS B 190 -15.53 6.91 7.73
C CYS B 190 -16.16 5.56 7.43
N GLY B 191 -17.47 5.44 7.51
CA GLY B 191 -18.14 4.14 7.28
C GLY B 191 -18.17 3.74 5.82
N TYR B 192 -18.29 4.71 4.90
CA TYR B 192 -18.59 4.43 3.48
C TYR B 192 -17.66 5.12 2.50
N LEU B 193 -16.86 6.10 2.90
CA LEU B 193 -15.91 6.74 1.96
C LEU B 193 -14.48 6.28 2.27
N SER B 194 -13.99 6.46 3.50
CA SER B 194 -12.60 6.07 3.85
C SER B 194 -12.54 4.58 4.20
N GLY B 195 -13.64 4.04 4.75
CA GLY B 195 -13.77 2.61 5.09
C GLY B 195 -13.12 2.23 6.39
N ASN B 196 -12.73 3.18 7.25
CA ASN B 196 -12.04 2.82 8.52
C ASN B 196 -13.05 2.52 9.64
N HIS B 197 -14.33 2.88 9.45
CA HIS B 197 -15.42 2.57 10.40
C HIS B 197 -16.41 1.60 9.74
N ALA B 198 -17.23 0.94 10.55
CA ALA B 198 -18.26 0.02 10.05
C ALA B 198 -19.19 0.77 9.11
N PRO B 199 -19.64 0.17 7.98
CA PRO B 199 -19.30 -1.21 7.60
C PRO B 199 -17.99 -1.40 6.83
N GLY B 200 -17.25 -0.31 6.63
CA GLY B 200 -15.87 -0.41 6.10
C GLY B 200 -15.79 -0.31 4.60
N TYR B 201 -16.65 0.49 3.97
CA TYR B 201 -16.72 0.60 2.50
C TYR B 201 -16.00 1.86 2.01
N GLN B 202 -15.63 1.82 0.73
CA GLN B 202 -15.03 2.95 -0.01
C GLN B 202 -15.85 3.13 -1.29
N LEU B 203 -16.94 3.88 -1.16
CA LEU B 203 -17.96 3.99 -2.21
C LEU B 203 -17.71 5.21 -3.07
N PRO B 204 -18.25 5.21 -4.30
CA PRO B 204 -18.20 6.37 -5.17
C PRO B 204 -19.01 7.54 -4.62
N LYS B 205 -18.64 8.73 -5.06
CA LYS B 205 -19.25 10.01 -4.67
C LYS B 205 -20.78 9.94 -4.74
N ALA B 206 -21.34 9.42 -5.83
CA ALA B 206 -22.81 9.37 -6.04
C ALA B 206 -23.46 8.55 -4.91
N GLU B 207 -22.82 7.47 -4.47
CA GLU B 207 -23.36 6.61 -3.41
C GLU B 207 -23.24 7.33 -2.07
N ILE B 208 -22.18 8.11 -1.84
CA ILE B 208 -22.06 8.93 -0.61
C ILE B 208 -23.21 9.93 -0.59
N VAL B 209 -23.51 10.57 -1.72
CA VAL B 209 -24.64 11.54 -1.76
C VAL B 209 -25.96 10.77 -1.54
N ARG B 210 -26.12 9.60 -2.14
CA ARG B 210 -27.34 8.79 -1.94
C ARG B 210 -27.53 8.47 -0.45
N ILE B 211 -26.47 8.02 0.20
CA ILE B 211 -26.51 7.67 1.65
C ILE B 211 -26.86 8.93 2.44
N ALA B 212 -26.19 10.04 2.16
CA ALA B 212 -26.42 11.31 2.88
C ALA B 212 -27.90 11.68 2.74
N HIS B 213 -28.43 11.58 1.54
CA HIS B 213 -29.82 12.00 1.26
C HIS B 213 -30.79 11.09 2.01
N ASN B 214 -30.51 9.79 2.08
CA ASN B 214 -31.36 8.85 2.86
C ASN B 214 -31.25 9.11 4.35
N VAL B 215 -30.05 9.43 4.85
CA VAL B 215 -29.89 9.82 6.28
C VAL B 215 -30.71 11.08 6.57
N LEU B 216 -30.65 12.07 5.68
CA LEU B 216 -31.33 13.36 5.90
C LEU B 216 -32.85 13.17 5.82
N LYS B 217 -33.36 12.37 4.87
CA LYS B 217 -34.80 12.07 4.81
C LYS B 217 -35.20 11.29 6.05
N ALA B 218 -34.37 10.35 6.51
CA ALA B 218 -34.60 9.58 7.75
C ALA B 218 -34.76 10.56 8.91
N HIS B 219 -33.86 11.55 9.00
CA HIS B 219 -33.92 12.60 10.03
C HIS B 219 -35.30 13.27 10.00
N GLY B 220 -35.73 13.73 8.83
CA GLY B 220 -37.04 14.40 8.66
C GLY B 220 -38.18 13.54 9.15
N LEU B 221 -38.23 12.28 8.72
CA LEU B 221 -39.32 11.35 9.13
C LEU B 221 -39.25 11.11 10.63
N ALA B 222 -38.05 11.02 11.22
CA ALA B 222 -37.89 10.78 12.66
C ALA B 222 -38.38 12.00 13.42
N VAL B 223 -38.09 13.21 12.94
CA VAL B 223 -38.59 14.44 13.60
C VAL B 223 -40.12 14.35 13.65
N LYS B 224 -40.76 13.99 12.54
CA LYS B 224 -42.25 13.89 12.50
C LYS B 224 -42.73 12.88 13.53
N GLU B 225 -42.06 11.72 13.66
CA GLU B 225 -42.47 10.70 14.66
C GLU B 225 -42.28 11.26 16.08
N LEU B 226 -41.18 11.97 16.34
CA LEU B 226 -40.84 12.43 17.70
C LEU B 226 -41.79 13.58 18.09
N ARG B 227 -42.42 14.25 17.13
CA ARG B 227 -43.38 15.36 17.43
C ARG B 227 -44.74 14.79 17.84
N LYS B 228 -45.02 13.52 17.56
CA LYS B 228 -46.35 12.91 17.85
C LYS B 228 -46.43 12.58 19.34
N GLY B 229 -47.33 13.24 20.08
CA GLY B 229 -47.46 13.03 21.53
C GLY B 229 -46.78 14.13 22.31
N GLU B 230 -45.97 13.76 23.30
CA GLU B 230 -45.44 14.69 24.31
C GLU B 230 -44.56 15.74 23.65
N PRO B 231 -44.59 16.99 24.17
CA PRO B 231 -43.66 18.02 23.72
C PRO B 231 -42.21 17.59 24.01
N CYS B 232 -41.31 17.94 23.10
CA CYS B 232 -39.87 17.65 23.27
C CYS B 232 -39.03 18.63 22.47
N LYS B 233 -37.73 18.65 22.77
CA LYS B 233 -36.71 19.42 22.03
C LYS B 233 -35.92 18.40 21.19
N ILE B 234 -35.79 18.67 19.90
CA ILE B 234 -35.14 17.73 18.94
C ILE B 234 -33.94 18.45 18.34
N GLY B 235 -32.80 17.75 18.29
CA GLY B 235 -31.59 18.27 17.65
C GLY B 235 -31.00 17.28 16.65
N PHE B 236 -29.93 17.73 16.02
CA PHE B 236 -29.15 17.01 15.00
C PHE B 236 -27.69 17.38 15.27
N THR B 237 -26.81 16.41 15.44
CA THR B 237 -25.43 16.67 15.93
C THR B 237 -24.44 16.50 14.77
N GLY B 238 -23.68 17.54 14.51
CA GLY B 238 -22.57 17.50 13.53
C GLY B 238 -21.23 17.32 14.21
N ALA B 239 -20.31 16.60 13.57
CA ALA B 239 -18.88 16.67 13.86
C ALA B 239 -18.37 17.95 13.20
N SER B 240 -17.72 18.81 13.96
CA SER B 240 -17.26 20.12 13.42
C SER B 240 -15.80 20.37 13.77
N CYS B 241 -15.03 20.86 12.79
CA CYS B 241 -13.61 21.24 12.93
C CYS B 241 -13.51 22.71 12.53
N PRO B 242 -13.85 23.63 13.46
CA PRO B 242 -14.00 25.04 13.09
C PRO B 242 -12.72 25.68 12.52
N CYS B 243 -12.91 26.60 11.59
CA CYS B 243 -11.82 27.45 11.05
C CYS B 243 -11.63 28.63 11.99
N ILE B 244 -10.42 28.78 12.50
CA ILE B 244 -10.07 29.86 13.48
C ILE B 244 -9.38 30.95 12.68
N PRO B 245 -9.96 32.16 12.61
CA PRO B 245 -9.39 33.23 11.80
C PRO B 245 -8.00 33.64 12.28
N ALA B 246 -7.22 34.23 11.36
CA ALA B 246 -5.83 34.67 11.58
C ALA B 246 -5.79 35.85 12.57
N SER B 247 -6.87 36.64 12.63
CA SER B 247 -6.99 37.82 13.51
C SER B 247 -8.46 38.17 13.70
N ASP B 248 -8.74 39.22 14.46
CA ASP B 248 -10.11 39.77 14.66
C ASP B 248 -10.45 40.77 13.57
N ARG B 249 -9.60 40.95 12.55
CA ARG B 249 -9.96 41.76 11.36
C ARG B 249 -11.20 41.17 10.68
N LYS B 250 -12.16 42.03 10.34
CA LYS B 250 -13.43 41.65 9.69
C LYS B 250 -13.17 40.71 8.50
N GLU B 251 -12.18 41.05 7.66
CA GLU B 251 -11.91 40.28 6.42
C GLU B 251 -11.32 38.91 6.77
N ASP B 252 -10.48 38.80 7.80
CA ASP B 252 -9.90 37.49 8.23
C ASP B 252 -11.01 36.61 8.79
N ILE B 253 -11.92 37.20 9.55
CA ILE B 253 -13.10 36.48 10.10
C ILE B 253 -13.97 35.98 8.95
N GLU B 254 -14.28 36.85 7.97
CA GLU B 254 -15.10 36.45 6.79
C GLU B 254 -14.44 35.29 6.05
N ALA B 255 -13.13 35.32 5.86
CA ALA B 255 -12.38 34.26 5.13
C ALA B 255 -12.53 32.94 5.88
N ALA B 256 -12.45 32.97 7.21
CA ALA B 256 -12.59 31.76 8.06
C ALA B 256 -14.03 31.25 7.96
N TYR B 257 -15.01 32.14 8.04
CA TYR B 257 -16.44 31.77 7.92
C TYR B 257 -16.66 31.08 6.57
N ASN B 258 -16.13 31.66 5.49
CA ASN B 258 -16.35 31.14 4.12
C ASN B 258 -15.70 29.75 4.01
N GLN B 259 -14.50 29.57 4.54
CA GLN B 259 -13.81 28.25 4.49
C GLN B 259 -14.62 27.24 5.31
N TYR B 260 -15.06 27.64 6.50
CA TYR B 260 -15.81 26.74 7.42
C TYR B 260 -17.05 26.17 6.73
N PHE B 261 -17.76 26.99 5.96
CA PHE B 261 -19.03 26.60 5.33
C PHE B 261 -18.84 26.24 3.85
N SER B 262 -17.59 26.08 3.41
CA SER B 262 -17.30 25.66 2.02
C SER B 262 -17.51 24.15 1.90
N SER B 263 -17.83 23.72 0.68
CA SER B 263 -17.83 22.29 0.32
C SER B 263 -17.77 22.23 -1.20
N ASN B 264 -17.35 21.09 -1.72
CA ASN B 264 -17.35 20.86 -3.18
C ASN B 264 -17.43 19.35 -3.41
N SER B 265 -17.60 18.92 -4.65
CA SER B 265 -17.84 17.50 -4.98
C SER B 265 -16.64 16.63 -4.55
N ASN B 266 -15.43 17.20 -4.43
CA ASN B 266 -14.21 16.45 -4.05
C ASN B 266 -13.96 16.49 -2.55
N GLU B 267 -14.67 17.33 -1.79
CA GLU B 267 -14.47 17.45 -0.33
C GLU B 267 -15.77 17.98 0.28
N PHE B 268 -16.67 17.08 0.70
CA PHE B 268 -17.97 17.51 1.26
C PHE B 268 -18.40 16.68 2.48
N VAL B 269 -18.07 15.39 2.53
CA VAL B 269 -18.79 14.51 3.50
C VAL B 269 -18.42 14.93 4.93
N PHE B 270 -17.22 15.46 5.16
CA PHE B 270 -16.75 15.82 6.52
C PHE B 270 -17.05 17.29 6.84
N THR B 271 -17.77 17.99 5.97
CA THR B 271 -18.02 19.44 6.13
C THR B 271 -19.29 19.66 6.97
N ASP B 272 -19.46 20.92 7.40
CA ASP B 272 -20.64 21.37 8.16
C ASP B 272 -21.80 21.66 7.21
N ALA B 273 -21.57 22.45 6.17
CA ALA B 273 -22.66 23.00 5.34
C ALA B 273 -23.35 21.88 4.57
N PHE B 274 -22.62 20.84 4.16
CA PHE B 274 -23.22 19.77 3.35
C PHE B 274 -24.40 19.14 4.12
N TRP B 275 -24.26 19.02 5.44
CA TRP B 275 -25.26 18.35 6.31
C TRP B 275 -26.25 19.37 6.88
N PHE B 276 -25.75 20.51 7.37
CA PHE B 276 -26.62 21.47 8.10
C PHE B 276 -27.44 22.33 7.13
N ASP B 277 -26.94 22.64 5.92
CA ASP B 277 -27.77 23.46 4.99
C ASP B 277 -29.05 22.67 4.67
N PRO B 278 -29.01 21.37 4.31
CA PRO B 278 -30.26 20.63 4.14
C PRO B 278 -31.17 20.67 5.37
N VAL B 279 -30.63 20.36 6.55
CA VAL B 279 -31.43 20.22 7.79
C VAL B 279 -32.08 21.58 8.12
N LEU B 280 -31.31 22.66 8.06
CA LEU B 280 -31.73 23.95 8.65
C LEU B 280 -32.26 24.91 7.57
N LYS B 281 -31.73 24.84 6.35
CA LYS B 281 -32.10 25.79 5.27
C LYS B 281 -32.93 25.09 4.18
N GLY B 282 -33.06 23.75 4.21
CA GLY B 282 -33.80 23.01 3.18
C GLY B 282 -33.16 23.11 1.82
N ARG B 283 -31.84 23.27 1.75
CA ARG B 283 -31.12 23.20 0.46
C ARG B 283 -29.76 22.56 0.67
N TYR B 284 -29.30 21.84 -0.33
CA TYR B 284 -27.90 21.39 -0.40
C TYR B 284 -27.04 22.55 -0.86
N PRO B 285 -25.71 22.51 -0.62
CA PRO B 285 -24.79 23.39 -1.33
C PRO B 285 -25.08 23.35 -2.83
N LYS B 286 -24.85 24.47 -3.52
CA LYS B 286 -25.23 24.62 -4.95
C LYS B 286 -24.59 23.53 -5.81
N TRP B 287 -23.36 23.10 -5.49
CA TRP B 287 -22.61 22.15 -6.37
C TRP B 287 -23.37 20.84 -6.50
N VAL B 288 -24.18 20.46 -5.51
CA VAL B 288 -24.90 19.15 -5.53
C VAL B 288 -25.85 19.12 -6.74
N THR B 289 -26.47 20.26 -7.07
CA THR B 289 -27.44 20.38 -8.19
C THR B 289 -26.75 20.08 -9.54
N TYR B 290 -25.44 20.28 -9.68
CA TYR B 290 -24.74 20.20 -10.99
C TYR B 290 -24.04 18.85 -11.18
N ILE B 291 -24.02 17.96 -10.18
CA ILE B 291 -23.28 16.68 -10.30
C ILE B 291 -24.10 15.70 -11.14
N ASN B 292 -23.49 15.12 -12.18
CA ASN B 292 -24.15 14.19 -13.12
C ASN B 292 -23.56 12.78 -13.00
N ASN B 293 -22.75 12.49 -11.96
CA ASN B 293 -22.09 11.16 -11.79
C ASN B 293 -23.14 10.06 -11.95
N VAL B 294 -22.70 8.93 -12.52
CA VAL B 294 -23.58 7.75 -12.75
C VAL B 294 -24.24 7.41 -11.41
N SER B 295 -25.58 7.30 -11.38
CA SER B 295 -26.35 6.75 -10.23
C SER B 295 -26.62 7.83 -9.17
N MET B 296 -26.40 9.10 -9.46
CA MET B 296 -26.74 10.19 -8.50
C MET B 296 -28.19 10.02 -8.08
N PRO B 297 -28.54 10.18 -6.79
CA PRO B 297 -29.94 10.19 -6.39
C PRO B 297 -30.64 11.40 -7.00
N ILE B 298 -31.94 11.26 -7.23
CA ILE B 298 -32.83 12.38 -7.68
C ILE B 298 -33.33 13.08 -6.41
N ILE B 299 -32.93 14.33 -6.25
CA ILE B 299 -33.25 15.13 -5.04
C ILE B 299 -34.42 16.05 -5.41
N THR B 300 -35.56 15.90 -4.74
CA THR B 300 -36.81 16.64 -5.09
C THR B 300 -37.09 17.76 -4.09
N LYS B 301 -37.90 18.73 -4.50
CA LYS B 301 -38.41 19.80 -3.59
C LYS B 301 -39.07 19.15 -2.37
N GLU B 302 -39.86 18.10 -2.57
CA GLU B 302 -40.59 17.39 -1.49
C GLU B 302 -39.57 16.77 -0.53
N ASP B 303 -38.49 16.18 -1.05
CA ASP B 303 -37.41 15.62 -0.20
C ASP B 303 -36.86 16.74 0.71
N MET B 304 -36.60 17.91 0.17
CA MET B 304 -35.93 19.00 0.93
C MET B 304 -36.89 19.54 1.99
N GLU B 305 -38.20 19.59 1.70
CA GLU B 305 -39.22 19.98 2.71
C GLU B 305 -39.22 18.95 3.85
N LEU B 306 -39.15 17.66 3.52
CA LEU B 306 -39.11 16.57 4.53
C LEU B 306 -37.87 16.75 5.40
N ILE B 307 -36.70 16.92 4.78
CA ILE B 307 -35.41 16.98 5.52
C ILE B 307 -35.46 18.15 6.51
N SER B 308 -36.03 19.29 6.11
CA SER B 308 -35.92 20.57 6.86
C SER B 308 -37.11 20.76 7.80
N GLN B 309 -37.56 19.70 8.47
CA GLN B 309 -38.53 19.81 9.59
C GLN B 309 -37.96 20.74 10.66
N PRO B 310 -38.79 21.61 11.27
CA PRO B 310 -38.32 22.45 12.37
C PRO B 310 -37.69 21.61 13.48
N ILE B 311 -36.51 22.00 13.91
CA ILE B 311 -35.84 21.41 15.09
C ILE B 311 -35.48 22.51 16.07
N ASP B 312 -35.13 22.14 17.29
CA ASP B 312 -35.02 23.08 18.43
C ASP B 312 -33.57 23.51 18.67
N PHE B 313 -32.60 22.63 18.40
CA PHE B 313 -31.18 22.99 18.62
C PHE B 313 -30.29 22.28 17.61
N VAL B 314 -29.14 22.89 17.38
CA VAL B 314 -28.01 22.36 16.59
C VAL B 314 -27.01 21.78 17.58
N GLY B 315 -26.67 20.51 17.41
CA GLY B 315 -25.63 19.87 18.21
C GLY B 315 -24.30 19.99 17.50
N LEU B 316 -23.28 20.45 18.22
CA LEU B 316 -21.89 20.46 17.73
C LEU B 316 -21.04 19.57 18.63
N ASN B 317 -20.37 18.61 18.01
CA ASN B 317 -19.27 17.87 18.68
C ASN B 317 -17.98 18.48 18.15
N ILE B 318 -17.28 19.23 19.00
CA ILE B 318 -16.03 19.93 18.62
C ILE B 318 -14.93 19.47 19.56
N TYR B 319 -13.83 18.97 18.99
CA TYR B 319 -12.62 18.58 19.74
C TYR B 319 -11.49 19.57 19.45
N ASN B 320 -11.40 20.01 18.22
CA ASN B 320 -10.41 21.03 17.83
C ASN B 320 -10.83 21.63 16.50
N GLY B 321 -10.10 22.64 16.07
CA GLY B 321 -10.32 23.31 14.79
C GLY B 321 -9.02 23.37 14.02
N LYS B 322 -8.98 24.26 13.03
CA LYS B 322 -7.79 24.47 12.20
C LYS B 322 -7.62 25.98 12.09
N TYR B 323 -6.37 26.43 12.16
CA TYR B 323 -6.04 27.86 12.00
C TYR B 323 -5.92 28.13 10.50
N VAL B 324 -6.55 29.21 10.05
CA VAL B 324 -6.54 29.60 8.63
C VAL B 324 -5.85 30.95 8.51
N ASN B 325 -5.24 31.19 7.34
CA ASN B 325 -4.58 32.48 7.05
C ASN B 325 -5.66 33.49 6.67
N GLU B 326 -5.25 34.72 6.36
CA GLU B 326 -6.15 35.84 6.00
C GLU B 326 -7.03 35.49 4.81
N ASP B 327 -6.63 34.54 3.96
CA ASP B 327 -7.41 34.12 2.77
C ASP B 327 -8.23 32.85 3.01
N GLY B 328 -8.19 32.26 4.20
CA GLY B 328 -8.96 31.03 4.52
C GLY B 328 -8.21 29.76 4.17
N GLY B 329 -6.94 29.87 3.75
CA GLY B 329 -6.05 28.71 3.54
C GLY B 329 -5.63 28.12 4.88
N ILE B 330 -5.40 26.83 4.94
CA ILE B 330 -5.06 26.13 6.21
C ILE B 330 -3.60 26.46 6.52
N LEU B 331 -3.30 27.00 7.70
CA LEU B 331 -1.91 27.16 8.21
C LEU B 331 -1.37 25.81 8.68
N GLN B 332 -0.08 25.52 8.51
CA GLN B 332 0.50 24.26 9.06
C GLN B 332 0.49 24.39 10.59
N LYS B 333 0.27 23.27 11.28
CA LYS B 333 0.29 23.21 12.76
C LYS B 333 1.65 23.75 13.24
N LYS B 334 1.63 24.56 14.32
CA LYS B 334 2.84 25.01 15.07
C LYS B 334 3.66 23.78 15.48
N GLN B 335 4.98 23.93 15.40
CA GLN B 335 5.92 22.86 15.83
C GLN B 335 5.74 22.63 17.34
N GLY B 336 5.41 21.41 17.74
CA GLY B 336 5.24 21.03 19.16
C GLY B 336 3.95 21.56 19.76
N VAL B 337 2.96 21.86 18.92
CA VAL B 337 1.62 22.29 19.38
C VAL B 337 1.12 21.31 20.44
N PRO B 338 0.53 21.81 21.56
CA PRO B 338 -0.13 20.94 22.52
C PRO B 338 -1.12 20.02 21.80
N ARG B 339 -1.11 18.75 22.17
CA ARG B 339 -1.94 17.74 21.48
C ARG B 339 -2.47 16.75 22.50
N THR B 340 -3.23 15.77 22.02
CA THR B 340 -3.92 14.78 22.87
C THR B 340 -3.39 13.40 22.56
N ALA B 341 -3.81 12.42 23.35
CA ALA B 341 -3.31 11.02 23.23
C ALA B 341 -3.78 10.38 21.91
N ILE B 342 -4.81 10.90 21.24
CA ILE B 342 -5.27 10.35 19.95
C ILE B 342 -4.55 11.06 18.79
N GLY B 343 -3.78 12.11 19.10
CA GLY B 343 -2.92 12.82 18.14
C GLY B 343 -3.47 14.18 17.74
N TRP B 344 -4.70 14.50 18.11
CA TRP B 344 -5.35 15.76 17.67
C TRP B 344 -4.72 16.93 18.41
N PRO B 345 -4.64 18.13 17.77
CA PRO B 345 -4.12 19.30 18.45
C PRO B 345 -5.15 19.87 19.42
N ILE B 346 -4.67 20.66 20.38
CA ILE B 346 -5.52 21.42 21.32
C ILE B 346 -5.60 22.84 20.75
N THR B 347 -6.81 23.26 20.39
CA THR B 347 -7.09 24.56 19.72
C THR B 347 -8.28 25.20 20.44
N GLN B 348 -8.01 25.86 21.57
CA GLN B 348 -9.08 26.32 22.49
C GLN B 348 -10.10 27.16 21.71
N GLU B 349 -9.67 27.98 20.75
CA GLU B 349 -10.57 28.96 20.07
C GLU B 349 -11.60 28.24 19.20
N ALA B 350 -11.47 26.93 18.96
CA ALA B 350 -12.50 26.18 18.21
C ALA B 350 -13.86 26.28 18.91
N LEU B 351 -13.91 26.36 20.25
CA LEU B 351 -15.20 26.35 20.98
C LEU B 351 -15.71 27.79 21.12
N TYR B 352 -15.00 28.77 20.56
CA TYR B 352 -15.54 30.12 20.29
C TYR B 352 -16.06 30.19 18.86
N TRP B 353 -15.20 29.96 17.87
CA TRP B 353 -15.54 30.21 16.44
C TRP B 353 -16.57 29.21 15.90
N GLY B 354 -16.48 27.94 16.28
CA GLY B 354 -17.47 26.98 15.80
C GLY B 354 -18.89 27.43 16.19
N PRO B 355 -19.16 27.62 17.48
CA PRO B 355 -20.47 28.09 17.92
C PRO B 355 -20.84 29.44 17.31
N ARG B 356 -19.91 30.39 17.25
CA ARG B 356 -20.21 31.74 16.71
C ARG B 356 -20.64 31.63 15.24
N PHE B 357 -19.84 30.99 14.41
CA PHE B 357 -20.15 30.88 12.96
C PHE B 357 -21.45 30.09 12.77
N THR B 358 -21.66 29.03 13.54
CA THR B 358 -22.88 28.19 13.40
C THR B 358 -24.10 29.05 13.78
N SER B 359 -23.95 29.85 14.83
CA SER B 359 -25.02 30.78 15.30
C SER B 359 -25.32 31.80 14.21
N GLU B 360 -24.29 32.39 13.61
CA GLU B 360 -24.46 33.44 12.57
C GLU B 360 -25.14 32.85 11.34
N ARG B 361 -24.81 31.63 10.94
CA ARG B 361 -25.35 31.06 9.68
C ARG B 361 -26.81 30.65 9.88
N TYR B 362 -27.14 30.01 10.99
CA TYR B 362 -28.42 29.28 11.14
C TYR B 362 -29.36 29.97 12.15
N HIS B 363 -28.85 30.83 13.03
CA HIS B 363 -29.69 31.51 14.06
C HIS B 363 -30.50 30.49 14.86
N LYS B 364 -29.87 29.39 15.27
CA LYS B 364 -30.52 28.37 16.11
C LYS B 364 -29.73 28.25 17.39
N PRO B 365 -30.39 27.88 18.50
CA PRO B 365 -29.68 27.54 19.72
C PRO B 365 -28.73 26.36 19.47
N ILE B 366 -27.60 26.39 20.15
CA ILE B 366 -26.52 25.37 20.02
C ILE B 366 -26.42 24.62 21.33
N MET B 367 -26.22 23.31 21.23
CA MET B 367 -25.71 22.51 22.35
C MET B 367 -24.38 21.91 21.92
N ILE B 368 -23.36 22.06 22.75
CA ILE B 368 -22.09 21.31 22.55
C ILE B 368 -22.37 19.90 23.07
N THR B 369 -22.69 18.99 22.15
CA THR B 369 -23.13 17.63 22.49
C THR B 369 -21.91 16.74 22.74
N GLY B 370 -20.69 17.25 22.55
CA GLY B 370 -19.48 16.47 22.81
C GLY B 370 -18.25 17.34 22.71
N ASN B 371 -17.46 17.31 23.76
CA ASN B 371 -16.16 18.02 23.83
C ASN B 371 -15.37 17.30 24.89
N GLY B 372 -14.11 16.99 24.61
CA GLY B 372 -13.26 16.30 25.58
C GLY B 372 -11.94 15.93 24.95
N MET B 373 -11.16 15.16 25.67
CA MET B 373 -9.75 14.92 25.32
C MET B 373 -9.39 13.47 25.62
N SER B 374 -8.71 12.82 24.68
CA SER B 374 -8.02 11.54 24.92
C SER B 374 -6.73 11.82 25.69
N CYS B 375 -6.50 11.14 26.81
CA CYS B 375 -5.28 11.33 27.62
C CYS B 375 -4.68 9.97 27.91
N HIS B 376 -3.36 9.93 28.09
CA HIS B 376 -2.67 8.69 28.49
C HIS B 376 -2.84 8.52 30.00
N ASP B 377 -4.05 8.20 30.42
CA ASP B 377 -4.38 8.10 31.87
C ASP B 377 -3.91 6.75 32.43
N CYS B 378 -3.56 6.76 33.70
CA CYS B 378 -3.02 5.59 34.43
C CYS B 378 -3.55 5.69 35.87
N ILE B 379 -3.58 4.60 36.60
CA ILE B 379 -3.76 4.65 38.07
C ILE B 379 -2.36 4.87 38.65
N SER B 380 -2.14 6.00 39.31
CA SER B 380 -0.85 6.36 39.91
C SER B 380 -0.63 5.50 41.17
N LEU B 381 0.57 5.55 41.72
CA LEU B 381 0.93 4.79 42.95
C LEU B 381 -0.03 5.13 44.09
N ASP B 382 -0.59 6.34 44.12
CA ASP B 382 -1.54 6.77 45.17
C ASP B 382 -2.96 6.20 44.94
N GLY B 383 -3.19 5.43 43.87
CA GLY B 383 -4.48 4.79 43.54
C GLY B 383 -5.46 5.74 42.87
N LYS B 384 -5.03 6.95 42.53
CA LYS B 384 -5.91 7.98 41.94
C LYS B 384 -5.58 8.10 40.45
N VAL B 385 -6.46 8.77 39.71
CA VAL B 385 -6.23 9.02 38.27
C VAL B 385 -6.13 10.52 38.08
N HIS B 386 -4.91 11.00 37.87
CA HIS B 386 -4.57 12.43 37.76
C HIS B 386 -4.51 12.81 36.29
N ASP B 387 -5.37 13.73 35.85
CA ASP B 387 -5.50 14.08 34.42
C ASP B 387 -5.52 15.61 34.28
N GLU B 388 -4.49 16.26 34.80
CA GLU B 388 -4.36 17.74 34.71
C GLU B 388 -4.46 18.20 33.25
N ASN B 389 -3.96 17.45 32.27
CA ASN B 389 -4.05 17.90 30.84
C ASN B 389 -5.51 17.99 30.41
N ARG B 390 -6.37 17.07 30.87
CA ARG B 390 -7.81 17.13 30.53
C ARG B 390 -8.46 18.33 31.26
N ILE B 391 -8.06 18.59 32.50
CA ILE B 391 -8.57 19.77 33.25
C ILE B 391 -8.21 21.04 32.47
N ASP B 392 -6.95 21.17 32.06
CA ASP B 392 -6.50 22.38 31.33
C ASP B 392 -7.30 22.50 30.02
N TYR B 393 -7.46 21.40 29.29
CA TYR B 393 -8.23 21.36 28.02
C TYR B 393 -9.65 21.89 28.30
N MET B 394 -10.33 21.30 29.27
CA MET B 394 -11.74 21.64 29.58
C MET B 394 -11.81 23.12 30.00
N HIS B 395 -10.89 23.55 30.86
CA HIS B 395 -10.85 24.95 31.35
C HIS B 395 -10.71 25.91 30.17
N ARG B 396 -9.74 25.63 29.30
CA ARG B 396 -9.46 26.51 28.14
C ARG B 396 -10.66 26.53 27.19
N TYR B 397 -11.22 25.39 26.85
CA TYR B 397 -12.33 25.32 25.87
C TYR B 397 -13.58 25.99 26.45
N LEU B 398 -13.86 25.76 27.73
CA LEU B 398 -15.08 26.34 28.35
C LEU B 398 -14.93 27.86 28.45
N LEU B 399 -13.72 28.38 28.67
CA LEU B 399 -13.52 29.86 28.65
C LEU B 399 -13.90 30.40 27.28
N GLN B 400 -13.56 29.68 26.20
CA GLN B 400 -13.87 30.13 24.83
C GLN B 400 -15.38 30.04 24.59
N LEU B 401 -16.03 28.99 25.05
CA LEU B 401 -17.51 28.85 24.92
C LEU B 401 -18.18 29.99 25.69
N LYS B 402 -17.68 30.30 26.89
CA LYS B 402 -18.27 31.38 27.72
C LYS B 402 -18.14 32.71 26.96
N LYS B 403 -17.03 32.93 26.28
CA LYS B 403 -16.83 34.15 25.46
C LYS B 403 -17.82 34.18 24.29
N ALA B 404 -18.11 33.04 23.65
CA ALA B 404 -19.11 32.95 22.57
C ALA B 404 -20.49 33.35 23.11
N ILE B 405 -20.83 32.90 24.32
CA ILE B 405 -22.13 33.25 24.97
C ILE B 405 -22.15 34.77 25.20
N ALA B 406 -21.06 35.33 25.72
CA ALA B 406 -20.93 36.80 25.95
C ALA B 406 -21.13 37.54 24.62
N ASP B 407 -20.63 36.98 23.52
CA ASP B 407 -20.71 37.63 22.18
C ASP B 407 -22.04 37.32 21.49
N GLY B 408 -22.98 36.65 22.15
CA GLY B 408 -24.37 36.57 21.67
C GLY B 408 -24.74 35.22 21.08
N VAL B 409 -23.89 34.21 21.23
CA VAL B 409 -24.28 32.84 20.79
C VAL B 409 -25.23 32.25 21.83
N ASP B 410 -26.38 31.74 21.38
N ASP B 410 -26.39 31.76 21.39
CA ASP B 410 -27.34 31.03 22.25
CA ASP B 410 -27.36 31.03 22.25
C ASP B 410 -26.86 29.60 22.46
C ASP B 410 -26.86 29.61 22.44
N VAL B 411 -26.16 29.34 23.55
CA VAL B 411 -25.66 27.98 23.90
C VAL B 411 -26.49 27.47 25.07
N GLU B 412 -27.13 26.32 24.91
CA GLU B 412 -28.11 25.80 25.89
C GLU B 412 -27.49 24.69 26.73
N GLY B 413 -26.35 24.12 26.30
CA GLY B 413 -25.74 23.04 27.07
C GLY B 413 -24.36 22.67 26.59
N TYR B 414 -23.67 21.90 27.41
CA TYR B 414 -22.30 21.41 27.18
C TYR B 414 -22.23 20.01 27.75
N TYR B 415 -21.83 19.05 26.92
CA TYR B 415 -21.72 17.63 27.31
C TYR B 415 -20.27 17.21 27.17
N ALA B 416 -19.66 16.88 28.29
CA ALA B 416 -18.28 16.35 28.34
C ALA B 416 -18.28 14.97 27.70
N TRP B 417 -17.46 14.79 26.65
CA TRP B 417 -17.18 13.46 26.06
C TRP B 417 -15.93 12.95 26.76
N SER B 418 -16.01 11.95 27.66
CA SER B 418 -17.16 11.09 27.92
C SER B 418 -17.30 10.86 29.43
N LEU B 419 -18.46 10.38 29.89
CA LEU B 419 -18.61 9.96 31.31
C LEU B 419 -17.51 8.94 31.63
N LEU B 420 -17.33 7.97 30.74
CA LEU B 420 -16.47 6.79 30.98
C LEU B 420 -15.41 6.70 29.89
N ASP B 421 -14.21 6.26 30.26
CA ASP B 421 -13.29 5.65 29.27
C ASP B 421 -14.08 4.54 28.56
N ASN B 422 -13.90 4.39 27.25
CA ASN B 422 -14.76 3.45 26.51
C ASN B 422 -14.07 2.99 25.23
N PHE B 423 -14.82 2.23 24.42
CA PHE B 423 -14.37 1.70 23.12
C PHE B 423 -14.35 2.87 22.12
N GLU B 424 -13.16 3.35 21.77
CA GLU B 424 -12.99 4.46 20.80
C GLU B 424 -12.89 3.89 19.39
N TRP B 425 -13.94 3.19 18.94
CA TRP B 425 -14.14 2.81 17.52
C TRP B 425 -12.89 2.11 16.99
N ALA B 426 -12.29 2.55 15.89
CA ALA B 426 -11.19 1.78 15.26
C ALA B 426 -9.93 1.85 16.13
N ASN B 427 -9.88 2.74 17.13
CA ASN B 427 -8.74 2.81 18.09
C ASN B 427 -8.97 1.87 19.28
N GLY B 428 -10.07 1.13 19.31
CA GLY B 428 -10.36 0.23 20.44
C GLY B 428 -10.25 0.94 21.77
N TYR B 429 -9.68 0.29 22.79
CA TYR B 429 -9.61 0.86 24.16
C TYR B 429 -8.33 1.67 24.34
N ASN B 430 -7.61 1.96 23.27
CA ASN B 430 -6.29 2.64 23.34
C ASN B 430 -6.45 4.15 23.56
N ASP B 431 -7.66 4.69 23.47
CA ASP B 431 -7.91 6.12 23.72
C ASP B 431 -8.94 6.25 24.84
N ARG B 432 -8.56 6.97 25.88
CA ARG B 432 -9.36 7.19 27.11
C ARG B 432 -9.83 8.64 27.11
N PHE B 433 -11.13 8.86 26.91
CA PHE B 433 -11.76 10.19 26.89
C PHE B 433 -12.53 10.48 28.19
N GLY B 434 -12.57 9.54 29.11
CA GLY B 434 -13.47 9.65 30.27
C GLY B 434 -13.07 10.72 31.27
N ILE B 435 -14.06 11.24 31.99
CA ILE B 435 -13.82 11.87 33.31
C ILE B 435 -13.85 10.80 34.41
N THR B 436 -14.18 9.55 34.03
CA THR B 436 -14.11 8.34 34.90
C THR B 436 -13.21 7.32 34.21
N TYR B 437 -12.19 6.85 34.93
CA TYR B 437 -11.29 5.79 34.45
C TYR B 437 -11.99 4.45 34.61
N VAL B 438 -11.83 3.56 33.63
CA VAL B 438 -12.33 2.16 33.74
C VAL B 438 -11.14 1.22 33.62
N ASP B 439 -10.94 0.37 34.62
CA ASP B 439 -9.99 -0.74 34.55
C ASP B 439 -10.74 -1.91 33.90
N TYR B 440 -10.40 -2.29 32.67
CA TYR B 440 -11.21 -3.27 31.91
C TYR B 440 -11.03 -4.67 32.50
N GLU B 441 -9.98 -4.91 33.27
CA GLU B 441 -9.76 -6.24 33.91
C GLU B 441 -10.83 -6.51 34.96
N THR B 442 -11.20 -5.49 35.74
CA THR B 442 -12.10 -5.59 36.91
C THR B 442 -13.41 -4.82 36.69
N GLN B 443 -13.48 -3.99 35.66
CA GLN B 443 -14.57 -3.01 35.41
C GLN B 443 -14.66 -1.96 36.52
N GLN B 444 -13.64 -1.81 37.35
CA GLN B 444 -13.62 -0.76 38.39
C GLN B 444 -13.71 0.62 37.72
N ARG B 445 -14.58 1.47 38.23
CA ARG B 445 -14.65 2.92 37.88
C ARG B 445 -13.86 3.70 38.92
N ILE B 446 -12.98 4.60 38.47
CA ILE B 446 -12.29 5.57 39.36
C ILE B 446 -12.53 6.95 38.77
N ILE B 447 -13.26 7.80 39.49
CA ILE B 447 -13.46 9.19 39.02
C ILE B 447 -12.09 9.86 38.96
N LYS B 448 -11.78 10.52 37.83
CA LYS B 448 -10.49 11.19 37.63
C LYS B 448 -10.56 12.59 38.27
N ASP B 449 -9.41 13.23 38.43
CA ASP B 449 -9.37 14.64 38.89
C ASP B 449 -10.32 15.50 38.05
N SER B 450 -10.41 15.27 36.74
CA SER B 450 -11.27 16.08 35.85
C SER B 450 -12.74 15.95 36.25
N GLY B 451 -13.17 14.79 36.76
CA GLY B 451 -14.54 14.60 37.24
C GLY B 451 -14.87 15.58 38.36
N PHE B 452 -13.96 15.71 39.31
CA PHE B 452 -14.14 16.60 40.49
C PHE B 452 -14.03 18.05 40.05
N PHE B 453 -13.12 18.33 39.10
CA PHE B 453 -13.00 19.67 38.48
C PHE B 453 -14.33 20.06 37.84
N TYR B 454 -14.92 19.14 37.08
CA TYR B 454 -16.19 19.37 36.37
C TYR B 454 -17.33 19.55 37.37
N GLN B 455 -17.36 18.73 38.42
CA GLN B 455 -18.36 18.84 39.52
C GLN B 455 -18.36 20.30 40.00
N GLN B 456 -17.18 20.86 40.24
CA GLN B 456 -17.03 22.24 40.79
C GLN B 456 -17.52 23.25 39.75
N ILE B 457 -17.20 23.05 38.47
CA ILE B 457 -17.71 23.95 37.38
C ILE B 457 -19.23 23.95 37.44
N ILE B 458 -19.86 22.78 37.54
CA ILE B 458 -21.34 22.67 37.47
C ILE B 458 -21.91 23.38 38.71
N GLU B 459 -21.33 23.14 39.89
CA GLU B 459 -21.84 23.71 41.17
C GLU B 459 -21.84 25.25 41.09
N THR B 460 -20.86 25.83 40.41
CA THR B 460 -20.66 27.30 40.30
C THR B 460 -21.16 27.83 38.95
N ASN B 461 -21.79 26.97 38.13
CA ASN B 461 -22.32 27.33 36.80
C ASN B 461 -21.23 27.99 35.95
N GLY B 462 -19.98 27.59 36.15
CA GLY B 462 -18.84 28.07 35.33
C GLY B 462 -18.45 29.51 35.67
N ASP B 463 -18.93 30.05 36.81
CA ASP B 463 -18.69 31.48 37.13
C ASP B 463 -17.21 31.73 37.42
N LEU B 464 -16.46 30.72 37.86
CA LEU B 464 -15.07 30.88 38.36
C LEU B 464 -14.03 30.45 37.31
N LEU B 465 -14.47 30.05 36.12
CA LEU B 465 -13.54 29.71 35.00
C LEU B 465 -12.59 30.88 34.76
N GLY C 22 19.57 0.32 49.52
CA GLY C 22 19.15 1.34 48.52
C GLY C 22 20.21 1.56 47.46
N PHE C 23 20.14 2.70 46.78
CA PHE C 23 21.08 3.04 45.69
C PHE C 23 22.46 3.25 46.27
N PRO C 24 23.53 2.79 45.58
CA PRO C 24 24.89 3.02 46.05
C PRO C 24 25.22 4.52 46.18
N LYS C 25 26.19 4.82 47.05
CA LYS C 25 26.55 6.22 47.39
C LYS C 25 27.06 6.95 46.13
N ASP C 26 27.77 6.25 45.25
CA ASP C 26 28.42 6.85 44.05
C ASP C 26 27.52 6.65 42.81
N PHE C 27 26.23 6.36 43.01
CA PHE C 27 25.27 6.08 41.89
C PHE C 27 25.22 7.30 40.98
N LEU C 28 25.34 7.07 39.68
CA LEU C 28 25.33 8.17 38.68
C LEU C 28 23.87 8.52 38.34
N TRP C 29 23.32 9.51 39.02
CA TRP C 29 21.99 10.10 38.68
C TRP C 29 22.16 11.09 37.54
N GLY C 30 21.59 10.76 36.37
CA GLY C 30 21.86 11.57 35.18
C GLY C 30 20.61 11.93 34.40
N THR C 31 20.84 12.71 33.35
CA THR C 31 19.88 12.92 32.26
C THR C 31 20.66 12.80 30.94
N ALA C 32 19.95 12.54 29.85
CA ALA C 32 20.57 12.20 28.55
C ALA C 32 19.91 13.00 27.43
N THR C 33 20.72 13.31 26.44
CA THR C 33 20.34 13.92 25.16
C THR C 33 21.18 13.29 24.05
N ALA C 34 20.89 13.70 22.81
CA ALA C 34 21.69 13.35 21.63
C ALA C 34 21.86 14.59 20.78
N SER C 35 22.99 14.67 20.10
CA SER C 35 23.43 15.84 19.33
C SER C 35 22.31 16.31 18.37
N TYR C 36 21.87 15.45 17.46
CA TYR C 36 20.93 15.89 16.39
C TYR C 36 19.58 16.29 17.02
N GLN C 37 19.22 15.69 18.13
CA GLN C 37 17.87 15.92 18.71
C GLN C 37 17.78 17.30 19.36
N ILE C 38 18.90 17.90 19.81
CA ILE C 38 18.82 19.18 20.57
C ILE C 38 19.66 20.32 19.95
N GLU C 39 20.74 20.02 19.22
CA GLU C 39 21.79 21.06 19.03
C GLU C 39 21.32 22.17 18.08
N GLY C 40 20.67 21.82 16.97
CA GLY C 40 20.52 22.75 15.83
C GLY C 40 21.89 23.15 15.30
N ALA C 41 22.02 24.40 14.85
CA ALA C 41 23.27 24.89 14.23
C ALA C 41 23.78 23.83 13.23
N ALA C 42 22.87 23.32 12.39
CA ALA C 42 23.17 22.14 11.55
C ALA C 42 24.13 22.53 10.42
N PHE C 43 24.16 23.80 10.01
CA PHE C 43 24.82 24.22 8.74
C PHE C 43 25.80 25.36 8.99
N GLU C 44 26.45 25.37 10.12
CA GLU C 44 27.36 26.51 10.40
C GLU C 44 28.59 26.05 11.14
N ASP C 45 29.53 26.98 11.28
CA ASP C 45 30.82 26.78 12.00
C ASP C 45 31.58 25.58 11.41
N GLY C 46 31.45 25.38 10.10
CA GLY C 46 32.17 24.34 9.33
C GLY C 46 31.65 22.94 9.58
N LYS C 47 30.54 22.78 10.29
CA LYS C 47 29.93 21.43 10.48
C LYS C 47 29.58 20.84 9.11
N GLY C 48 29.92 19.57 8.92
CA GLY C 48 29.55 18.80 7.73
C GLY C 48 28.10 18.31 7.81
N LEU C 49 27.51 18.02 6.67
CA LEU C 49 26.16 17.37 6.69
C LEU C 49 26.26 16.01 7.35
N ASN C 50 25.17 15.60 8.00
CA ASN C 50 24.99 14.20 8.41
C ASN C 50 23.75 13.62 7.73
N ILE C 51 23.54 12.33 7.90
CA ILE C 51 22.46 11.64 7.16
C ILE C 51 21.09 12.14 7.61
N TRP C 52 20.96 12.63 8.85
CA TRP C 52 19.65 13.15 9.34
C TRP C 52 19.36 14.53 8.76
N ASP C 53 20.38 15.35 8.52
CA ASP C 53 20.18 16.63 7.80
C ASP C 53 19.53 16.34 6.44
N VAL C 54 20.01 15.33 5.73
CA VAL C 54 19.51 15.06 4.36
C VAL C 54 18.17 14.32 4.46
N PHE C 55 18.08 13.29 5.28
CA PHE C 55 16.84 12.47 5.41
C PHE C 55 15.65 13.34 5.84
N SER C 56 15.84 14.19 6.84
CA SER C 56 14.76 15.01 7.43
C SER C 56 14.22 16.00 6.39
N HIS C 57 14.99 16.33 5.35
CA HIS C 57 14.58 17.29 4.29
C HIS C 57 13.88 16.57 3.12
N GLN C 58 13.83 15.23 3.14
CA GLN C 58 13.14 14.45 2.07
C GLN C 58 11.63 14.45 2.39
N GLU C 59 10.80 14.87 1.43
CA GLU C 59 9.33 14.98 1.62
C GLU C 59 8.80 13.70 2.26
N GLY C 60 8.07 13.81 3.36
CA GLY C 60 7.27 12.70 3.91
C GLY C 60 8.05 11.77 4.83
N LYS C 61 9.34 11.98 5.06
CA LYS C 61 10.13 11.08 5.95
C LYS C 61 9.85 11.39 7.43
N ILE C 62 9.58 12.65 7.76
CA ILE C 62 9.35 13.05 9.17
C ILE C 62 7.92 13.56 9.31
N PHE C 63 7.32 13.30 10.45
CA PHE C 63 6.05 13.93 10.88
C PHE C 63 6.08 15.42 10.52
N GLU C 64 5.11 15.87 9.70
CA GLU C 64 4.90 17.28 9.31
C GLU C 64 6.18 17.91 8.74
N ASN C 65 7.06 17.10 8.15
CA ASN C 65 8.35 17.55 7.56
C ASN C 65 9.15 18.34 8.59
N HIS C 66 9.05 18.00 9.88
CA HIS C 66 9.95 18.55 10.90
C HIS C 66 11.40 18.16 10.57
N ASN C 67 12.34 18.93 11.09
CA ASN C 67 13.78 18.58 10.94
C ASN C 67 14.54 19.15 12.13
N GLY C 68 15.80 18.76 12.26
CA GLY C 68 16.71 19.18 13.33
C GLY C 68 17.55 20.39 12.94
N ASP C 69 17.13 21.19 11.96
CA ASP C 69 17.97 22.34 11.54
C ASP C 69 18.30 23.22 12.75
N VAL C 70 17.29 23.46 13.60
CA VAL C 70 17.38 24.34 14.79
C VAL C 70 17.15 23.52 16.05
N ALA C 71 16.18 22.57 16.05
CA ALA C 71 15.89 21.74 17.23
C ALA C 71 15.72 22.64 18.46
N CYS C 72 16.44 22.37 19.55
CA CYS C 72 16.34 23.16 20.80
C CYS C 72 17.37 24.29 20.80
N ASP C 73 18.09 24.46 19.68
CA ASP C 73 19.12 25.53 19.55
C ASP C 73 20.10 25.42 20.71
N HIS C 74 20.38 24.20 21.19
CA HIS C 74 21.26 23.97 22.36
C HIS C 74 22.69 24.41 22.04
N TYR C 75 23.11 24.34 20.77
CA TYR C 75 24.46 24.78 20.35
C TYR C 75 24.66 26.23 20.81
N ASN C 76 23.59 27.03 20.75
CA ASN C 76 23.63 28.49 21.04
C ASN C 76 23.12 28.79 22.45
N ARG C 77 22.58 27.82 23.19
CA ARG C 77 21.93 28.08 24.49
C ARG C 77 22.60 27.21 25.56
N LEU C 78 23.89 26.88 25.36
CA LEU C 78 24.64 25.92 26.21
C LEU C 78 24.56 26.32 27.70
N GLU C 79 24.82 27.60 27.97
CA GLU C 79 24.92 28.11 29.36
C GLU C 79 23.58 27.92 30.08
N GLU C 80 22.47 28.24 29.42
CA GLU C 80 21.12 28.09 29.98
C GLU C 80 20.89 26.61 30.35
N ASP C 81 21.26 25.70 29.45
CA ASP C 81 20.96 24.27 29.64
C ASP C 81 21.88 23.70 30.73
N LEU C 82 23.14 24.14 30.78
CA LEU C 82 24.06 23.75 31.89
C LEU C 82 23.48 24.22 33.24
N ASP C 83 22.91 25.42 33.28
CA ASP C 83 22.30 25.98 34.51
C ASP C 83 21.09 25.12 34.93
N ILE C 84 20.33 24.58 33.97
CA ILE C 84 19.19 23.69 34.33
C ILE C 84 19.76 22.42 34.95
N LEU C 85 20.80 21.84 34.37
CA LEU C 85 21.45 20.62 34.91
C LEU C 85 21.89 20.88 36.36
N SER C 86 22.48 22.04 36.61
CA SER C 86 22.96 22.44 37.96
C SER C 86 21.76 22.63 38.90
N LYS C 87 20.73 23.34 38.43
CA LYS C 87 19.52 23.63 39.25
C LYS C 87 18.89 22.32 39.74
N LEU C 88 18.86 21.30 38.89
CA LEU C 88 18.19 20.01 39.21
C LEU C 88 19.14 19.10 39.98
N GLY C 89 20.41 19.46 40.12
CA GLY C 89 21.39 18.71 40.93
C GLY C 89 21.78 17.41 40.28
N VAL C 90 21.67 17.32 38.95
CA VAL C 90 22.05 16.09 38.20
C VAL C 90 23.54 15.82 38.45
N LYS C 91 23.90 14.57 38.72
CA LYS C 91 25.31 14.15 39.01
C LYS C 91 26.08 13.89 37.72
N SER C 92 25.38 13.51 36.65
CA SER C 92 26.04 13.12 35.37
C SER C 92 25.14 13.55 34.21
N TYR C 93 25.77 13.94 33.11
CA TYR C 93 25.06 14.36 31.88
C TYR C 93 25.57 13.48 30.75
N ARG C 94 24.67 12.70 30.17
CA ARG C 94 24.95 11.87 28.98
C ARG C 94 24.53 12.67 27.74
N PHE C 95 25.48 12.86 26.84
CA PHE C 95 25.28 13.61 25.59
C PHE C 95 26.04 12.87 24.52
N SER C 96 25.74 13.17 23.26
CA SER C 96 26.52 12.61 22.14
C SER C 96 27.28 13.75 21.47
N VAL C 97 28.40 13.38 20.87
CA VAL C 97 29.19 14.27 19.99
C VAL C 97 28.72 14.08 18.56
N SER C 98 28.48 15.18 17.88
CA SER C 98 28.23 15.20 16.42
C SER C 98 29.53 14.91 15.71
N TRP C 99 29.68 13.70 15.20
CA TRP C 99 30.82 13.28 14.37
C TRP C 99 31.03 14.31 13.25
N SER C 100 29.98 14.77 12.56
CA SER C 100 30.08 15.69 11.41
C SER C 100 30.48 17.10 11.88
N ARG C 101 30.26 17.44 13.15
CA ARG C 101 30.68 18.76 13.69
C ARG C 101 32.20 18.75 13.92
N VAL C 102 32.78 17.63 14.35
CA VAL C 102 34.24 17.57 14.68
C VAL C 102 35.06 17.07 13.48
N LEU C 103 34.49 16.28 12.59
CA LEU C 103 35.14 15.80 11.35
C LEU C 103 34.13 15.98 10.23
N PRO C 104 34.07 17.17 9.59
CA PRO C 104 33.03 17.47 8.60
C PRO C 104 32.89 16.46 7.46
N ALA C 105 34.00 15.84 7.02
CA ALA C 105 34.03 14.81 5.97
C ALA C 105 34.03 13.40 6.60
N GLY C 106 33.87 13.30 7.92
CA GLY C 106 33.88 12.03 8.65
C GLY C 106 35.30 11.54 8.96
N ILE C 107 36.25 11.85 8.09
CA ILE C 107 37.69 11.53 8.30
C ILE C 107 38.50 12.75 7.88
N GLY C 108 39.78 12.77 8.22
CA GLY C 108 40.71 13.83 7.78
C GLY C 108 40.65 15.03 8.71
N GLN C 109 40.39 16.21 8.14
CA GLN C 109 40.58 17.52 8.82
C GLN C 109 39.64 17.62 10.02
N VAL C 110 40.19 17.85 11.21
CA VAL C 110 39.39 18.15 12.42
C VAL C 110 38.89 19.58 12.31
N ASN C 111 37.65 19.80 12.71
CA ASN C 111 37.05 21.14 12.77
C ASN C 111 37.18 21.68 14.19
N HIS C 112 38.09 22.63 14.43
CA HIS C 112 38.39 23.08 15.80
C HIS C 112 37.23 23.90 16.38
N LYS C 113 36.38 24.52 15.56
CA LYS C 113 35.16 25.19 16.10
C LYS C 113 34.22 24.12 16.67
N GLY C 114 34.13 22.95 16.02
CA GLY C 114 33.35 21.81 16.52
C GLY C 114 33.90 21.34 17.85
N ILE C 115 35.21 21.09 17.91
CA ILE C 115 35.89 20.66 19.16
C ILE C 115 35.61 21.70 20.25
N ALA C 116 35.72 22.98 19.93
CA ALA C 116 35.57 24.10 20.90
C ALA C 116 34.20 24.04 21.56
N PHE C 117 33.15 23.71 20.81
CA PHE C 117 31.79 23.61 21.37
C PHE C 117 31.78 22.56 22.48
N TYR C 118 32.27 21.36 22.20
CA TYR C 118 32.25 20.23 23.18
C TYR C 118 33.20 20.54 24.34
N GLN C 119 34.30 21.24 24.06
CA GLN C 119 35.23 21.65 25.15
C GLN C 119 34.51 22.62 26.09
N MET C 120 33.74 23.57 25.56
CA MET C 120 32.95 24.53 26.36
C MET C 120 31.90 23.77 27.17
N LEU C 121 31.20 22.80 26.56
CA LEU C 121 30.21 21.97 27.29
C LEU C 121 30.91 21.26 28.45
N ILE C 122 32.00 20.56 28.17
CA ILE C 122 32.71 19.70 29.16
C ILE C 122 33.28 20.60 30.28
N SER C 123 33.85 21.76 29.93
CA SER C 123 34.34 22.74 30.94
C SER C 123 33.17 23.18 31.82
N GLY C 124 32.02 23.47 31.22
CA GLY C 124 30.80 23.86 31.93
C GLY C 124 30.35 22.78 32.90
N LEU C 125 30.36 21.52 32.48
CA LEU C 125 29.98 20.39 33.34
C LEU C 125 30.97 20.30 34.51
N ARG C 126 32.26 20.35 34.22
CA ARG C 126 33.33 20.22 35.25
C ARG C 126 33.18 21.35 36.27
N GLU C 127 32.93 22.58 35.84
CA GLU C 127 32.72 23.76 36.72
C GLU C 127 31.56 23.48 37.68
N ARG C 128 30.54 22.74 37.24
CA ARG C 128 29.30 22.49 38.01
C ARG C 128 29.39 21.16 38.77
N GLY C 129 30.51 20.44 38.68
CA GLY C 129 30.71 19.15 39.37
C GLY C 129 29.80 18.06 38.78
N ILE C 130 29.54 18.15 37.48
CA ILE C 130 28.68 17.16 36.75
C ILE C 130 29.60 16.25 35.94
N ILE C 131 29.44 14.94 36.07
CA ILE C 131 30.28 13.92 35.39
C ILE C 131 29.81 13.76 33.95
N PRO C 132 30.65 14.08 32.95
CA PRO C 132 30.30 13.84 31.55
C PRO C 132 30.25 12.33 31.22
N CYS C 133 29.22 11.93 30.47
CA CYS C 133 29.11 10.58 29.88
C CYS C 133 28.91 10.76 28.37
N MET C 134 29.93 10.45 27.59
CA MET C 134 29.98 10.85 26.17
C MET C 134 29.64 9.66 25.26
N THR C 135 28.52 9.79 24.53
CA THR C 135 28.16 8.84 23.45
C THR C 135 28.87 9.30 22.16
N LEU C 136 29.68 8.43 21.55
CA LEU C 136 30.37 8.78 20.30
C LEU C 136 29.36 8.79 19.14
N TYR C 137 28.55 7.74 19.05
CA TYR C 137 27.64 7.55 17.88
C TYR C 137 26.18 7.46 18.32
N HIS C 138 25.42 8.53 18.05
CA HIS C 138 23.96 8.56 18.29
C HIS C 138 23.27 8.91 16.96
N TRP C 139 23.70 8.23 15.90
CA TRP C 139 22.94 7.96 14.64
C TRP C 139 23.27 8.99 13.56
N ASP C 140 24.01 10.04 13.88
CA ASP C 140 24.26 11.14 12.92
C ASP C 140 25.53 10.83 12.12
N LEU C 141 25.50 9.77 11.31
CA LEU C 141 26.60 9.42 10.39
C LEU C 141 26.90 10.61 9.51
N PRO C 142 28.19 11.05 9.40
CA PRO C 142 28.54 12.07 8.42
C PRO C 142 28.11 11.68 7.00
N TYR C 143 27.51 12.65 6.31
CA TYR C 143 26.93 12.43 4.97
C TYR C 143 28.03 12.06 3.99
N ALA C 144 29.23 12.64 4.14
CA ALA C 144 30.36 12.31 3.27
C ALA C 144 30.64 10.81 3.34
N LEU C 145 30.47 10.19 4.52
CA LEU C 145 30.74 8.74 4.66
C LEU C 145 29.57 7.93 4.10
N HIS C 146 28.35 8.43 4.24
CA HIS C 146 27.18 7.81 3.57
C HIS C 146 27.40 7.72 2.05
N LEU C 147 27.94 8.77 1.43
CA LEU C 147 28.21 8.78 -0.04
C LEU C 147 29.23 7.70 -0.40
N LYS C 148 30.08 7.28 0.56
CA LYS C 148 31.07 6.19 0.37
C LYS C 148 30.49 4.86 0.82
N GLY C 149 29.16 4.72 0.93
CA GLY C 149 28.53 3.44 1.27
C GLY C 149 28.20 3.29 2.73
N GLY C 150 28.60 4.25 3.58
CA GLY C 150 28.36 4.17 5.03
C GLY C 150 28.81 2.84 5.58
N TRP C 151 27.98 2.21 6.39
CA TRP C 151 28.33 0.97 7.12
C TRP C 151 28.43 -0.24 6.20
N LEU C 152 28.12 -0.12 4.90
CA LEU C 152 28.36 -1.22 3.94
C LEU C 152 29.85 -1.28 3.57
N ASN C 153 30.58 -0.18 3.74
CA ASN C 153 31.97 -0.07 3.27
C ASN C 153 32.88 -0.86 4.22
N ASP C 154 33.77 -1.68 3.68
CA ASP C 154 34.76 -2.46 4.44
C ASP C 154 35.56 -1.56 5.38
N ASP C 155 35.75 -0.29 5.00
CA ASP C 155 36.60 0.67 5.76
C ASP C 155 35.81 1.41 6.83
N SER C 156 34.50 1.19 6.96
CA SER C 156 33.67 1.95 7.94
C SER C 156 34.19 1.72 9.36
N PRO C 157 34.70 0.53 9.77
CA PRO C 157 35.28 0.41 11.12
C PRO C 157 36.50 1.32 11.29
N ASN C 158 37.31 1.50 10.25
CA ASN C 158 38.51 2.38 10.30
C ASN C 158 38.09 3.85 10.40
N TRP C 159 37.01 4.25 9.72
CA TRP C 159 36.50 5.64 9.82
C TRP C 159 36.14 5.90 11.28
N PHE C 160 35.44 4.96 11.89
CA PHE C 160 34.95 5.10 13.27
C PHE C 160 36.16 5.13 14.22
N ALA C 161 37.17 4.27 13.98
CA ALA C 161 38.39 4.24 14.80
C ALA C 161 39.06 5.61 14.75
N GLU C 162 39.15 6.22 13.56
CA GLU C 162 39.77 7.55 13.38
C GLU C 162 39.00 8.58 14.22
N TYR C 163 37.67 8.55 14.18
CA TYR C 163 36.81 9.43 15.00
C TYR C 163 37.07 9.19 16.50
N ALA C 164 37.13 7.94 16.94
CA ALA C 164 37.33 7.58 18.36
C ALA C 164 38.70 8.12 18.82
N LYS C 165 39.70 8.09 17.94
CA LYS C 165 41.06 8.61 18.26
C LYS C 165 40.99 10.13 18.45
N VAL C 166 40.25 10.83 17.59
CA VAL C 166 40.01 12.29 17.74
C VAL C 166 39.33 12.52 19.09
N ILE C 167 38.31 11.73 19.42
CA ILE C 167 37.55 11.90 20.69
C ILE C 167 38.55 11.78 21.86
N LYS C 168 39.35 10.73 21.87
CA LYS C 168 40.27 10.43 23.01
C LYS C 168 41.32 11.55 23.08
N THR C 169 41.82 11.98 21.93
CA THR C 169 42.86 13.06 21.82
C THR C 169 42.34 14.33 22.50
N TYR C 170 41.14 14.78 22.13
CA TYR C 170 40.65 16.13 22.51
C TYR C 170 39.90 16.09 23.84
N PHE C 171 39.31 14.96 24.24
CA PHE C 171 38.40 14.91 25.41
C PHE C 171 38.86 13.91 26.47
N GLY C 172 39.94 13.15 26.24
CA GLY C 172 40.37 12.06 27.13
C GLY C 172 40.85 12.55 28.51
N LYS C 173 41.29 13.81 28.58
CA LYS C 173 41.75 14.44 29.85
C LYS C 173 40.58 14.64 30.81
N GLU C 174 39.40 15.02 30.31
CA GLU C 174 38.28 15.52 31.18
C GLU C 174 37.08 14.59 31.14
N VAL C 175 37.03 13.64 30.21
CA VAL C 175 35.89 12.68 30.10
C VAL C 175 36.41 11.28 30.37
N SER C 176 35.78 10.58 31.30
CA SER C 176 36.18 9.24 31.81
C SER C 176 35.09 8.19 31.57
N TYR C 177 33.96 8.60 30.97
CA TYR C 177 32.82 7.71 30.66
C TYR C 177 32.51 7.88 29.18
N PHE C 178 32.66 6.78 28.43
CA PHE C 178 32.36 6.76 26.97
C PHE C 178 31.41 5.61 26.65
N ILE C 179 30.52 5.89 25.71
CA ILE C 179 29.66 4.84 25.07
C ILE C 179 29.94 4.94 23.57
N THR C 180 30.38 3.85 22.96
CA THR C 180 30.75 3.83 21.53
C THR C 180 29.48 4.05 20.70
N PHE C 181 28.51 3.16 20.86
CA PHE C 181 27.26 3.15 20.06
C PHE C 181 26.03 3.21 20.95
N ASN C 182 25.07 4.03 20.51
CA ASN C 182 23.71 4.06 21.08
C ASN C 182 22.74 3.26 20.19
N GLU C 183 22.17 2.19 20.72
CA GLU C 183 21.03 1.48 20.11
C GLU C 183 21.31 1.11 18.65
N PRO C 184 22.28 0.19 18.38
CA PRO C 184 22.47 -0.33 17.04
C PRO C 184 21.19 -1.02 16.52
N GLN C 185 20.39 -1.59 17.41
CA GLN C 185 19.08 -2.18 17.05
C GLN C 185 18.33 -1.17 16.16
N VAL C 186 18.30 0.07 16.61
CA VAL C 186 17.44 1.10 15.98
C VAL C 186 18.16 1.69 14.78
N PHE C 187 19.40 2.15 14.89
CA PHE C 187 20.00 2.83 13.73
C PHE C 187 20.26 1.84 12.60
N VAL C 188 20.52 0.57 12.90
CA VAL C 188 20.65 -0.45 11.82
C VAL C 188 19.26 -0.93 11.41
N GLY C 189 18.43 -1.33 12.36
CA GLY C 189 17.10 -1.91 12.03
C GLY C 189 16.20 -0.87 11.36
N CYS C 190 16.04 0.30 11.97
CA CYS C 190 15.16 1.35 11.39
C CYS C 190 15.87 2.03 10.22
N GLY C 191 17.18 2.20 10.27
CA GLY C 191 17.92 2.90 9.21
C GLY C 191 18.05 2.10 7.93
N TYR C 192 18.17 0.78 8.02
CA TYR C 192 18.55 -0.07 6.87
C TYR C 192 17.62 -1.27 6.66
N LEU C 193 16.78 -1.64 7.62
CA LEU C 193 15.86 -2.78 7.40
C LEU C 193 14.43 -2.26 7.17
N SER C 194 13.87 -1.48 8.09
CA SER C 194 12.48 -0.98 7.96
C SER C 194 12.47 0.30 7.11
N GLY C 195 13.55 1.08 7.14
CA GLY C 195 13.70 2.29 6.33
C GLY C 195 13.00 3.51 6.90
N ASN C 196 12.54 3.49 8.14
CA ASN C 196 11.81 4.66 8.70
C ASN C 196 12.78 5.68 9.32
N HIS C 197 14.04 5.32 9.52
CA HIS C 197 15.10 6.23 10.02
C HIS C 197 16.16 6.41 8.94
N ALA C 198 16.95 7.47 9.06
CA ALA C 198 18.04 7.74 8.11
C ALA C 198 19.00 6.55 8.07
N PRO C 199 19.51 6.14 6.90
CA PRO C 199 19.24 6.78 5.61
C PRO C 199 17.99 6.32 4.87
N GLY C 200 17.22 5.41 5.49
CA GLY C 200 15.87 5.10 4.98
C GLY C 200 15.85 3.92 4.01
N TYR C 201 16.70 2.93 4.23
CA TYR C 201 16.86 1.78 3.31
C TYR C 201 16.12 0.55 3.83
N GLN C 202 15.85 -0.38 2.91
N GLN C 202 15.86 -0.38 2.91
CA GLN C 202 15.25 -1.70 3.20
CA GLN C 202 15.25 -1.70 3.20
C GLN C 202 16.12 -2.75 2.52
C GLN C 202 16.12 -2.75 2.52
N LEU C 203 17.18 -3.15 3.22
CA LEU C 203 18.25 -3.99 2.64
C LEU C 203 18.00 -5.47 2.93
N PRO C 204 18.61 -6.33 2.10
CA PRO C 204 18.54 -7.77 2.33
C PRO C 204 19.26 -8.16 3.62
N LYS C 205 18.90 -9.32 4.13
CA LYS C 205 19.43 -9.91 5.39
C LYS C 205 20.96 -9.86 5.39
N ALA C 206 21.59 -10.30 4.30
CA ALA C 206 23.08 -10.39 4.22
C ALA C 206 23.69 -9.00 4.44
N GLU C 207 23.05 -7.95 3.90
CA GLU C 207 23.58 -6.58 4.04
C GLU C 207 23.35 -6.08 5.46
N ILE C 208 22.25 -6.46 6.11
CA ILE C 208 22.02 -6.09 7.53
C ILE C 208 23.12 -6.74 8.36
N VAL C 209 23.44 -8.00 8.09
CA VAL C 209 24.55 -8.68 8.85
C VAL C 209 25.88 -8.00 8.53
N ARG C 210 26.13 -7.65 7.27
CA ARG C 210 27.37 -6.92 6.90
C ARG C 210 27.46 -5.62 7.70
N ILE C 211 26.38 -4.84 7.74
CA ILE C 211 26.37 -3.55 8.48
C ILE C 211 26.60 -3.82 9.97
N ALA C 212 25.90 -4.79 10.55
CA ALA C 212 25.99 -5.12 11.98
C ALA C 212 27.44 -5.47 12.28
N HIS C 213 28.04 -6.28 11.43
CA HIS C 213 29.43 -6.77 11.65
C HIS C 213 30.39 -5.59 11.54
N ASN C 214 30.19 -4.66 10.62
CA ASN C 214 31.04 -3.45 10.52
C ASN C 214 30.85 -2.54 11.73
N VAL C 215 29.61 -2.38 12.22
CA VAL C 215 29.37 -1.60 13.46
C VAL C 215 30.10 -2.26 14.64
N LEU C 216 30.02 -3.57 14.76
CA LEU C 216 30.63 -4.30 15.89
C LEU C 216 32.16 -4.22 15.80
N LYS C 217 32.74 -4.37 14.61
CA LYS C 217 34.22 -4.21 14.43
C LYS C 217 34.58 -2.76 14.74
N ALA C 218 33.78 -1.79 14.31
CA ALA C 218 33.99 -0.36 14.61
C ALA C 218 34.04 -0.17 16.13
N HIS C 219 33.09 -0.79 16.85
CA HIS C 219 33.04 -0.74 18.33
C HIS C 219 34.39 -1.23 18.88
N GLY C 220 34.86 -2.39 18.44
CA GLY C 220 36.12 -2.99 18.90
C GLY C 220 37.28 -2.05 18.69
N LEU C 221 37.42 -1.49 17.48
CA LEU C 221 38.53 -0.55 17.16
C LEU C 221 38.39 0.71 18.02
N ALA C 222 37.17 1.19 18.27
CA ALA C 222 36.96 2.40 19.08
C ALA C 222 37.34 2.11 20.53
N VAL C 223 37.01 0.95 21.06
CA VAL C 223 37.41 0.59 22.45
C VAL C 223 38.94 0.68 22.50
N LYS C 224 39.65 0.10 21.53
CA LYS C 224 41.14 0.13 21.52
C LYS C 224 41.63 1.57 21.52
N GLU C 225 41.03 2.46 20.73
CA GLU C 225 41.43 3.89 20.68
C GLU C 225 41.15 4.54 22.04
N LEU C 226 40.01 4.25 22.66
CA LEU C 226 39.60 4.93 23.90
C LEU C 226 40.47 4.44 25.07
N ARG C 227 41.10 3.28 24.94
CA ARG C 227 42.00 2.73 26.00
C ARG C 227 43.37 3.41 25.95
N LYS C 228 43.72 4.09 24.85
CA LYS C 228 45.06 4.71 24.70
C LYS C 228 45.11 6.01 25.49
N GLY C 229 45.95 6.07 26.54
CA GLY C 229 46.03 7.26 27.42
C GLY C 229 45.29 7.04 28.71
N GLU C 230 44.45 8.01 29.09
CA GLU C 230 43.83 8.08 30.43
C GLU C 230 42.96 6.85 30.66
N PRO C 231 42.94 6.31 31.89
CA PRO C 231 41.99 5.25 32.23
C PRO C 231 40.57 5.82 32.13
N CYS C 232 39.63 4.99 31.71
CA CYS C 232 38.22 5.42 31.53
C CYS C 232 37.34 4.18 31.60
N LYS C 233 36.03 4.41 31.72
CA LYS C 233 35.01 3.35 31.69
C LYS C 233 34.33 3.46 30.32
N ILE C 234 34.26 2.33 29.62
CA ILE C 234 33.69 2.29 28.24
C ILE C 234 32.51 1.35 28.27
N GLY C 235 31.41 1.79 27.64
CA GLY C 235 30.25 0.93 27.48
C GLY C 235 29.71 0.91 26.06
N PHE C 236 28.65 0.15 25.90
CA PHE C 236 27.95 -0.07 24.62
C PHE C 236 26.47 -0.12 25.00
N THR C 237 25.62 0.67 24.34
CA THR C 237 24.22 0.84 24.78
C THR C 237 23.30 0.11 23.79
N GLY C 238 22.49 -0.79 24.33
CA GLY C 238 21.44 -1.47 23.56
C GLY C 238 20.09 -0.85 23.81
N ALA C 239 19.24 -0.84 22.79
CA ALA C 239 17.79 -0.68 22.96
C ALA C 239 17.27 -2.03 23.43
N SER C 240 16.59 -2.05 24.58
CA SER C 240 16.14 -3.32 25.19
C SER C 240 14.66 -3.23 25.52
N CYS C 241 13.92 -4.28 25.18
CA CYS C 241 12.50 -4.49 25.49
C CYS C 241 12.42 -5.76 26.33
N PRO C 242 12.70 -5.67 27.64
CA PRO C 242 12.83 -6.86 28.49
C PRO C 242 11.59 -7.73 28.50
N CYS C 243 11.79 -9.05 28.60
CA CYS C 243 10.70 -10.00 28.83
C CYS C 243 10.51 -10.09 30.33
N ILE C 244 9.28 -9.81 30.76
CA ILE C 244 8.90 -9.77 32.18
C ILE C 244 8.20 -11.09 32.43
N PRO C 245 8.73 -11.93 33.35
CA PRO C 245 8.00 -13.14 33.72
C PRO C 245 6.62 -12.73 34.29
N ALA C 246 5.59 -13.47 33.91
CA ALA C 246 4.19 -13.24 34.35
C ALA C 246 4.07 -13.45 35.86
N SER C 247 4.97 -14.23 36.47
CA SER C 247 5.03 -14.43 37.94
C SER C 247 6.48 -14.61 38.39
N ASP C 248 6.66 -14.78 39.71
CA ASP C 248 7.98 -15.05 40.33
C ASP C 248 8.30 -16.55 40.30
N ARG C 249 7.45 -17.37 39.69
CA ARG C 249 7.74 -18.82 39.51
C ARG C 249 9.04 -19.00 38.72
N LYS C 250 9.93 -19.86 39.21
CA LYS C 250 11.21 -20.23 38.56
C LYS C 250 10.98 -20.54 37.06
N GLU C 251 9.92 -21.25 36.73
CA GLU C 251 9.55 -21.70 35.35
C GLU C 251 9.28 -20.49 34.46
N ASP C 252 8.50 -19.54 34.98
CA ASP C 252 8.10 -18.31 34.25
C ASP C 252 9.36 -17.48 34.03
N ILE C 253 10.22 -17.39 35.05
CA ILE C 253 11.50 -16.62 34.99
C ILE C 253 12.37 -17.23 33.89
N GLU C 254 12.55 -18.55 33.88
CA GLU C 254 13.38 -19.22 32.85
C GLU C 254 12.83 -18.91 31.44
N ALA C 255 11.52 -19.02 31.26
CA ALA C 255 10.86 -18.82 29.95
C ALA C 255 11.13 -17.38 29.48
N ALA C 256 11.03 -16.42 30.40
CA ALA C 256 11.22 -14.98 30.09
C ALA C 256 12.68 -14.77 29.70
N TYR C 257 13.62 -15.32 30.46
CA TYR C 257 15.06 -15.20 30.17
C TYR C 257 15.31 -15.74 28.75
N ASN C 258 14.78 -16.92 28.44
CA ASN C 258 15.04 -17.59 27.15
C ASN C 258 14.48 -16.73 26.00
N GLN C 259 13.28 -16.19 26.17
CA GLN C 259 12.64 -15.35 25.12
C GLN C 259 13.49 -14.09 24.94
N TYR C 260 13.90 -13.47 26.05
CA TYR C 260 14.66 -12.19 26.05
C TYR C 260 15.92 -12.34 25.19
N PHE C 261 16.59 -13.48 25.29
CA PHE C 261 17.90 -13.68 24.62
C PHE C 261 17.74 -14.51 23.33
N SER C 262 16.51 -14.70 22.86
CA SER C 262 16.26 -15.45 21.60
C SER C 262 16.48 -14.52 20.40
N SER C 263 16.81 -15.12 19.26
CA SER C 263 16.86 -14.42 17.96
C SER C 263 16.82 -15.46 16.86
N ASN C 264 16.51 -15.07 15.63
CA ASN C 264 16.55 -15.99 14.47
C ASN C 264 16.76 -15.15 13.22
N SER C 265 16.99 -15.79 12.07
CA SER C 265 17.37 -15.08 10.82
C SER C 265 16.24 -14.15 10.37
N ASN C 266 14.99 -14.41 10.78
CA ASN C 266 13.82 -13.59 10.36
C ASN C 266 13.53 -12.48 11.37
N GLU C 267 14.12 -12.53 12.56
CA GLU C 267 13.88 -11.51 13.61
C GLU C 267 15.11 -11.46 14.52
N PHE C 268 16.06 -10.59 14.20
CA PHE C 268 17.31 -10.49 14.99
C PHE C 268 17.74 -9.07 15.25
N VAL C 269 17.50 -8.14 14.31
CA VAL C 269 18.22 -6.84 14.37
C VAL C 269 17.78 -6.06 15.60
N PHE C 270 16.56 -6.25 16.09
CA PHE C 270 16.01 -5.48 17.23
C PHE C 270 16.23 -6.25 18.55
N THR C 271 16.94 -7.37 18.53
CA THR C 271 17.11 -8.22 19.73
C THR C 271 18.32 -7.76 20.55
N ASP C 272 18.43 -8.29 21.76
CA ASP C 272 19.57 -8.04 22.66
C ASP C 272 20.75 -8.94 22.28
N ALA C 273 20.51 -10.24 22.15
CA ALA C 273 21.59 -11.24 22.05
C ALA C 273 22.35 -11.08 20.74
N PHE C 274 21.69 -10.67 19.66
CA PHE C 274 22.38 -10.54 18.35
C PHE C 274 23.55 -9.55 18.48
N TRP C 275 23.37 -8.49 19.27
CA TRP C 275 24.38 -7.42 19.42
C TRP C 275 25.29 -7.70 20.62
N PHE C 276 24.72 -8.11 21.76
CA PHE C 276 25.51 -8.24 23.01
C PHE C 276 26.32 -9.55 23.02
N ASP C 277 25.85 -10.63 22.41
CA ASP C 277 26.68 -11.88 22.39
C ASP C 277 28.00 -11.62 21.67
N PRO C 278 28.04 -10.97 20.49
CA PRO C 278 29.32 -10.60 19.91
C PRO C 278 30.18 -9.71 20.83
N VAL C 279 29.61 -8.65 21.37
CA VAL C 279 30.38 -7.65 22.17
C VAL C 279 30.95 -8.34 23.43
N LEU C 280 30.13 -9.12 24.13
CA LEU C 280 30.46 -9.59 25.50
C LEU C 280 30.97 -11.03 25.48
N LYS C 281 30.51 -11.87 24.55
CA LYS C 281 30.86 -13.32 24.52
C LYS C 281 31.74 -13.63 23.31
N GLY C 282 31.95 -12.70 22.37
CA GLY C 282 32.77 -12.95 21.17
C GLY C 282 32.17 -14.03 20.28
N ARG C 283 30.83 -14.20 20.29
CA ARG C 283 30.16 -15.08 19.30
C ARG C 283 28.83 -14.46 18.89
N TYR C 284 28.41 -14.79 17.68
CA TYR C 284 27.03 -14.53 17.20
C TYR C 284 26.12 -15.65 17.69
N PRO C 285 24.79 -15.39 17.75
CA PRO C 285 23.82 -16.47 17.88
C PRO C 285 24.11 -17.58 16.84
N LYS C 286 23.71 -18.80 17.20
CA LYS C 286 23.96 -20.04 16.42
C LYS C 286 23.53 -19.87 14.96
N TRP C 287 22.37 -19.27 14.75
CA TRP C 287 21.69 -19.28 13.44
C TRP C 287 22.57 -18.54 12.42
N VAL C 288 23.43 -17.62 12.85
CA VAL C 288 24.24 -16.80 11.91
C VAL C 288 25.12 -17.75 11.08
N THR C 289 25.58 -18.85 11.67
CA THR C 289 26.43 -19.89 11.02
C THR C 289 25.77 -20.48 9.77
N TYR C 290 24.45 -20.57 9.74
CA TYR C 290 23.69 -21.35 8.71
C TYR C 290 23.13 -20.42 7.63
N ILE C 291 23.33 -19.10 7.71
CA ILE C 291 22.95 -18.20 6.58
C ILE C 291 24.08 -18.26 5.54
N ASN C 292 23.76 -18.67 4.31
CA ASN C 292 24.75 -18.76 3.20
C ASN C 292 24.38 -17.76 2.09
N ASN C 293 23.44 -16.85 2.35
CA ASN C 293 22.86 -15.94 1.31
C ASN C 293 24.01 -15.30 0.54
N VAL C 294 23.78 -15.03 -0.75
CA VAL C 294 24.77 -14.34 -1.61
C VAL C 294 25.17 -13.02 -0.91
N SER C 295 26.47 -12.80 -0.79
CA SER C 295 27.06 -11.52 -0.31
C SER C 295 27.19 -11.50 1.22
N MET C 296 26.87 -12.58 1.94
CA MET C 296 27.08 -12.63 3.41
C MET C 296 28.53 -12.24 3.68
N PRO C 297 28.80 -11.42 4.70
CA PRO C 297 30.18 -11.17 5.10
C PRO C 297 30.78 -12.48 5.63
N ILE C 298 32.10 -12.58 5.49
CA ILE C 298 32.92 -13.66 6.09
C ILE C 298 33.31 -13.18 7.49
N ILE C 299 32.86 -13.92 8.49
CA ILE C 299 33.04 -13.56 9.92
C ILE C 299 34.17 -14.44 10.44
N THR C 300 35.29 -13.84 10.83
CA THR C 300 36.54 -14.57 11.18
C THR C 300 36.74 -14.57 12.70
N LYS C 301 37.55 -15.52 13.18
CA LYS C 301 38.00 -15.58 14.59
C LYS C 301 38.61 -14.22 14.98
N GLU C 302 39.43 -13.64 14.11
CA GLU C 302 40.11 -12.35 14.35
C GLU C 302 39.05 -11.24 14.50
N ASP C 303 38.02 -11.25 13.65
CA ASP C 303 36.91 -10.26 13.77
C ASP C 303 36.27 -10.37 15.16
N MET C 304 35.98 -11.59 15.63
CA MET C 304 35.24 -11.79 16.89
C MET C 304 36.14 -11.36 18.07
N GLU C 305 37.46 -11.59 17.99
CA GLU C 305 38.40 -11.11 19.03
C GLU C 305 38.37 -9.57 19.07
N LEU C 306 38.37 -8.93 17.91
CA LEU C 306 38.32 -7.45 17.80
C LEU C 306 37.02 -6.96 18.44
N ILE C 307 35.89 -7.53 18.07
CA ILE C 307 34.55 -7.06 18.54
C ILE C 307 34.51 -7.15 20.07
N SER C 308 35.06 -8.23 20.66
CA SER C 308 34.85 -8.58 22.09
C SER C 308 35.97 -8.00 22.96
N GLN C 309 36.42 -6.78 22.69
CA GLN C 309 37.30 -6.02 23.61
C GLN C 309 36.64 -5.90 24.97
N PRO C 310 37.40 -6.03 26.08
CA PRO C 310 36.85 -5.82 27.40
C PRO C 310 36.22 -4.42 27.51
N ILE C 311 35.00 -4.38 28.03
CA ILE C 311 34.31 -3.11 28.35
C ILE C 311 33.90 -3.13 29.82
N ASP C 312 33.52 -1.98 30.34
CA ASP C 312 33.35 -1.78 31.80
C ASP C 312 31.89 -1.87 32.21
N PHE C 313 30.95 -1.50 31.33
CA PHE C 313 29.51 -1.57 31.68
C PHE C 313 28.71 -1.81 30.40
N VAL C 314 27.53 -2.41 30.61
CA VAL C 314 26.50 -2.59 29.57
C VAL C 314 25.47 -1.48 29.75
N GLY C 315 25.26 -0.71 28.69
CA GLY C 315 24.22 0.35 28.67
C GLY C 315 22.91 -0.22 28.19
N LEU C 316 21.85 0.00 28.93
CA LEU C 316 20.48 -0.38 28.53
C LEU C 316 19.65 0.90 28.44
N ASN C 317 19.02 1.09 27.29
CA ASN C 317 17.94 2.08 27.13
C ASN C 317 16.65 1.28 27.16
N ILE C 318 15.89 1.41 28.24
CA ILE C 318 14.64 0.65 28.44
C ILE C 318 13.51 1.63 28.66
N TYR C 319 12.45 1.49 27.85
CA TYR C 319 11.21 2.29 27.97
C TYR C 319 10.10 1.38 28.46
N ASN C 320 10.06 0.15 27.96
CA ASN C 320 9.06 -0.83 28.41
C ASN C 320 9.54 -2.21 28.01
N GLY C 321 8.80 -3.22 28.43
CA GLY C 321 9.07 -4.61 28.09
C GLY C 321 7.81 -5.26 27.59
N LYS C 322 7.78 -6.59 27.64
CA LYS C 322 6.61 -7.38 27.27
C LYS C 322 6.48 -8.50 28.31
N TYR C 323 5.26 -8.91 28.62
CA TYR C 323 5.01 -9.99 29.61
C TYR C 323 5.09 -11.34 28.90
N VAL C 324 5.79 -12.27 29.50
CA VAL C 324 6.02 -13.65 29.01
C VAL C 324 5.64 -14.58 30.15
N ASN C 325 5.10 -15.75 29.84
CA ASN C 325 4.99 -16.83 30.85
C ASN C 325 5.49 -18.11 30.22
N GLU C 326 5.54 -19.19 31.02
CA GLU C 326 6.02 -20.51 30.55
C GLU C 326 4.97 -21.00 29.51
N ASP C 327 3.70 -20.87 29.85
CA ASP C 327 2.57 -21.53 29.15
C ASP C 327 2.18 -20.73 27.90
N GLY C 328 2.12 -19.41 28.07
CA GLY C 328 1.55 -18.51 27.06
C GLY C 328 2.61 -17.99 26.11
N GLY C 329 3.89 -17.97 26.53
CA GLY C 329 4.96 -17.26 25.79
C GLY C 329 4.76 -15.76 25.90
N ILE C 330 4.93 -14.98 24.82
CA ILE C 330 4.67 -13.52 24.84
C ILE C 330 3.14 -13.29 24.94
N LEU C 331 2.72 -12.62 26.00
CA LEU C 331 1.29 -12.43 26.34
C LEU C 331 0.79 -11.22 25.56
N GLN C 332 -0.47 -11.23 25.17
CA GLN C 332 -1.12 -10.08 24.48
C GLN C 332 -1.12 -8.89 25.45
N LYS C 333 -0.92 -7.67 24.95
CA LYS C 333 -1.02 -6.45 25.77
C LYS C 333 -2.42 -6.39 26.39
N LYS C 334 -2.52 -6.02 27.67
CA LYS C 334 -3.80 -5.83 28.38
C LYS C 334 -4.64 -4.77 27.65
N GLN C 335 -5.94 -5.00 27.58
CA GLN C 335 -6.89 -4.00 27.06
C GLN C 335 -6.85 -2.75 27.95
N GLY C 336 -6.54 -1.59 27.37
CA GLY C 336 -6.48 -0.31 28.11
C GLY C 336 -5.24 -0.19 28.98
N VAL C 337 -4.19 -0.96 28.67
CA VAL C 337 -2.90 -0.85 29.39
C VAL C 337 -2.48 0.62 29.45
N PRO C 338 -1.99 1.11 30.61
CA PRO C 338 -1.41 2.44 30.66
C PRO C 338 -0.34 2.57 29.58
N ARG C 339 -0.34 3.70 28.89
CA ARG C 339 0.57 3.89 27.76
C ARG C 339 1.07 5.33 27.74
N THR C 340 1.90 5.64 26.76
CA THR C 340 2.56 6.96 26.64
C THR C 340 2.07 7.65 25.37
N ALA C 341 2.47 8.91 25.20
CA ALA C 341 2.03 9.74 24.07
C ALA C 341 2.60 9.23 22.73
N ILE C 342 3.64 8.39 22.74
CA ILE C 342 4.20 7.81 21.49
C ILE C 342 3.54 6.46 21.21
N GLY C 343 2.72 5.96 22.14
CA GLY C 343 1.90 4.75 21.95
C GLY C 343 2.41 3.56 22.74
N TRP C 344 3.60 3.65 23.32
CA TRP C 344 4.24 2.49 23.99
C TRP C 344 3.53 2.22 25.31
N PRO C 345 3.46 0.94 25.75
CA PRO C 345 2.87 0.63 27.05
C PRO C 345 3.82 0.97 28.21
N ILE C 346 3.25 1.12 29.40
CA ILE C 346 4.01 1.33 30.66
C ILE C 346 4.07 -0.01 31.36
N THR C 347 5.27 -0.54 31.55
CA THR C 347 5.55 -1.87 32.14
C THR C 347 6.68 -1.72 33.17
N GLN C 348 6.34 -1.31 34.38
CA GLN C 348 7.33 -0.91 35.40
C GLN C 348 8.39 -2.00 35.60
N GLU C 349 8.01 -3.29 35.54
CA GLU C 349 8.93 -4.41 35.87
C GLU C 349 10.04 -4.53 34.83
N ALA C 350 9.94 -3.83 33.69
CA ALA C 350 11.03 -3.85 32.69
C ALA C 350 12.35 -3.38 33.32
N LEU C 351 12.31 -2.46 34.28
CA LEU C 351 13.55 -1.88 34.85
C LEU C 351 14.02 -2.72 36.05
N TYR C 352 13.33 -3.81 36.35
CA TYR C 352 13.86 -4.90 37.23
C TYR C 352 14.48 -5.99 36.34
N TRP C 353 13.69 -6.58 35.45
CA TRP C 353 14.08 -7.82 34.72
C TRP C 353 15.12 -7.52 33.65
N GLY C 354 15.03 -6.39 32.95
CA GLY C 354 16.07 -6.08 31.95
C GLY C 354 17.46 -6.08 32.58
N PRO C 355 17.66 -5.24 33.62
CA PRO C 355 18.95 -5.22 34.32
C PRO C 355 19.32 -6.60 34.91
N ARG C 356 18.37 -7.27 35.55
CA ARG C 356 18.67 -8.57 36.22
C ARG C 356 19.12 -9.59 35.17
N PHE C 357 18.34 -9.79 34.11
CA PHE C 357 18.68 -10.84 33.11
C PHE C 357 19.96 -10.46 32.38
N THR C 358 20.19 -9.18 32.09
CA THR C 358 21.41 -8.74 31.39
C THR C 358 22.60 -9.01 32.31
N SER C 359 22.45 -8.73 33.60
CA SER C 359 23.49 -8.98 34.64
C SER C 359 23.80 -10.48 34.68
N GLU C 360 22.77 -11.33 34.72
CA GLU C 360 22.95 -12.80 34.82
C GLU C 360 23.65 -13.34 33.57
N ARG C 361 23.32 -12.84 32.38
CA ARG C 361 23.88 -13.44 31.14
C ARG C 361 25.34 -13.00 30.99
N TYR C 362 25.65 -11.73 31.25
CA TYR C 362 26.95 -11.13 30.84
C TYR C 362 27.85 -10.80 32.02
N HIS C 363 27.33 -10.79 33.25
CA HIS C 363 28.14 -10.55 34.48
C HIS C 363 28.90 -9.23 34.36
N LYS C 364 28.22 -8.19 33.85
CA LYS C 364 28.79 -6.84 33.76
C LYS C 364 27.90 -5.90 34.54
N PRO C 365 28.48 -4.81 35.08
CA PRO C 365 27.70 -3.73 35.64
C PRO C 365 26.76 -3.16 34.57
N ILE C 366 25.59 -2.73 35.01
CA ILE C 366 24.54 -2.15 34.14
C ILE C 366 24.47 -0.65 34.39
N MET C 367 24.39 0.14 33.32
CA MET C 367 23.95 1.53 33.41
C MET C 367 22.66 1.69 32.61
N ILE C 368 21.62 2.24 33.23
CA ILE C 368 20.39 2.63 32.48
C ILE C 368 20.73 3.94 31.80
N THR C 369 21.13 3.89 30.53
CA THR C 369 21.60 5.06 29.77
C THR C 369 20.42 5.85 29.21
N GLY C 370 19.19 5.36 29.39
CA GLY C 370 18.00 6.07 28.90
C GLY C 370 16.74 5.40 29.40
N ASN C 371 15.90 6.17 30.05
CA ASN C 371 14.58 5.74 30.54
C ASN C 371 13.72 7.00 30.66
N GLY C 372 12.52 6.96 30.12
CA GLY C 372 11.62 8.12 30.21
C GLY C 372 10.36 7.87 29.41
N MET C 373 9.56 8.91 29.27
CA MET C 373 8.18 8.79 28.77
C MET C 373 7.86 9.99 27.88
N SER C 374 7.26 9.73 26.74
CA SER C 374 6.60 10.75 25.90
C SER C 374 5.25 11.10 26.53
N CYS C 375 4.98 12.37 26.77
CA CYS C 375 3.71 12.83 27.37
C CYS C 375 3.16 13.95 26.51
N HIS C 376 1.84 14.08 26.46
CA HIS C 376 1.18 15.21 25.77
C HIS C 376 1.26 16.43 26.67
N ASP C 377 2.47 16.97 26.81
CA ASP C 377 2.70 18.10 27.75
C ASP C 377 2.31 19.40 27.07
N CYS C 378 1.90 20.35 27.89
CA CYS C 378 1.67 21.72 27.42
C CYS C 378 1.80 22.65 28.61
N ILE C 379 1.79 23.95 28.32
CA ILE C 379 1.79 24.99 29.37
C ILE C 379 0.33 25.19 29.77
N SER C 380 0.01 24.89 31.02
CA SER C 380 -1.35 25.04 31.58
C SER C 380 -1.65 26.52 31.78
N LEU C 381 -2.90 26.84 32.10
CA LEU C 381 -3.32 28.24 32.32
C LEU C 381 -2.47 28.90 33.42
N ASP C 382 -1.95 28.13 34.38
CA ASP C 382 -1.10 28.66 35.47
C ASP C 382 0.35 28.93 35.00
N GLY C 383 0.69 28.65 33.74
CA GLY C 383 2.02 28.92 33.15
C GLY C 383 3.03 27.83 33.46
N LYS C 384 2.61 26.76 34.11
CA LYS C 384 3.50 25.65 34.52
C LYS C 384 3.30 24.46 33.58
N VAL C 385 4.21 23.51 33.63
CA VAL C 385 4.07 22.26 32.85
C VAL C 385 3.94 21.10 33.83
N HIS C 386 2.72 20.60 33.96
CA HIS C 386 2.33 19.54 34.90
C HIS C 386 2.37 18.21 34.17
N ASP C 387 3.20 17.29 34.63
CA ASP C 387 3.41 15.98 33.96
C ASP C 387 3.36 14.87 35.00
N GLU C 388 2.25 14.80 35.74
CA GLU C 388 2.06 13.75 36.77
C GLU C 388 2.29 12.37 36.15
N ASN C 389 1.90 12.12 34.89
CA ASN C 389 2.05 10.76 34.30
C ASN C 389 3.54 10.41 34.19
N ARG C 390 4.39 11.38 33.88
CA ARG C 390 5.86 11.15 33.83
C ARG C 390 6.40 10.90 35.24
N ILE C 391 5.93 11.64 36.24
CA ILE C 391 6.33 11.40 37.65
C ILE C 391 5.97 9.98 38.04
N ASP C 392 4.74 9.55 37.77
CA ASP C 392 4.31 8.18 38.13
C ASP C 392 5.19 7.15 37.40
N TYR C 393 5.42 7.36 36.10
CA TYR C 393 6.29 6.46 35.29
C TYR C 393 7.66 6.35 35.97
N MET C 394 8.31 7.48 36.23
CA MET C 394 9.67 7.50 36.80
C MET C 394 9.67 6.85 38.18
N HIS C 395 8.68 7.15 39.01
CA HIS C 395 8.57 6.61 40.39
C HIS C 395 8.46 5.10 40.30
N ARG C 396 7.56 4.60 39.46
CA ARG C 396 7.33 3.15 39.32
C ARG C 396 8.58 2.47 38.80
N TYR C 397 9.21 2.99 37.74
CA TYR C 397 10.39 2.33 37.11
C TYR C 397 11.57 2.36 38.10
N LEU C 398 11.77 3.47 38.80
CA LEU C 398 12.92 3.58 39.73
C LEU C 398 12.72 2.63 40.92
N LEU C 399 11.49 2.44 41.38
CA LEU C 399 11.23 1.43 42.45
C LEU C 399 11.67 0.06 41.96
N GLN C 400 11.44 -0.26 40.69
CA GLN C 400 11.81 -1.59 40.14
C GLN C 400 13.34 -1.69 40.02
N LEU C 401 14.00 -0.62 39.61
CA LEU C 401 15.48 -0.61 39.51
C LEU C 401 16.07 -0.75 40.92
N LYS C 402 15.46 -0.08 41.90
CA LYS C 402 15.92 -0.15 43.31
C LYS C 402 15.81 -1.58 43.80
N LYS C 403 14.73 -2.28 43.43
CA LYS C 403 14.52 -3.70 43.83
C LYS C 403 15.59 -4.57 43.17
N ALA C 404 15.97 -4.30 41.92
CA ALA C 404 17.05 -5.05 41.23
C ALA C 404 18.35 -4.90 42.03
N ILE C 405 18.66 -3.69 42.47
CA ILE C 405 19.89 -3.41 43.24
C ILE C 405 19.81 -4.18 44.57
N ALA C 406 18.67 -4.15 45.24
CA ALA C 406 18.43 -4.89 46.52
C ALA C 406 18.64 -6.38 46.28
N ASP C 407 18.26 -6.90 45.11
CA ASP C 407 18.39 -8.34 44.79
C ASP C 407 19.78 -8.66 44.22
N GLY C 408 20.73 -7.71 44.25
CA GLY C 408 22.15 -7.99 43.98
C GLY C 408 22.62 -7.58 42.59
N VAL C 409 21.79 -6.91 41.80
CA VAL C 409 22.22 -6.48 40.45
C VAL C 409 23.09 -5.24 40.58
N ASP C 410 24.27 -5.26 39.97
CA ASP C 410 25.22 -4.13 39.97
C ASP C 410 24.74 -3.09 38.94
N VAL C 411 24.02 -2.08 39.42
CA VAL C 411 23.57 -0.94 38.59
C VAL C 411 24.37 0.28 39.00
N GLU C 412 25.06 0.92 38.06
CA GLU C 412 26.00 2.03 38.37
C GLU C 412 25.37 3.39 38.10
N GLY C 413 24.28 3.46 37.34
CA GLY C 413 23.69 4.77 37.05
C GLY C 413 22.35 4.67 36.35
N TYR C 414 21.66 5.79 36.31
CA TYR C 414 20.33 5.94 35.67
C TYR C 414 20.29 7.30 35.03
N TYR C 415 19.97 7.34 33.72
CA TYR C 415 19.92 8.61 32.95
C TYR C 415 18.50 8.80 32.44
N ALA C 416 17.84 9.83 32.92
CA ALA C 416 16.48 10.21 32.46
C ALA C 416 16.56 10.69 31.02
N TRP C 417 15.83 10.01 30.12
CA TRP C 417 15.62 10.47 28.73
C TRP C 417 14.34 11.31 28.73
N SER C 418 14.41 12.64 28.60
CA SER C 418 15.57 13.42 28.20
C SER C 418 15.61 14.70 29.05
N LEU C 419 16.77 15.38 29.07
CA LEU C 419 16.85 16.71 29.72
C LEU C 419 15.78 17.63 29.12
N LEU C 420 15.66 17.64 27.79
CA LEU C 420 14.84 18.60 27.03
C LEU C 420 13.86 17.83 26.16
N ASP C 421 12.66 18.37 26.00
CA ASP C 421 11.82 18.03 24.83
C ASP C 421 12.68 18.26 23.59
N ASN C 422 12.57 17.40 22.58
CA ASN C 422 13.50 17.50 21.45
C ASN C 422 12.91 16.85 20.21
N PHE C 423 13.73 16.79 19.16
CA PHE C 423 13.40 16.19 17.86
C PHE C 423 13.39 14.67 18.05
N GLU C 424 12.20 14.07 18.08
CA GLU C 424 12.04 12.60 18.25
C GLU C 424 12.03 11.94 16.87
N TRP C 425 13.13 12.10 16.12
CA TRP C 425 13.42 11.32 14.90
C TRP C 425 12.21 11.39 13.94
N ALA C 426 11.69 10.26 13.47
CA ALA C 426 10.63 10.29 12.43
C ALA C 426 9.32 10.89 12.98
N ASN C 427 9.18 11.03 14.30
CA ASN C 427 7.99 11.65 14.93
C ASN C 427 8.17 13.16 15.07
N GLY C 428 9.31 13.71 14.62
CA GLY C 428 9.59 15.14 14.74
C GLY C 428 9.36 15.64 16.15
N TYR C 429 8.77 16.82 16.32
CA TYR C 429 8.60 17.45 17.65
C TYR C 429 7.30 17.03 18.32
N ASN C 430 6.61 16.04 17.73
CA ASN C 430 5.27 15.61 18.20
C ASN C 430 5.36 14.73 19.45
N ASP C 431 6.55 14.31 19.85
CA ASP C 431 6.75 13.50 21.08
C ASP C 431 7.72 14.25 22.00
N ARG C 432 7.24 14.56 23.19
CA ARG C 432 7.97 15.31 24.23
C ARG C 432 8.38 14.35 25.35
N PHE C 433 9.67 14.08 25.46
CA PHE C 433 10.25 13.18 26.48
C PHE C 433 10.95 13.95 27.60
N GLY C 434 10.95 15.27 27.54
CA GLY C 434 11.79 16.07 28.45
C GLY C 434 11.29 16.06 29.89
N ILE C 435 12.23 16.27 30.83
CA ILE C 435 11.88 16.79 32.18
C ILE C 435 11.88 18.32 32.13
N THR C 436 12.29 18.90 31.01
CA THR C 436 12.20 20.35 30.71
C THR C 436 11.38 20.52 29.43
N TYR C 437 10.36 21.35 29.47
CA TYR C 437 9.51 21.71 28.32
C TYR C 437 10.27 22.74 27.49
N VAL C 438 10.20 22.61 26.18
CA VAL C 438 10.72 23.64 25.24
C VAL C 438 9.56 24.19 24.41
N ASP C 439 9.35 25.50 24.49
CA ASP C 439 8.45 26.21 23.56
C ASP C 439 9.27 26.52 22.30
N TYR C 440 8.99 25.85 21.18
CA TYR C 440 9.87 25.97 19.99
C TYR C 440 9.72 27.36 19.35
N GLU C 441 8.65 28.09 19.63
CA GLU C 441 8.46 29.45 19.07
C GLU C 441 9.52 30.41 19.64
N THR C 442 9.83 30.28 20.92
CA THR C 442 10.69 31.23 21.69
C THR C 442 11.96 30.55 22.20
N GLN C 443 12.03 29.21 22.13
CA GLN C 443 13.09 28.38 22.76
C GLN C 443 13.08 28.50 24.28
N GLN C 444 12.01 29.01 24.89
CA GLN C 444 11.91 29.07 26.36
C GLN C 444 11.97 27.65 26.92
N ARG C 445 12.78 27.44 27.95
CA ARG C 445 12.80 26.21 28.77
C ARG C 445 11.92 26.43 30.00
N ILE C 446 11.04 25.48 30.29
CA ILE C 446 10.23 25.47 31.54
C ILE C 446 10.45 24.12 32.18
N ILE C 447 11.10 24.08 33.34
CA ILE C 447 11.30 22.80 34.05
C ILE C 447 9.90 22.28 34.40
N LYS C 448 9.64 21.02 34.09
CA LYS C 448 8.32 20.40 34.36
C LYS C 448 8.29 19.93 35.81
N ASP C 449 7.10 19.61 36.31
CA ASP C 449 6.98 19.01 37.66
C ASP C 449 7.94 17.83 37.80
N SER C 450 8.12 17.01 36.76
CA SER C 450 8.99 15.81 36.82
C SER C 450 10.44 16.22 37.11
N GLY C 451 10.89 17.37 36.62
CA GLY C 451 12.26 17.85 36.88
C GLY C 451 12.48 18.08 38.36
N PHE C 452 11.51 18.68 39.04
CA PHE C 452 11.59 18.96 40.50
C PHE C 452 11.43 17.66 41.27
N PHE C 453 10.59 16.75 40.78
CA PHE C 453 10.43 15.40 41.37
C PHE C 453 11.80 14.69 41.31
N TYR C 454 12.46 14.75 40.17
CA TYR C 454 13.76 14.06 39.94
C TYR C 454 14.83 14.72 40.83
N GLN C 455 14.83 16.05 40.90
CA GLN C 455 15.76 16.81 41.77
C GLN C 455 15.70 16.22 43.18
N GLN C 456 14.49 15.99 43.69
CA GLN C 456 14.26 15.50 45.07
C GLN C 456 14.77 14.06 45.17
N ILE C 457 14.53 13.22 44.16
CA ILE C 457 15.06 11.83 44.14
C ILE C 457 16.59 11.89 44.28
N ILE C 458 17.24 12.75 43.51
CA ILE C 458 18.73 12.79 43.49
C ILE C 458 19.21 13.27 44.86
N GLU C 459 18.58 14.31 45.42
CA GLU C 459 18.99 14.90 46.72
C GLU C 459 18.97 13.83 47.82
N THR C 460 18.00 12.91 47.76
CA THR C 460 17.76 11.85 48.77
C THR C 460 18.34 10.51 48.31
N ASN C 461 19.05 10.49 47.18
CA ASN C 461 19.67 9.26 46.59
C ASN C 461 18.60 8.17 46.43
N GLY C 462 17.34 8.54 46.21
CA GLY C 462 16.24 7.58 46.00
C GLY C 462 15.82 6.87 47.26
N ASP C 463 16.23 7.36 48.45
CA ASP C 463 15.95 6.66 49.73
C ASP C 463 14.45 6.71 50.05
N LEU C 464 13.71 7.70 49.54
CA LEU C 464 12.29 7.94 49.90
C LEU C 464 11.34 7.46 48.78
N LEU C 465 11.85 6.82 47.72
CA LEU C 465 10.99 6.26 46.64
C LEU C 465 9.97 5.30 47.26
N GLY D 22 17.30 4.49 -50.26
CA GLY D 22 17.02 3.47 -49.21
C GLY D 22 18.03 3.55 -48.09
N PHE D 23 18.27 2.43 -47.39
CA PHE D 23 19.33 2.34 -46.36
C PHE D 23 20.69 2.51 -47.02
N PRO D 24 21.65 3.21 -46.37
CA PRO D 24 22.99 3.34 -46.92
C PRO D 24 23.69 1.98 -47.08
N LYS D 25 24.65 1.92 -48.00
CA LYS D 25 25.31 0.63 -48.36
C LYS D 25 26.07 0.06 -47.17
N ASP D 26 26.62 0.91 -46.30
CA ASP D 26 27.45 0.48 -45.14
C ASP D 26 26.60 0.45 -43.85
N PHE D 27 25.28 0.40 -43.98
CA PHE D 27 24.34 0.43 -42.82
C PHE D 27 24.63 -0.76 -41.91
N LEU D 28 24.77 -0.50 -40.62
CA LEU D 28 25.07 -1.57 -39.62
C LEU D 28 23.77 -2.26 -39.22
N TRP D 29 23.44 -3.36 -39.89
CA TRP D 29 22.33 -4.28 -39.51
C TRP D 29 22.79 -5.18 -38.37
N GLY D 30 22.21 -5.02 -37.19
CA GLY D 30 22.72 -5.72 -36.02
C GLY D 30 21.65 -6.39 -35.20
N THR D 31 22.11 -7.08 -34.17
CA THR D 31 21.26 -7.53 -33.04
C THR D 31 22.03 -7.22 -31.75
N ALA D 32 21.32 -7.14 -30.63
CA ALA D 32 21.89 -6.67 -29.35
C ALA D 32 21.50 -7.60 -28.21
N THR D 33 22.42 -7.68 -27.25
CA THR D 33 22.25 -8.37 -25.96
C THR D 33 22.94 -7.55 -24.86
N ALA D 34 22.82 -8.02 -23.63
CA ALA D 34 23.52 -7.46 -22.46
C ALA D 34 24.04 -8.63 -21.63
N SER D 35 25.17 -8.40 -20.98
CA SER D 35 25.93 -9.44 -20.24
C SER D 35 25.00 -10.18 -19.26
N TYR D 36 24.38 -9.46 -18.32
CA TYR D 36 23.63 -10.13 -17.23
C TYR D 36 22.41 -10.86 -17.81
N GLN D 37 21.86 -10.36 -18.91
CA GLN D 37 20.60 -10.91 -19.46
C GLN D 37 20.85 -12.28 -20.11
N ILE D 38 22.06 -12.59 -20.58
CA ILE D 38 22.28 -13.85 -21.36
C ILE D 38 23.40 -14.73 -20.79
N GLU D 39 24.40 -14.18 -20.10
CA GLU D 39 25.69 -14.91 -19.93
C GLU D 39 25.55 -16.09 -18.98
N GLY D 40 24.87 -15.92 -17.85
CA GLY D 40 25.00 -16.88 -16.74
C GLY D 40 26.44 -16.92 -16.25
N ALA D 41 26.91 -18.10 -15.80
CA ALA D 41 28.25 -18.24 -15.21
C ALA D 41 28.53 -17.09 -14.24
N ALA D 42 27.56 -16.80 -13.38
CA ALA D 42 27.60 -15.60 -12.53
C ALA D 42 28.68 -15.72 -11.44
N PHE D 43 29.05 -16.94 -11.06
CA PHE D 43 29.89 -17.19 -9.85
C PHE D 43 31.12 -18.02 -10.19
N GLU D 44 31.65 -17.90 -11.38
CA GLU D 44 32.81 -18.76 -11.69
C GLU D 44 33.86 -18.01 -12.51
N ASP D 45 35.01 -18.66 -12.65
CA ASP D 45 36.19 -18.12 -13.36
C ASP D 45 36.59 -16.77 -12.77
N GLY D 46 36.43 -16.62 -11.46
CA GLY D 46 36.89 -15.46 -10.67
C GLY D 46 36.01 -14.25 -10.85
N LYS D 47 34.87 -14.37 -11.55
CA LYS D 47 33.96 -13.21 -11.73
C LYS D 47 33.51 -12.71 -10.35
N GLY D 48 33.52 -11.39 -10.15
CA GLY D 48 33.03 -10.75 -8.93
C GLY D 48 31.51 -10.61 -8.95
N LEU D 49 30.89 -10.51 -7.80
CA LEU D 49 29.43 -10.23 -7.74
C LEU D 49 29.17 -8.87 -8.40
N ASN D 50 27.98 -8.75 -8.98
CA ASN D 50 27.44 -7.43 -9.40
C ASN D 50 26.12 -7.19 -8.67
N ILE D 51 25.59 -5.98 -8.80
CA ILE D 51 24.38 -5.60 -8.02
C ILE D 51 23.18 -6.44 -8.44
N TRP D 52 23.12 -6.95 -9.67
CA TRP D 52 21.99 -7.79 -10.12
C TRP D 52 22.08 -9.19 -9.53
N ASP D 53 23.28 -9.74 -9.34
CA ASP D 53 23.44 -11.03 -8.63
C ASP D 53 22.77 -10.91 -7.26
N VAL D 54 23.01 -9.81 -6.55
CA VAL D 54 22.52 -9.66 -5.16
C VAL D 54 21.04 -9.28 -5.19
N PHE D 55 20.65 -8.31 -6.00
CA PHE D 55 19.24 -7.84 -6.06
C PHE D 55 18.31 -8.98 -6.46
N SER D 56 18.68 -9.75 -7.49
CA SER D 56 17.81 -10.81 -8.05
C SER D 56 17.57 -11.91 -7.00
N HIS D 57 18.46 -12.05 -6.00
CA HIS D 57 18.33 -13.09 -4.94
C HIS D 57 17.52 -12.58 -3.75
N GLN D 58 17.13 -11.31 -3.74
CA GLN D 58 16.29 -10.73 -2.65
C GLN D 58 14.82 -11.12 -2.93
N GLU D 59 14.17 -11.75 -1.96
CA GLU D 59 12.78 -12.24 -2.10
C GLU D 59 11.91 -11.11 -2.68
N GLY D 60 11.18 -11.40 -3.76
CA GLY D 60 10.11 -10.53 -4.26
C GLY D 60 10.60 -9.43 -5.19
N LYS D 61 11.89 -9.31 -5.48
CA LYS D 61 12.39 -8.25 -6.38
C LYS D 61 12.15 -8.60 -7.84
N ILE D 62 12.18 -9.88 -8.18
CA ILE D 62 12.03 -10.33 -9.59
C ILE D 62 10.78 -11.21 -9.68
N PHE D 63 10.08 -11.11 -10.80
CA PHE D 63 9.00 -12.05 -11.18
C PHE D 63 9.41 -13.48 -10.81
N GLU D 64 8.61 -14.14 -9.97
CA GLU D 64 8.78 -15.58 -9.57
C GLU D 64 10.20 -15.85 -9.06
N ASN D 65 10.86 -14.85 -8.50
CA ASN D 65 12.24 -14.94 -7.98
C ASN D 65 13.20 -15.51 -9.03
N HIS D 66 12.95 -15.20 -10.31
CA HIS D 66 13.93 -15.50 -11.37
C HIS D 66 15.23 -14.74 -11.09
N ASN D 67 16.34 -15.25 -11.64
CA ASN D 67 17.63 -14.55 -11.55
C ASN D 67 18.47 -14.89 -12.77
N GLY D 68 19.58 -14.18 -12.93
CA GLY D 68 20.53 -14.35 -14.04
C GLY D 68 21.65 -15.32 -13.72
N ASP D 69 21.51 -16.19 -12.73
CA ASP D 69 22.64 -17.10 -12.35
C ASP D 69 23.11 -17.89 -13.59
N VAL D 70 22.16 -18.37 -14.38
CA VAL D 70 22.40 -19.22 -15.58
C VAL D 70 21.92 -18.47 -16.83
N ALA D 71 20.76 -17.82 -16.79
CA ALA D 71 20.22 -17.10 -17.96
C ALA D 71 20.24 -18.01 -19.20
N CYS D 72 20.83 -17.56 -20.31
CA CYS D 72 20.91 -18.34 -21.56
C CYS D 72 22.20 -19.16 -21.59
N ASP D 73 22.97 -19.14 -20.51
CA ASP D 73 24.25 -19.90 -20.41
C ASP D 73 25.14 -19.53 -21.60
N HIS D 74 25.07 -18.29 -22.08
CA HIS D 74 25.83 -17.84 -23.27
C HIS D 74 27.34 -17.89 -22.99
N TYR D 75 27.77 -17.73 -21.74
CA TYR D 75 29.20 -17.82 -21.36
C TYR D 75 29.75 -19.17 -21.84
N ASN D 76 28.92 -20.22 -21.75
CA ASN D 76 29.34 -21.61 -22.10
C ASN D 76 28.88 -22.00 -23.50
N ARG D 77 28.00 -21.23 -24.15
CA ARG D 77 27.39 -21.63 -25.44
C ARG D 77 27.70 -20.57 -26.51
N LEU D 78 28.81 -19.86 -26.34
CA LEU D 78 29.28 -18.75 -27.21
C LEU D 78 29.26 -19.19 -28.69
N GLU D 79 29.86 -20.35 -28.98
CA GLU D 79 30.06 -20.81 -30.38
C GLU D 79 28.70 -20.99 -31.06
N GLU D 80 27.74 -21.59 -30.37
CA GLU D 80 26.38 -21.81 -30.93
C GLU D 80 25.76 -20.45 -31.27
N ASP D 81 25.89 -19.47 -30.38
CA ASP D 81 25.24 -18.15 -30.57
C ASP D 81 25.96 -17.38 -31.69
N LEU D 82 27.28 -17.49 -31.78
CA LEU D 82 28.04 -16.91 -32.93
C LEU D 82 27.57 -17.52 -34.24
N ASP D 83 27.29 -18.83 -34.26
CA ASP D 83 26.82 -19.53 -35.47
C ASP D 83 25.42 -19.01 -35.86
N ILE D 84 24.59 -18.67 -34.88
CA ILE D 84 23.25 -18.10 -35.18
C ILE D 84 23.45 -16.73 -35.84
N LEU D 85 24.33 -15.91 -35.28
CA LEU D 85 24.65 -14.57 -35.85
C LEU D 85 25.08 -14.72 -37.31
N SER D 86 25.94 -15.71 -37.59
CA SER D 86 26.45 -15.97 -38.96
C SER D 86 25.30 -16.46 -39.85
N LYS D 87 24.50 -17.42 -39.37
CA LYS D 87 23.38 -18.00 -40.14
C LYS D 87 22.42 -16.90 -40.59
N LEU D 88 22.16 -15.93 -39.71
CA LEU D 88 21.18 -14.85 -39.99
C LEU D 88 21.82 -13.71 -40.78
N GLY D 89 23.14 -13.73 -40.97
CA GLY D 89 23.86 -12.75 -41.80
C GLY D 89 23.93 -11.38 -41.14
N VAL D 90 23.84 -11.32 -39.81
CA VAL D 90 23.90 -10.01 -39.12
C VAL D 90 25.28 -9.40 -39.34
N LYS D 91 25.34 -8.10 -39.63
CA LYS D 91 26.59 -7.35 -39.96
C LYS D 91 27.30 -6.92 -38.70
N SER D 92 26.58 -6.71 -37.59
CA SER D 92 27.14 -6.16 -36.35
C SER D 92 26.44 -6.81 -35.16
N TYR D 93 27.17 -7.00 -34.07
CA TYR D 93 26.65 -7.61 -32.83
C TYR D 93 26.97 -6.63 -31.70
N ARG D 94 25.91 -6.11 -31.09
CA ARG D 94 26.02 -5.24 -29.91
C ARG D 94 25.86 -6.11 -28.67
N PHE D 95 26.85 -6.05 -27.80
CA PHE D 95 26.92 -6.83 -26.54
C PHE D 95 27.50 -5.90 -25.50
N SER D 96 27.34 -6.27 -24.23
CA SER D 96 28.00 -5.54 -23.14
C SER D 96 29.04 -6.45 -22.51
N VAL D 97 30.04 -5.81 -21.95
CA VAL D 97 31.07 -6.45 -21.10
C VAL D 97 30.60 -6.38 -19.65
N SER D 98 30.68 -7.50 -18.97
CA SER D 98 30.51 -7.59 -17.51
C SER D 98 31.75 -6.98 -16.85
N TRP D 99 31.60 -5.76 -16.34
CA TRP D 99 32.63 -5.06 -15.53
C TRP D 99 33.14 -6.02 -14.44
N SER D 100 32.25 -6.71 -13.72
CA SER D 100 32.63 -7.59 -12.59
C SER D 100 33.36 -8.85 -13.07
N ARG D 101 33.18 -9.24 -14.34
CA ARG D 101 33.89 -10.42 -14.91
C ARG D 101 35.35 -10.03 -15.17
N VAL D 102 35.62 -8.80 -15.62
CA VAL D 102 37.01 -8.38 -15.99
C VAL D 102 37.72 -7.70 -14.81
N LEU D 103 36.98 -7.06 -13.90
CA LEU D 103 37.54 -6.42 -12.67
C LEU D 103 36.65 -6.84 -11.52
N PRO D 104 36.91 -8.02 -10.90
CA PRO D 104 36.01 -8.56 -9.89
C PRO D 104 35.67 -7.61 -8.72
N ALA D 105 36.59 -6.74 -8.32
CA ALA D 105 36.39 -5.72 -7.27
C ALA D 105 36.01 -4.36 -7.89
N GLY D 106 35.80 -4.31 -9.20
CA GLY D 106 35.47 -3.08 -9.93
C GLY D 106 36.69 -2.26 -10.30
N ILE D 107 37.72 -2.29 -9.44
CA ILE D 107 39.02 -1.62 -9.68
C ILE D 107 40.13 -2.61 -9.30
N GLY D 108 41.36 -2.29 -9.68
CA GLY D 108 42.55 -3.08 -9.30
C GLY D 108 42.77 -4.26 -10.24
N GLN D 109 42.86 -5.45 -9.67
CA GLN D 109 43.36 -6.66 -10.38
C GLN D 109 42.40 -7.02 -11.52
N VAL D 110 42.93 -7.10 -12.73
CA VAL D 110 42.21 -7.61 -13.92
C VAL D 110 42.09 -9.13 -13.78
N ASN D 111 40.93 -9.66 -14.13
CA ASN D 111 40.69 -11.11 -14.17
C ASN D 111 40.90 -11.57 -15.63
N HIS D 112 42.01 -12.25 -15.90
CA HIS D 112 42.37 -12.59 -17.30
C HIS D 112 41.44 -13.68 -17.85
N LYS D 113 40.81 -14.50 -17.00
CA LYS D 113 39.80 -15.47 -17.51
C LYS D 113 38.59 -14.68 -18.05
N GLY D 114 38.23 -13.60 -17.38
CA GLY D 114 37.14 -12.70 -17.85
C GLY D 114 37.50 -12.09 -19.20
N ILE D 115 38.68 -11.50 -19.29
CA ILE D 115 39.20 -10.92 -20.56
C ILE D 115 39.14 -12.00 -21.66
N ALA D 116 39.59 -13.22 -21.35
CA ALA D 116 39.70 -14.33 -22.32
C ALA D 116 38.34 -14.64 -22.94
N PHE D 117 37.27 -14.57 -22.14
CA PHE D 117 35.91 -14.84 -22.66
C PHE D 117 35.59 -13.84 -23.76
N TYR D 118 35.77 -12.54 -23.49
CA TYR D 118 35.42 -11.47 -24.46
C TYR D 118 36.38 -11.54 -25.66
N GLN D 119 37.63 -11.93 -25.42
CA GLN D 119 38.59 -12.10 -26.54
C GLN D 119 38.10 -13.21 -27.48
N MET D 120 37.60 -14.31 -26.92
CA MET D 120 37.05 -15.45 -27.71
C MET D 120 35.82 -14.97 -28.48
N LEU D 121 34.92 -14.21 -27.84
CA LEU D 121 33.74 -13.67 -28.52
C LEU D 121 34.19 -12.79 -29.70
N ILE D 122 35.08 -11.83 -29.45
CA ILE D 122 35.51 -10.82 -30.44
C ILE D 122 36.24 -11.56 -31.59
N SER D 123 37.10 -12.54 -31.27
CA SER D 123 37.79 -13.35 -32.31
C SER D 123 36.75 -14.07 -33.17
N GLY D 124 35.73 -14.67 -32.52
CA GLY D 124 34.61 -15.36 -33.21
C GLY D 124 33.86 -14.43 -34.14
N LEU D 125 33.58 -13.21 -33.70
CA LEU D 125 32.88 -12.21 -34.53
C LEU D 125 33.77 -11.87 -35.73
N ARG D 126 35.05 -11.58 -35.49
CA ARG D 126 36.00 -11.18 -36.56
C ARG D 126 36.10 -12.32 -37.59
N GLU D 127 36.19 -13.57 -37.16
CA GLU D 127 36.26 -14.76 -38.06
C GLU D 127 35.04 -14.79 -38.97
N ARG D 128 33.87 -14.34 -38.48
CA ARG D 128 32.59 -14.42 -39.20
C ARG D 128 32.30 -13.10 -39.94
N GLY D 129 33.21 -12.12 -39.88
CA GLY D 129 33.05 -10.82 -40.57
C GLY D 129 31.94 -10.00 -39.94
N ILE D 130 31.74 -10.15 -38.63
CA ILE D 130 30.70 -9.42 -37.85
C ILE D 130 31.38 -8.31 -37.07
N ILE D 131 30.86 -7.07 -37.18
CA ILE D 131 31.45 -5.88 -36.52
C ILE D 131 31.01 -5.84 -35.05
N PRO D 132 31.95 -5.93 -34.09
CA PRO D 132 31.61 -5.78 -32.68
C PRO D 132 31.18 -4.34 -32.34
N CYS D 133 30.12 -4.22 -31.54
CA CYS D 133 29.68 -2.94 -30.95
C CYS D 133 29.59 -3.15 -29.44
N MET D 134 30.54 -2.59 -28.69
CA MET D 134 30.74 -2.97 -27.28
C MET D 134 30.14 -1.90 -26.35
N THR D 135 29.12 -2.29 -25.58
CA THR D 135 28.57 -1.49 -24.47
C THR D 135 29.43 -1.74 -23.23
N LEU D 136 30.03 -0.70 -22.65
CA LEU D 136 30.84 -0.85 -21.42
C LEU D 136 29.90 -1.10 -20.23
N TYR D 137 28.84 -0.30 -20.10
CA TYR D 137 27.97 -0.34 -18.90
C TYR D 137 26.53 -0.63 -19.28
N HIS D 138 26.07 -1.85 -19.01
CA HIS D 138 24.66 -2.25 -19.19
C HIS D 138 24.13 -2.77 -17.84
N TRP D 139 24.40 -1.99 -16.79
CA TRP D 139 23.65 -1.93 -15.50
C TRP D 139 24.25 -2.83 -14.42
N ASP D 140 25.23 -3.67 -14.78
CA ASP D 140 25.79 -4.66 -13.82
C ASP D 140 26.96 -4.03 -13.07
N LEU D 141 26.70 -3.01 -12.26
CA LEU D 141 27.71 -2.38 -11.39
C LEU D 141 28.34 -3.47 -10.51
N PRO D 142 29.69 -3.56 -10.45
CA PRO D 142 30.33 -4.46 -9.49
C PRO D 142 29.86 -4.21 -8.06
N TYR D 143 29.55 -5.29 -7.36
CA TYR D 143 28.99 -5.23 -6.00
C TYR D 143 30.00 -4.59 -5.05
N ALA D 144 31.28 -4.84 -5.26
CA ALA D 144 32.33 -4.24 -4.41
C ALA D 144 32.23 -2.71 -4.50
N LEU D 145 31.87 -2.15 -5.64
CA LEU D 145 31.77 -0.69 -5.79
C LEU D 145 30.45 -0.20 -5.18
N HIS D 146 29.39 -0.99 -5.29
CA HIS D 146 28.11 -0.69 -4.58
C HIS D 146 28.37 -0.55 -3.06
N LEU D 147 29.19 -1.42 -2.47
CA LEU D 147 29.48 -1.36 -1.02
C LEU D 147 30.22 -0.05 -0.68
N LYS D 148 30.89 0.56 -1.66
CA LYS D 148 31.58 1.86 -1.50
C LYS D 148 30.67 3.01 -1.94
N GLY D 149 29.35 2.81 -1.97
CA GLY D 149 28.40 3.89 -2.28
C GLY D 149 28.00 3.94 -3.76
N GLY D 150 28.58 3.10 -4.61
CA GLY D 150 28.30 3.12 -6.06
C GLY D 150 28.38 4.52 -6.62
N TRP D 151 27.38 4.92 -7.39
CA TRP D 151 27.37 6.21 -8.13
C TRP D 151 27.20 7.40 -7.19
N LEU D 152 27.00 7.20 -5.89
CA LEU D 152 26.99 8.34 -4.92
C LEU D 152 28.42 8.77 -4.62
N ASN D 153 29.39 7.89 -4.83
CA ASN D 153 30.79 8.13 -4.41
C ASN D 153 31.44 9.12 -5.39
N ASP D 154 32.11 10.14 -4.86
CA ASP D 154 32.85 11.15 -5.64
C ASP D 154 33.82 10.48 -6.63
N ASP D 155 34.33 9.30 -6.27
CA ASP D 155 35.36 8.59 -7.06
C ASP D 155 34.74 7.68 -8.14
N SER D 156 33.41 7.54 -8.19
CA SER D 156 32.78 6.63 -9.16
C SER D 156 33.17 6.99 -10.60
N PRO D 157 33.34 8.27 -11.02
CA PRO D 157 33.81 8.53 -12.38
C PRO D 157 35.22 7.94 -12.62
N ASN D 158 36.08 7.99 -11.60
CA ASN D 158 37.47 7.44 -11.71
C ASN D 158 37.42 5.92 -11.80
N TRP D 159 36.50 5.27 -11.08
CA TRP D 159 36.36 3.79 -11.18
C TRP D 159 36.03 3.43 -12.62
N PHE D 160 35.07 4.16 -13.20
CA PHE D 160 34.60 3.89 -14.57
C PHE D 160 35.75 4.17 -15.55
N ALA D 161 36.51 5.25 -15.35
CA ALA D 161 37.66 5.59 -16.23
C ALA D 161 38.66 4.44 -16.19
N GLU D 162 38.93 3.88 -15.01
CA GLU D 162 39.87 2.74 -14.84
C GLU D 162 39.36 1.54 -15.66
N TYR D 163 38.06 1.24 -15.57
CA TYR D 163 37.41 0.17 -16.37
C TYR D 163 37.56 0.45 -17.87
N ALA D 164 37.29 1.68 -18.31
CA ALA D 164 37.34 2.07 -19.73
C ALA D 164 38.79 1.89 -20.25
N LYS D 165 39.76 2.18 -19.41
CA LYS D 165 41.20 2.02 -19.80
C LYS D 165 41.50 0.52 -19.97
N VAL D 166 41.00 -0.34 -19.09
CA VAL D 166 41.13 -1.80 -19.24
C VAL D 166 40.48 -2.22 -20.56
N ILE D 167 39.29 -1.70 -20.86
CA ILE D 167 38.56 -2.06 -22.10
C ILE D 167 39.45 -1.69 -23.30
N LYS D 168 39.96 -0.47 -23.34
CA LYS D 168 40.74 0.03 -24.50
C LYS D 168 42.03 -0.78 -24.60
N THR D 169 42.66 -1.09 -23.47
CA THR D 169 43.93 -1.85 -23.40
C THR D 169 43.72 -3.21 -24.07
N TYR D 170 42.70 -3.95 -23.68
CA TYR D 170 42.53 -5.37 -24.05
C TYR D 170 41.76 -5.54 -25.35
N PHE D 171 40.90 -4.59 -25.72
CA PHE D 171 39.97 -4.78 -26.87
C PHE D 171 40.12 -3.69 -27.93
N GLY D 172 40.98 -2.69 -27.72
CA GLY D 172 41.09 -1.52 -28.62
C GLY D 172 41.61 -1.87 -30.00
N LYS D 173 42.36 -2.98 -30.14
CA LYS D 173 42.91 -3.41 -31.45
C LYS D 173 41.78 -3.91 -32.36
N GLU D 174 40.76 -4.59 -31.83
CA GLU D 174 39.78 -5.35 -32.64
C GLU D 174 38.38 -4.77 -32.55
N VAL D 175 38.14 -3.87 -31.59
CA VAL D 175 36.80 -3.25 -31.41
C VAL D 175 36.93 -1.76 -31.68
N SER D 176 36.11 -1.26 -32.61
CA SER D 176 36.14 0.13 -33.11
C SER D 176 34.81 0.84 -32.85
N TYR D 177 33.86 0.18 -32.19
CA TYR D 177 32.54 0.76 -31.84
C TYR D 177 32.33 0.52 -30.35
N PHE D 178 32.20 1.61 -29.59
CA PHE D 178 31.99 1.57 -28.13
C PHE D 178 30.78 2.44 -27.78
N ILE D 179 30.02 1.95 -26.83
CA ILE D 179 28.96 2.74 -26.14
C ILE D 179 29.30 2.74 -24.66
N THR D 180 29.46 3.91 -24.06
CA THR D 180 29.89 4.01 -22.64
C THR D 180 28.75 3.48 -21.77
N PHE D 181 27.58 4.09 -21.87
CA PHE D 181 26.42 3.79 -21.01
C PHE D 181 25.21 3.42 -21.86
N ASN D 182 24.49 2.39 -21.39
CA ASN D 182 23.16 2.02 -21.91
C ASN D 182 22.06 2.55 -20.98
N GLU D 183 21.22 3.45 -21.48
CA GLU D 183 19.95 3.84 -20.81
C GLU D 183 20.19 4.28 -19.37
N PRO D 184 20.90 5.40 -19.13
CA PRO D 184 21.00 5.97 -17.79
C PRO D 184 19.61 6.31 -17.22
N GLN D 185 18.65 6.66 -18.08
CA GLN D 185 17.25 6.91 -17.65
C GLN D 185 16.81 5.74 -16.77
N VAL D 186 17.09 4.53 -17.23
CA VAL D 186 16.55 3.30 -16.59
C VAL D 186 17.43 2.93 -15.40
N PHE D 187 18.75 2.80 -15.56
CA PHE D 187 19.55 2.28 -14.42
C PHE D 187 19.59 3.31 -13.30
N VAL D 188 19.50 4.61 -13.60
CA VAL D 188 19.42 5.61 -12.51
C VAL D 188 17.95 5.74 -12.05
N GLY D 189 17.01 5.92 -12.98
CA GLY D 189 15.60 6.12 -12.60
C GLY D 189 15.02 4.90 -11.90
N CYS D 190 15.13 3.73 -12.51
CA CYS D 190 14.59 2.49 -11.91
C CYS D 190 15.49 2.00 -10.77
N GLY D 191 16.80 2.17 -10.87
CA GLY D 191 17.72 1.68 -9.84
C GLY D 191 17.69 2.49 -8.56
N TYR D 192 17.47 3.80 -8.64
CA TYR D 192 17.68 4.74 -7.52
C TYR D 192 16.49 5.66 -7.26
N LEU D 193 15.54 5.80 -8.18
CA LEU D 193 14.37 6.67 -7.91
C LEU D 193 13.14 5.81 -7.62
N SER D 194 12.75 4.92 -8.53
N SER D 194 12.75 4.91 -8.53
CA SER D 194 11.54 4.07 -8.37
CA SER D 194 11.53 4.06 -8.34
C SER D 194 11.88 2.84 -7.52
C SER D 194 11.88 2.82 -7.51
N GLY D 195 13.12 2.35 -7.60
CA GLY D 195 13.61 1.22 -6.81
C GLY D 195 13.21 -0.14 -7.36
N ASN D 196 12.69 -0.23 -8.58
CA ASN D 196 12.27 -1.55 -9.13
C ASN D 196 13.45 -2.31 -9.77
N HIS D 197 14.56 -1.63 -10.03
CA HIS D 197 15.80 -2.25 -10.57
C HIS D 197 16.91 -2.15 -9.53
N ALA D 198 17.94 -2.97 -9.69
CA ALA D 198 19.10 -2.98 -8.77
C ALA D 198 19.73 -1.59 -8.76
N PRO D 199 20.16 -1.06 -7.61
CA PRO D 199 20.12 -1.74 -6.32
C PRO D 199 18.81 -1.60 -5.53
N GLY D 200 17.81 -0.94 -6.10
CA GLY D 200 16.45 -0.96 -5.53
C GLY D 200 16.18 0.19 -4.58
N TYR D 201 16.76 1.36 -4.81
CA TYR D 201 16.64 2.52 -3.90
C TYR D 201 15.60 3.51 -4.38
N GLN D 202 15.12 4.33 -3.45
N GLN D 202 15.11 4.32 -3.44
CA GLN D 202 14.21 5.48 -3.69
CA GLN D 202 14.20 5.47 -3.72
C GLN D 202 14.85 6.69 -3.03
C GLN D 202 14.82 6.70 -3.06
N LEU D 203 15.75 7.34 -3.77
CA LEU D 203 16.58 8.42 -3.22
C LEU D 203 15.97 9.78 -3.49
N PRO D 204 16.36 10.78 -2.67
CA PRO D 204 15.93 12.15 -2.88
C PRO D 204 16.48 12.71 -4.20
N LYS D 205 15.82 13.77 -4.67
CA LYS D 205 16.14 14.46 -5.93
C LYS D 205 17.63 14.81 -5.99
N ALA D 206 18.17 15.38 -4.93
CA ALA D 206 19.58 15.85 -4.89
C ALA D 206 20.51 14.66 -5.17
N GLU D 207 20.19 13.50 -4.62
CA GLU D 207 21.03 12.29 -4.80
C GLU D 207 20.88 11.75 -6.21
N ILE D 208 19.68 11.84 -6.81
CA ILE D 208 19.50 11.44 -8.23
C ILE D 208 20.37 12.34 -9.10
N VAL D 209 20.38 13.65 -8.83
CA VAL D 209 21.22 14.58 -9.63
C VAL D 209 22.70 14.25 -9.37
N ARG D 210 23.09 13.97 -8.13
CA ARG D 210 24.48 13.60 -7.82
C ARG D 210 24.88 12.35 -8.63
N ILE D 211 24.04 11.33 -8.64
CA ILE D 211 24.31 10.08 -9.38
C ILE D 211 24.42 10.40 -10.88
N ALA D 212 23.47 11.17 -11.41
CA ALA D 212 23.45 11.51 -12.85
C ALA D 212 24.76 12.21 -13.19
N HIS D 213 25.17 13.15 -12.34
CA HIS D 213 26.39 13.97 -12.61
C HIS D 213 27.62 13.07 -12.56
N ASN D 214 27.67 12.12 -11.64
CA ASN D 214 28.79 11.15 -11.58
C ASN D 214 28.78 10.23 -12.80
N VAL D 215 27.61 9.78 -13.26
CA VAL D 215 27.52 8.95 -14.48
C VAL D 215 28.03 9.77 -15.69
N LEU D 216 27.62 11.03 -15.79
CA LEU D 216 27.98 11.88 -16.94
C LEU D 216 29.48 12.20 -16.91
N LYS D 217 30.06 12.49 -15.74
CA LYS D 217 31.53 12.70 -15.61
C LYS D 217 32.24 11.40 -15.96
N ALA D 218 31.72 10.26 -15.51
CA ALA D 218 32.27 8.93 -15.83
C ALA D 218 32.30 8.76 -17.36
N HIS D 219 31.21 9.10 -18.03
CA HIS D 219 31.12 9.04 -19.51
C HIS D 219 32.27 9.86 -20.11
N GLY D 220 32.43 11.12 -19.68
CA GLY D 220 33.49 12.02 -20.20
C GLY D 220 34.86 11.40 -20.02
N LEU D 221 35.18 10.90 -18.83
CA LEU D 221 36.49 10.28 -18.56
C LEU D 221 36.66 9.02 -19.40
N ALA D 222 35.60 8.24 -19.60
CA ALA D 222 35.66 7.00 -20.40
C ALA D 222 35.93 7.36 -21.87
N VAL D 223 35.28 8.41 -22.38
CA VAL D 223 35.53 8.84 -23.79
C VAL D 223 37.03 9.15 -23.91
N LYS D 224 37.60 9.89 -22.96
CA LYS D 224 39.05 10.26 -23.02
C LYS D 224 39.88 8.98 -23.05
N GLU D 225 39.56 7.98 -22.23
CA GLU D 225 40.32 6.71 -22.22
C GLU D 225 40.17 6.00 -23.56
N LEU D 226 38.97 5.98 -24.14
CA LEU D 226 38.69 5.21 -25.37
C LEU D 226 39.36 5.90 -26.56
N ARG D 227 39.68 7.20 -26.46
CA ARG D 227 40.36 7.93 -27.56
C ARG D 227 41.87 7.63 -27.57
N LYS D 228 42.41 7.07 -26.49
CA LYS D 228 43.89 6.80 -26.39
C LYS D 228 44.23 5.55 -27.21
N GLY D 229 45.00 5.70 -28.29
CA GLY D 229 45.37 4.58 -29.17
C GLY D 229 44.52 4.56 -30.43
N GLU D 230 43.94 3.40 -30.75
CA GLU D 230 43.28 3.12 -32.05
C GLU D 230 42.12 4.08 -32.25
N PRO D 231 41.89 4.50 -33.51
CA PRO D 231 40.68 5.26 -33.85
C PRO D 231 39.44 4.39 -33.58
N CYS D 232 38.37 5.03 -33.12
CA CYS D 232 37.11 4.29 -32.86
C CYS D 232 35.94 5.27 -32.92
N LYS D 233 34.74 4.72 -33.01
CA LYS D 233 33.48 5.48 -32.95
C LYS D 233 32.89 5.22 -31.56
N ILE D 234 32.57 6.31 -30.86
CA ILE D 234 32.06 6.22 -29.46
C ILE D 234 30.66 6.81 -29.44
N GLY D 235 29.74 6.11 -28.78
CA GLY D 235 28.39 6.60 -28.60
C GLY D 235 27.95 6.52 -27.14
N PHE D 236 26.73 7.00 -26.91
CA PHE D 236 26.06 7.06 -25.60
C PHE D 236 24.60 6.74 -25.91
N THR D 237 24.00 5.77 -25.23
CA THR D 237 22.67 5.25 -25.61
C THR D 237 21.63 5.72 -24.59
N GLY D 238 20.61 6.40 -25.08
CA GLY D 238 19.45 6.81 -24.29
C GLY D 238 18.29 5.85 -24.48
N ALA D 239 17.52 5.63 -23.42
CA ALA D 239 16.15 5.11 -23.51
C ALA D 239 15.27 6.27 -23.96
N SER D 240 14.55 6.11 -25.06
CA SER D 240 13.79 7.23 -25.66
C SER D 240 12.36 6.78 -25.95
N CYS D 241 11.41 7.62 -25.56
CA CYS D 241 9.95 7.45 -25.81
C CYS D 241 9.51 8.65 -26.63
N PRO D 242 9.74 8.64 -27.96
CA PRO D 242 9.53 9.83 -28.78
C PRO D 242 8.09 10.34 -28.74
N CYS D 243 7.96 11.66 -28.81
CA CYS D 243 6.66 12.33 -28.99
C CYS D 243 6.34 12.38 -30.48
N ILE D 244 5.21 11.80 -30.85
CA ILE D 244 4.74 11.68 -32.25
C ILE D 244 3.73 12.79 -32.45
N PRO D 245 3.99 13.74 -33.38
CA PRO D 245 3.05 14.83 -33.62
C PRO D 245 1.68 14.34 -34.12
N ALA D 246 0.67 15.18 -33.87
CA ALA D 246 -0.76 14.94 -34.20
C ALA D 246 -0.94 14.87 -35.72
N SER D 247 -0.08 15.57 -36.47
CA SER D 247 -0.14 15.70 -37.95
C SER D 247 1.22 16.19 -38.45
N ASP D 248 1.36 16.37 -39.76
CA ASP D 248 2.59 16.92 -40.39
C ASP D 248 2.54 18.45 -40.42
N ARG D 249 1.54 19.07 -39.80
CA ARG D 249 1.50 20.55 -39.64
C ARG D 249 2.71 21.00 -38.83
N LYS D 250 3.38 22.04 -39.29
CA LYS D 250 4.61 22.62 -38.67
C LYS D 250 4.39 22.82 -37.17
N GLU D 251 3.22 23.35 -36.77
CA GLU D 251 2.94 23.71 -35.36
C GLU D 251 2.81 22.43 -34.51
N ASP D 252 2.18 21.38 -35.05
CA ASP D 252 2.00 20.08 -34.35
C ASP D 252 3.38 19.44 -34.16
N ILE D 253 4.23 19.52 -35.18
CA ILE D 253 5.62 18.97 -35.14
C ILE D 253 6.40 19.73 -34.05
N GLU D 254 6.33 21.07 -34.04
CA GLU D 254 7.04 21.88 -33.04
C GLU D 254 6.60 21.49 -31.62
N ALA D 255 5.29 21.30 -31.40
CA ALA D 255 4.73 20.98 -30.07
C ALA D 255 5.31 19.64 -29.61
N ALA D 256 5.41 18.67 -30.53
CA ALA D 256 5.95 17.32 -30.21
C ALA D 256 7.43 17.45 -29.88
N TYR D 257 8.18 18.20 -30.68
CA TYR D 257 9.63 18.42 -30.44
C TYR D 257 9.81 19.03 -29.05
N ASN D 258 9.02 20.06 -28.72
CA ASN D 258 9.18 20.78 -27.43
C ASN D 258 8.88 19.83 -26.27
N GLN D 259 7.83 19.02 -26.39
CA GLN D 259 7.48 18.06 -25.31
C GLN D 259 8.61 17.03 -25.17
N TYR D 260 9.10 16.51 -26.29
CA TYR D 260 10.14 15.45 -26.31
C TYR D 260 11.36 15.92 -25.54
N PHE D 261 11.76 17.19 -25.69
CA PHE D 261 13.00 17.71 -25.08
C PHE D 261 12.72 18.51 -23.82
N SER D 262 11.50 18.40 -23.25
CA SER D 262 11.16 19.08 -21.98
C SER D 262 11.69 18.26 -20.80
N SER D 263 11.91 18.93 -19.69
CA SER D 263 12.19 18.29 -18.38
C SER D 263 11.93 19.33 -17.28
N ASN D 264 11.74 18.88 -16.06
CA ASN D 264 11.62 19.80 -14.89
C ASN D 264 12.01 19.03 -13.64
N SER D 265 12.14 19.71 -12.50
CA SER D 265 12.69 19.09 -11.27
C SER D 265 11.80 17.93 -10.79
N ASN D 266 10.52 17.91 -11.17
CA ASN D 266 9.57 16.87 -10.74
C ASN D 266 9.50 15.72 -11.74
N GLU D 267 10.05 15.88 -12.94
CA GLU D 267 10.01 14.81 -13.97
C GLU D 267 11.22 15.02 -14.90
N PHE D 268 12.34 14.37 -14.61
CA PHE D 268 13.55 14.54 -15.44
C PHE D 268 14.30 13.25 -15.72
N VAL D 269 14.33 12.31 -14.77
CA VAL D 269 15.36 11.24 -14.87
C VAL D 269 15.10 10.37 -16.10
N PHE D 270 13.85 10.24 -16.55
CA PHE D 270 13.49 9.37 -17.68
C PHE D 270 13.45 10.16 -18.99
N THR D 271 13.86 11.42 -18.99
CA THR D 271 13.76 12.28 -20.20
C THR D 271 15.01 12.14 -21.06
N ASP D 272 14.92 12.65 -22.29
CA ASP D 272 16.06 12.67 -23.25
C ASP D 272 17.00 13.84 -22.91
N ALA D 273 16.45 15.04 -22.75
CA ALA D 273 17.27 16.27 -22.68
C ALA D 273 18.11 16.28 -21.42
N PHE D 274 17.61 15.73 -20.30
CA PHE D 274 18.35 15.77 -19.04
C PHE D 274 19.73 15.10 -19.22
N TRP D 275 19.79 14.04 -20.02
CA TRP D 275 21.02 13.25 -20.22
C TRP D 275 21.78 13.75 -21.45
N PHE D 276 21.09 13.97 -22.57
CA PHE D 276 21.76 14.28 -23.87
C PHE D 276 22.20 15.74 -23.92
N ASP D 277 21.50 16.68 -23.30
CA ASP D 277 21.98 18.09 -23.34
C ASP D 277 23.35 18.18 -22.67
N PRO D 278 23.60 17.58 -21.48
CA PRO D 278 24.95 17.56 -20.95
C PRO D 278 25.99 16.95 -21.90
N VAL D 279 25.69 15.75 -22.42
CA VAL D 279 26.67 14.99 -23.26
C VAL D 279 26.96 15.79 -24.53
N LEU D 280 25.95 16.33 -25.20
CA LEU D 280 26.08 16.85 -26.57
C LEU D 280 26.18 18.38 -26.59
N LYS D 281 25.56 19.08 -25.64
CA LYS D 281 25.54 20.56 -25.64
C LYS D 281 26.39 21.11 -24.49
N GLY D 282 26.85 20.28 -23.55
CA GLY D 282 27.61 20.75 -22.38
C GLY D 282 26.76 21.66 -21.49
N ARG D 283 25.46 21.42 -21.44
CA ARG D 283 24.55 22.13 -20.52
C ARG D 283 23.52 21.16 -19.95
N TYR D 284 23.21 21.29 -18.68
CA TYR D 284 21.97 20.70 -18.11
C TYR D 284 20.81 21.60 -18.52
N PRO D 285 19.57 21.07 -18.51
CA PRO D 285 18.39 21.93 -18.53
C PRO D 285 18.54 23.03 -17.47
N LYS D 286 18.03 24.24 -17.74
CA LYS D 286 18.25 25.44 -16.90
C LYS D 286 17.85 25.18 -15.44
N TRP D 287 16.80 24.40 -15.21
CA TRP D 287 16.21 24.21 -13.87
C TRP D 287 17.26 23.58 -12.93
N VAL D 288 18.20 22.78 -13.46
CA VAL D 288 19.08 21.92 -12.64
C VAL D 288 19.94 22.78 -11.72
N THR D 289 20.51 23.84 -12.28
CA THR D 289 21.57 24.63 -11.59
C THR D 289 20.88 25.46 -10.51
N TYR D 290 19.56 25.67 -10.58
CA TYR D 290 18.81 26.54 -9.64
C TYR D 290 18.13 25.76 -8.51
N ILE D 291 18.26 24.45 -8.47
CA ILE D 291 17.86 23.63 -7.28
C ILE D 291 18.87 23.88 -6.15
N ASN D 292 18.39 24.25 -4.96
CA ASN D 292 19.28 24.50 -3.79
C ASN D 292 19.06 23.46 -2.69
N ASN D 293 18.38 22.33 -2.99
CA ASN D 293 18.10 21.25 -2.02
C ASN D 293 19.39 20.90 -1.28
N VAL D 294 19.26 20.57 0.01
CA VAL D 294 20.43 20.15 0.84
C VAL D 294 21.12 18.98 0.12
N SER D 295 22.43 19.10 -0.06
CA SER D 295 23.31 18.02 -0.57
C SER D 295 23.35 18.01 -2.10
N MET D 296 22.78 18.99 -2.79
CA MET D 296 22.92 19.08 -4.27
C MET D 296 24.40 19.03 -4.60
N PRO D 297 24.81 18.29 -5.64
CA PRO D 297 26.19 18.36 -6.10
C PRO D 297 26.47 19.77 -6.66
N ILE D 298 27.73 20.17 -6.57
CA ILE D 298 28.22 21.45 -7.18
C ILE D 298 28.61 21.14 -8.63
N ILE D 299 27.91 21.72 -9.58
CA ILE D 299 28.10 21.47 -11.03
C ILE D 299 28.90 22.65 -11.59
N THR D 300 30.09 22.38 -12.12
CA THR D 300 31.04 23.43 -12.56
C THR D 300 31.15 23.47 -14.09
N LYS D 301 31.64 24.59 -14.61
CA LYS D 301 32.02 24.75 -16.03
C LYS D 301 32.96 23.60 -16.45
N GLU D 302 33.95 23.29 -15.62
CA GLU D 302 34.96 22.23 -15.90
C GLU D 302 34.27 20.87 -15.99
N ASP D 303 33.30 20.61 -15.09
CA ASP D 303 32.52 19.36 -15.16
C ASP D 303 31.83 19.25 -16.52
N MET D 304 31.21 20.33 -17.00
CA MET D 304 30.40 20.28 -18.24
C MET D 304 31.33 20.10 -19.44
N GLU D 305 32.54 20.69 -19.41
CA GLU D 305 33.55 20.46 -20.48
C GLU D 305 33.94 18.97 -20.50
N LEU D 306 34.15 18.37 -19.33
CA LEU D 306 34.51 16.93 -19.22
C LEU D 306 33.37 16.10 -19.82
N ILE D 307 32.13 16.36 -19.39
CA ILE D 307 30.96 15.52 -19.79
C ILE D 307 30.81 15.58 -21.32
N SER D 308 31.03 16.75 -21.94
CA SER D 308 30.70 17.01 -23.36
C SER D 308 31.91 16.75 -24.26
N GLN D 309 32.67 15.68 -24.01
CA GLN D 309 33.70 15.20 -24.96
C GLN D 309 33.03 14.89 -26.30
N PRO D 310 33.69 15.20 -27.44
CA PRO D 310 33.15 14.85 -28.73
C PRO D 310 32.88 13.34 -28.82
N ILE D 311 31.70 12.99 -29.30
CA ILE D 311 31.36 11.56 -29.59
C ILE D 311 30.87 11.48 -31.04
N ASP D 312 30.75 10.26 -31.55
CA ASP D 312 30.57 10.02 -32.99
C ASP D 312 29.12 9.73 -33.35
N PHE D 313 28.34 9.15 -32.43
CA PHE D 313 26.93 8.85 -32.71
C PHE D 313 26.12 8.90 -31.41
N VAL D 314 24.83 9.16 -31.58
CA VAL D 314 23.82 9.11 -30.50
C VAL D 314 23.11 7.77 -30.62
N GLY D 315 23.10 6.99 -29.56
CA GLY D 315 22.39 5.70 -29.51
C GLY D 315 20.99 5.94 -28.97
N LEU D 316 19.99 5.46 -29.69
CA LEU D 316 18.58 5.48 -29.24
C LEU D 316 18.09 4.04 -29.12
N ASN D 317 17.59 3.70 -27.94
CA ASN D 317 16.80 2.48 -27.75
C ASN D 317 15.35 2.92 -27.71
N ILE D 318 14.60 2.60 -28.75
CA ILE D 318 13.19 3.01 -28.90
C ILE D 318 12.34 1.76 -29.09
N TYR D 319 11.34 1.63 -28.23
CA TYR D 319 10.35 0.53 -28.29
C TYR D 319 9.00 1.11 -28.73
N ASN D 320 8.68 2.29 -28.22
CA ASN D 320 7.45 3.00 -28.61
C ASN D 320 7.60 4.45 -28.21
N GLY D 321 6.59 5.23 -28.58
CA GLY D 321 6.52 6.65 -28.25
C GLY D 321 5.17 6.95 -27.65
N LYS D 322 4.82 8.23 -27.65
CA LYS D 322 3.51 8.71 -27.21
C LYS D 322 3.04 9.74 -28.24
N TYR D 323 1.75 9.76 -28.51
CA TYR D 323 1.12 10.74 -29.40
C TYR D 323 0.83 12.00 -28.59
N VAL D 324 1.12 13.15 -29.16
CA VAL D 324 0.83 14.46 -28.54
C VAL D 324 -0.20 15.21 -29.40
N ASN D 325 -0.99 16.06 -28.76
CA ASN D 325 -1.99 16.88 -29.46
C ASN D 325 -1.27 18.06 -30.09
N GLU D 326 -2.02 18.91 -30.80
CA GLU D 326 -1.52 20.14 -31.45
C GLU D 326 -0.72 21.04 -30.49
N ASP D 327 -0.99 20.97 -29.19
CA ASP D 327 -0.35 21.83 -28.16
C ASP D 327 0.77 21.09 -27.40
N GLY D 328 1.09 19.85 -27.77
CA GLY D 328 2.21 19.08 -27.16
C GLY D 328 1.77 18.31 -25.93
N GLY D 329 0.49 18.35 -25.58
CA GLY D 329 -0.11 17.57 -24.49
C GLY D 329 -0.15 16.10 -24.87
N ILE D 330 0.21 15.22 -23.94
CA ILE D 330 0.30 13.76 -24.23
C ILE D 330 -1.14 13.24 -24.31
N LEU D 331 -1.50 12.61 -25.42
CA LEU D 331 -2.85 12.02 -25.65
C LEU D 331 -2.92 10.68 -24.91
N GLN D 332 -4.09 10.32 -24.39
CA GLN D 332 -4.29 8.99 -23.76
C GLN D 332 -4.15 7.93 -24.85
N LYS D 333 -3.59 6.77 -24.52
CA LYS D 333 -3.48 5.62 -25.46
C LYS D 333 -4.89 5.30 -26.00
N LYS D 334 -4.98 5.00 -27.29
CA LYS D 334 -6.23 4.53 -27.94
C LYS D 334 -6.73 3.27 -27.24
N GLN D 335 -8.04 3.15 -27.11
CA GLN D 335 -8.68 1.94 -26.56
C GLN D 335 -8.36 0.75 -27.49
N GLY D 336 -7.75 -0.30 -26.95
CA GLY D 336 -7.39 -1.51 -27.70
C GLY D 336 -6.20 -1.32 -28.63
N VAL D 337 -5.37 -0.30 -28.36
CA VAL D 337 -4.13 -0.06 -29.15
C VAL D 337 -3.36 -1.38 -29.23
N PRO D 338 -2.82 -1.73 -30.42
CA PRO D 338 -1.90 -2.84 -30.52
C PRO D 338 -0.79 -2.71 -29.48
N ARG D 339 -0.47 -3.80 -28.80
CA ARG D 339 0.49 -3.76 -27.69
C ARG D 339 1.34 -5.02 -27.71
N THR D 340 2.26 -5.12 -26.77
CA THR D 340 3.24 -6.22 -26.68
C THR D 340 2.99 -7.03 -25.42
N ALA D 341 3.69 -8.14 -25.28
CA ALA D 341 3.54 -9.06 -24.13
C ALA D 341 4.01 -8.41 -22.82
N ILE D 342 4.81 -7.35 -22.87
CA ILE D 342 5.25 -6.65 -21.62
C ILE D 342 4.27 -5.51 -21.30
N GLY D 343 3.33 -5.23 -22.19
CA GLY D 343 2.24 -4.27 -21.97
C GLY D 343 2.39 -2.98 -22.75
N TRP D 344 3.55 -2.77 -23.38
CA TRP D 344 3.84 -1.48 -24.07
C TRP D 344 3.03 -1.38 -25.35
N PRO D 345 2.63 -0.17 -25.77
CA PRO D 345 1.93 -0.01 -27.05
C PRO D 345 2.89 -0.12 -28.24
N ILE D 346 2.32 -0.41 -29.40
CA ILE D 346 3.05 -0.40 -30.70
C ILE D 346 2.73 0.92 -31.37
N THR D 347 3.76 1.74 -31.58
CA THR D 347 3.66 3.11 -32.15
C THR D 347 4.73 3.27 -33.23
N GLN D 348 4.44 2.80 -34.43
CA GLN D 348 5.46 2.66 -35.51
C GLN D 348 6.18 3.98 -35.74
N GLU D 349 5.49 5.12 -35.65
CA GLU D 349 6.07 6.44 -36.02
C GLU D 349 7.14 6.86 -35.02
N ALA D 350 7.29 6.16 -33.88
CA ALA D 350 8.37 6.47 -32.93
C ALA D 350 9.74 6.34 -33.62
N LEU D 351 9.90 5.41 -34.57
CA LEU D 351 11.22 5.17 -35.20
C LEU D 351 11.40 6.09 -36.40
N TYR D 352 10.44 6.98 -36.67
CA TYR D 352 10.63 8.15 -37.56
C TYR D 352 10.99 9.37 -36.71
N TRP D 353 10.10 9.75 -35.79
CA TRP D 353 10.22 11.04 -35.06
C TRP D 353 11.35 11.03 -34.05
N GLY D 354 11.59 9.92 -33.35
CA GLY D 354 12.71 9.91 -32.39
C GLY D 354 14.02 10.24 -33.10
N PRO D 355 14.39 9.47 -34.14
CA PRO D 355 15.61 9.76 -34.91
C PRO D 355 15.59 11.18 -35.50
N ARG D 356 14.47 11.59 -36.10
CA ARG D 356 14.41 12.92 -36.77
C ARG D 356 14.64 14.03 -35.75
N PHE D 357 13.89 14.04 -34.65
CA PHE D 357 14.02 15.12 -33.64
C PHE D 357 15.41 15.08 -33.00
N THR D 358 15.96 13.89 -32.74
CA THR D 358 17.29 13.77 -32.11
C THR D 358 18.34 14.31 -33.09
N SER D 359 18.18 14.02 -34.37
CA SER D 359 19.07 14.50 -35.45
C SER D 359 19.00 16.03 -35.50
N GLU D 360 17.80 16.58 -35.48
CA GLU D 360 17.59 18.05 -35.58
C GLU D 360 18.21 18.75 -34.36
N ARG D 361 18.07 18.19 -33.16
CA ARG D 361 18.54 18.88 -31.93
C ARG D 361 20.06 18.82 -31.87
N TYR D 362 20.68 17.69 -32.16
CA TYR D 362 22.11 17.43 -31.83
C TYR D 362 23.00 17.38 -33.07
N HIS D 363 22.45 17.22 -34.27
CA HIS D 363 23.23 17.16 -35.53
C HIS D 363 24.32 16.09 -35.44
N LYS D 364 23.97 14.93 -34.90
CA LYS D 364 24.87 13.77 -34.83
C LYS D 364 24.20 12.62 -35.57
N PRO D 365 25.01 11.70 -36.12
CA PRO D 365 24.49 10.44 -36.63
C PRO D 365 23.76 9.69 -35.51
N ILE D 366 22.72 8.98 -35.91
CA ILE D 366 21.88 8.18 -34.98
C ILE D 366 22.18 6.69 -35.23
N MET D 367 22.36 5.94 -34.16
CA MET D 367 22.28 4.46 -34.24
C MET D 367 21.10 4.00 -33.39
N ILE D 368 20.21 3.21 -33.96
CA ILE D 368 19.13 2.55 -33.18
C ILE D 368 19.79 1.36 -32.52
N THR D 369 20.21 1.52 -31.27
CA THR D 369 21.00 0.51 -30.53
C THR D 369 20.06 -0.55 -29.94
N GLY D 370 18.75 -0.38 -30.06
CA GLY D 370 17.81 -1.37 -29.55
C GLY D 370 16.40 -1.06 -29.98
N ASN D 371 15.76 -2.03 -30.60
CA ASN D 371 14.35 -1.95 -31.03
C ASN D 371 13.86 -3.38 -31.14
N GLY D 372 12.70 -3.67 -30.59
CA GLY D 372 12.15 -5.02 -30.62
C GLY D 372 10.89 -5.10 -29.79
N MET D 373 10.39 -6.30 -29.62
CA MET D 373 9.05 -6.55 -29.07
C MET D 373 9.08 -7.79 -28.19
N SER D 374 8.47 -7.70 -27.01
CA SER D 374 8.14 -8.86 -26.16
C SER D 374 6.90 -9.54 -26.74
N CYS D 375 6.96 -10.84 -26.98
CA CYS D 375 5.82 -11.61 -27.53
C CYS D 375 5.61 -12.84 -26.67
N HIS D 376 4.38 -13.30 -26.60
CA HIS D 376 4.04 -14.55 -25.88
C HIS D 376 4.39 -15.72 -26.80
N ASP D 377 5.70 -15.94 -27.00
CA ASP D 377 6.18 -16.96 -27.94
C ASP D 377 6.14 -18.32 -27.28
N CYS D 378 5.97 -19.34 -28.10
CA CYS D 378 6.15 -20.73 -27.65
C CYS D 378 6.39 -21.60 -28.87
N ILE D 379 6.72 -22.85 -28.59
CA ILE D 379 6.95 -23.85 -29.67
C ILE D 379 5.57 -24.42 -30.02
N SER D 380 5.16 -24.21 -31.25
CA SER D 380 3.87 -24.71 -31.78
C SER D 380 3.96 -26.23 -31.97
N LEU D 381 2.82 -26.86 -32.27
CA LEU D 381 2.75 -28.33 -32.49
C LEU D 381 3.71 -28.73 -33.62
N ASP D 382 3.99 -27.85 -34.59
CA ASP D 382 4.92 -28.13 -35.72
C ASP D 382 6.39 -28.03 -35.30
N GLY D 383 6.69 -27.67 -34.04
CA GLY D 383 8.07 -27.58 -33.50
C GLY D 383 8.76 -26.27 -33.84
N LYS D 384 8.03 -25.33 -34.44
CA LYS D 384 8.59 -24.02 -34.87
C LYS D 384 8.12 -22.94 -33.90
N VAL D 385 8.74 -21.78 -33.97
CA VAL D 385 8.32 -20.60 -33.18
C VAL D 385 7.88 -19.52 -34.15
N HIS D 386 6.57 -19.34 -34.21
CA HIS D 386 5.88 -18.43 -35.14
C HIS D 386 5.60 -17.13 -34.39
N ASP D 387 6.16 -16.02 -34.87
CA ASP D 387 6.06 -14.70 -34.18
C ASP D 387 5.69 -13.64 -35.21
N GLU D 388 4.58 -13.85 -35.92
CA GLU D 388 4.09 -12.87 -36.92
C GLU D 388 3.96 -11.48 -36.28
N ASN D 389 3.56 -11.36 -35.01
CA ASN D 389 3.40 -10.01 -34.40
C ASN D 389 4.74 -9.29 -34.34
N ARG D 390 5.83 -10.00 -34.07
CA ARG D 390 7.19 -9.40 -34.05
C ARG D 390 7.59 -9.02 -35.49
N ILE D 391 7.29 -9.86 -36.48
CA ILE D 391 7.58 -9.52 -37.90
C ILE D 391 6.84 -8.22 -38.26
N ASP D 392 5.56 -8.13 -37.94
CA ASP D 392 4.77 -6.91 -38.27
C ASP D 392 5.39 -5.70 -37.56
N TYR D 393 5.73 -5.84 -36.29
CA TYR D 393 6.37 -4.76 -35.50
C TYR D 393 7.64 -4.29 -36.21
N MET D 394 8.54 -5.23 -36.50
CA MET D 394 9.85 -4.91 -37.12
C MET D 394 9.62 -4.26 -38.49
N HIS D 395 8.71 -4.81 -39.28
CA HIS D 395 8.43 -4.32 -40.66
C HIS D 395 7.92 -2.88 -40.54
N ARG D 396 6.95 -2.64 -39.67
CA ARG D 396 6.37 -1.29 -39.50
C ARG D 396 7.43 -0.31 -39.01
N TYR D 397 8.21 -0.66 -37.99
CA TYR D 397 9.18 0.29 -37.40
C TYR D 397 10.29 0.59 -38.43
N LEU D 398 10.74 -0.43 -39.15
CA LEU D 398 11.85 -0.25 -40.12
C LEU D 398 11.36 0.61 -41.29
N LEU D 399 10.11 0.49 -41.71
CA LEU D 399 9.56 1.39 -42.76
C LEU D 399 9.65 2.83 -42.27
N GLN D 400 9.38 3.08 -40.99
CA GLN D 400 9.41 4.46 -40.44
C GLN D 400 10.86 4.95 -40.37
N LEU D 401 11.80 4.09 -40.00
CA LEU D 401 13.23 4.46 -39.96
C LEU D 401 13.71 4.75 -41.39
N LYS D 402 13.27 3.95 -42.34
CA LYS D 402 13.65 4.12 -43.76
C LYS D 402 13.14 5.49 -44.23
N LYS D 403 11.95 5.89 -43.81
CA LYS D 403 11.35 7.20 -44.18
C LYS D 403 12.19 8.31 -43.56
N ALA D 404 12.68 8.15 -42.33
CA ALA D 404 13.54 9.16 -41.68
C ALA D 404 14.80 9.34 -42.53
N ILE D 405 15.40 8.23 -42.97
CA ILE D 405 16.62 8.27 -43.82
C ILE D 405 16.30 8.99 -45.12
N ALA D 406 15.18 8.68 -45.75
CA ALA D 406 14.71 9.33 -47.01
C ALA D 406 14.56 10.84 -46.77
N ASP D 407 14.12 11.24 -45.59
CA ASP D 407 13.89 12.68 -45.24
C ASP D 407 15.19 13.32 -44.74
N GLY D 408 16.33 12.65 -44.80
CA GLY D 408 17.66 13.26 -44.59
C GLY D 408 18.26 12.99 -43.22
N VAL D 409 17.66 12.11 -42.41
CA VAL D 409 18.24 11.79 -41.08
C VAL D 409 19.41 10.81 -41.29
N ASP D 410 20.55 11.13 -40.72
CA ASP D 410 21.76 10.28 -40.79
C ASP D 410 21.63 9.15 -39.77
N VAL D 411 21.17 7.98 -40.22
CA VAL D 411 21.06 6.76 -39.37
C VAL D 411 22.14 5.79 -39.85
N GLU D 412 23.00 5.35 -38.95
CA GLU D 412 24.18 4.52 -39.30
C GLU D 412 23.93 3.04 -39.00
N GLY D 413 22.93 2.70 -38.20
CA GLY D 413 22.70 1.29 -37.88
C GLY D 413 21.40 1.05 -37.13
N TYR D 414 21.01 -0.21 -37.06
CA TYR D 414 19.79 -0.68 -36.39
C TYR D 414 20.13 -2.02 -35.76
N TYR D 415 19.87 -2.13 -34.45
CA TYR D 415 20.16 -3.37 -33.68
C TYR D 415 18.84 -3.90 -33.12
N ALA D 416 18.45 -5.08 -33.59
CA ALA D 416 17.26 -5.78 -33.09
C ALA D 416 17.51 -6.21 -31.64
N TRP D 417 16.66 -5.77 -30.73
CA TRP D 417 16.64 -6.26 -29.33
C TRP D 417 15.63 -7.40 -29.28
N SER D 418 16.04 -8.67 -29.16
CA SER D 418 17.38 -9.13 -28.84
C SER D 418 17.73 -10.35 -29.71
N LEU D 419 19.00 -10.70 -29.79
CA LEU D 419 19.40 -11.97 -30.44
C LEU D 419 18.62 -13.13 -29.82
N LEU D 420 18.57 -13.16 -28.48
CA LEU D 420 18.04 -14.31 -27.70
C LEU D 420 16.94 -13.83 -26.78
N ASP D 421 15.92 -14.66 -26.57
CA ASP D 421 15.07 -14.56 -25.37
C ASP D 421 16.02 -14.55 -24.16
N ASN D 422 15.72 -13.74 -23.15
CA ASN D 422 16.70 -13.59 -22.06
C ASN D 422 16.01 -13.12 -20.79
N PHE D 423 16.82 -12.86 -19.78
CA PHE D 423 16.37 -12.35 -18.45
C PHE D 423 15.98 -10.89 -18.62
N GLU D 424 14.67 -10.60 -18.60
CA GLU D 424 14.14 -9.23 -18.73
C GLU D 424 14.03 -8.58 -17.35
N TRP D 425 15.16 -8.45 -16.65
CA TRP D 425 15.29 -7.63 -15.43
C TRP D 425 14.18 -8.00 -14.43
N ALA D 426 13.37 -7.06 -13.94
CA ALA D 426 12.41 -7.36 -12.87
C ALA D 426 11.28 -8.26 -13.37
N ASN D 427 11.14 -8.45 -14.68
CA ASN D 427 10.13 -9.37 -15.26
C ASN D 427 10.71 -10.77 -15.42
N GLY D 428 11.96 -11.01 -15.01
CA GLY D 428 12.58 -12.33 -15.17
C GLY D 428 12.44 -12.86 -16.59
N TYR D 429 12.17 -14.17 -16.74
CA TYR D 429 12.11 -14.82 -18.06
C TYR D 429 10.71 -14.74 -18.67
N ASN D 430 9.82 -13.96 -18.06
CA ASN D 430 8.39 -13.88 -18.47
C ASN D 430 8.21 -13.02 -19.72
N ASP D 431 9.24 -12.32 -20.18
CA ASP D 431 9.17 -11.48 -21.40
C ASP D 431 10.26 -11.96 -22.36
N ARG D 432 9.83 -12.37 -23.54
CA ARG D 432 10.68 -12.92 -24.63
C ARG D 432 10.79 -11.88 -25.73
N PHE D 433 11.96 -11.29 -25.89
CA PHE D 433 12.26 -10.26 -26.92
C PHE D 433 13.07 -10.83 -28.08
N GLY D 434 13.43 -12.11 -28.02
CA GLY D 434 14.39 -12.66 -28.99
C GLY D 434 13.85 -12.79 -30.40
N ILE D 435 14.77 -12.74 -31.37
CA ILE D 435 14.53 -13.33 -32.72
C ILE D 435 14.92 -14.81 -32.70
N THR D 436 15.51 -15.27 -31.58
CA THR D 436 15.81 -16.68 -31.28
C THR D 436 15.12 -17.06 -29.98
N TYR D 437 14.34 -18.13 -30.01
CA TYR D 437 13.66 -18.70 -28.83
C TYR D 437 14.68 -19.50 -28.03
N VAL D 438 14.63 -19.40 -26.72
CA VAL D 438 15.43 -20.27 -25.82
C VAL D 438 14.48 -21.09 -24.97
N ASP D 439 14.62 -22.41 -25.03
CA ASP D 439 13.97 -23.34 -24.08
C ASP D 439 14.89 -23.42 -22.86
N TYR D 440 14.52 -22.84 -21.73
CA TYR D 440 15.44 -22.74 -20.57
C TYR D 440 15.67 -24.13 -19.95
N GLU D 441 14.80 -25.10 -20.19
CA GLU D 441 14.96 -26.46 -19.64
C GLU D 441 16.20 -27.15 -20.28
N THR D 442 16.42 -26.93 -21.57
CA THR D 442 17.46 -27.60 -22.37
C THR D 442 18.51 -26.63 -22.89
N GLN D 443 18.24 -25.32 -22.80
CA GLN D 443 19.03 -24.23 -23.45
C GLN D 443 19.00 -24.34 -24.98
N GLN D 444 18.07 -25.09 -25.56
CA GLN D 444 17.91 -25.17 -27.03
C GLN D 444 17.62 -23.77 -27.58
N ARG D 445 18.30 -23.40 -28.65
CA ARG D 445 17.98 -22.20 -29.46
C ARG D 445 17.14 -22.63 -30.65
N ILE D 446 16.02 -21.95 -30.90
CA ILE D 446 15.20 -22.14 -32.11
C ILE D 446 15.03 -20.77 -32.73
N ILE D 447 15.60 -20.57 -33.91
CA ILE D 447 15.42 -19.28 -34.62
C ILE D 447 13.92 -19.15 -34.91
N LYS D 448 13.36 -17.99 -34.58
CA LYS D 448 11.91 -17.73 -34.80
C LYS D 448 11.70 -17.29 -36.25
N ASP D 449 10.46 -17.27 -36.71
CA ASP D 449 10.12 -16.72 -38.05
C ASP D 449 10.75 -15.33 -38.20
N SER D 450 10.75 -14.50 -37.15
CA SER D 450 11.30 -13.12 -37.23
C SER D 450 12.79 -13.14 -37.58
N GLY D 451 13.53 -14.15 -37.11
CA GLY D 451 14.96 -14.27 -37.43
C GLY D 451 15.17 -14.42 -38.93
N PHE D 452 14.36 -15.24 -39.58
CA PHE D 452 14.45 -15.50 -41.04
C PHE D 452 13.96 -14.27 -41.79
N PHE D 453 12.92 -13.62 -41.28
CA PHE D 453 12.42 -12.34 -41.83
C PHE D 453 13.55 -11.32 -41.83
N TYR D 454 14.26 -11.20 -40.69
CA TYR D 454 15.33 -10.20 -40.50
C TYR D 454 16.51 -10.56 -41.43
N GLN D 455 16.86 -11.84 -41.51
CA GLN D 455 17.92 -12.33 -42.42
C GLN D 455 17.65 -11.78 -43.82
N GLN D 456 16.41 -11.88 -44.28
CA GLN D 456 16.02 -11.46 -45.66
C GLN D 456 16.14 -9.93 -45.77
N ILE D 457 15.72 -9.19 -44.73
CA ILE D 457 15.89 -7.71 -44.72
C ILE D 457 17.36 -7.37 -44.92
N ILE D 458 18.24 -8.05 -44.18
CA ILE D 458 19.68 -7.70 -44.20
C ILE D 458 20.23 -8.04 -45.59
N GLU D 459 19.87 -9.20 -46.14
CA GLU D 459 20.37 -9.66 -47.47
C GLU D 459 20.03 -8.64 -48.54
N THR D 460 18.87 -7.99 -48.43
CA THR D 460 18.33 -7.02 -49.43
C THR D 460 18.56 -5.59 -48.98
N ASN D 461 19.28 -5.37 -47.88
CA ASN D 461 19.58 -4.04 -47.29
C ASN D 461 18.27 -3.25 -47.08
N GLY D 462 17.16 -3.94 -46.82
CA GLY D 462 15.88 -3.29 -46.53
C GLY D 462 15.24 -2.68 -47.78
N ASP D 463 15.71 -3.05 -48.98
CA ASP D 463 15.22 -2.45 -50.25
C ASP D 463 13.77 -2.87 -50.51
N LEU D 464 13.33 -4.03 -49.98
CA LEU D 464 12.01 -4.62 -50.30
C LEU D 464 11.00 -4.40 -49.16
N LEU D 465 11.34 -3.63 -48.12
CA LEU D 465 10.40 -3.33 -47.01
C LEU D 465 9.15 -2.68 -47.58
C ACT E . -13.55 -13.84 -19.79
O ACT E . -14.50 -14.58 -19.48
OXT ACT E . -13.67 -12.62 -19.98
CH3 ACT E . -12.20 -14.48 -20.00
S SO4 F . -30.03 -16.37 8.07
O1 SO4 F . -31.14 -16.93 8.79
O2 SO4 F . -30.46 -15.20 7.33
O3 SO4 F . -29.50 -17.35 7.17
O4 SO4 F . -29.01 -15.97 9.01
S SO4 G . -29.78 -35.77 -10.98
O1 SO4 G . -30.27 -35.76 -12.33
O2 SO4 G . -30.72 -35.14 -10.10
O3 SO4 G . -29.57 -37.14 -10.56
O4 SO4 G . -28.52 -35.07 -10.90
S SO4 H . -15.89 -14.44 15.17
O1 SO4 H . -16.47 -13.88 16.38
O2 SO4 H . -16.48 -13.82 14.01
O3 SO4 H . -14.48 -14.19 15.17
O4 SO4 H . -16.13 -15.85 15.14
S SO4 I . -15.80 -33.00 2.30
O1 SO4 I . -15.64 -34.32 2.90
O2 SO4 I . -17.15 -32.57 2.46
O3 SO4 I . -15.49 -33.09 0.90
O4 SO4 I . -14.91 -32.06 2.94
S SO4 J . 4.45 -30.97 -26.55
O1 SO4 J . 3.13 -31.55 -26.49
O2 SO4 J . 4.59 -30.00 -25.49
O3 SO4 J . 4.65 -30.31 -27.83
O4 SO4 J . 5.44 -31.99 -26.38
S SO4 K . -20.64 2.82 -38.94
O1 SO4 K . -21.66 2.66 -39.95
O2 SO4 K . -21.30 3.07 -37.68
O3 SO4 K . -19.86 1.61 -38.85
O4 SO4 K . -19.78 3.93 -39.25
S SO4 L . -6.36 -11.20 -14.35
O1 SO4 L . -6.76 -10.68 -13.05
O2 SO4 L . -7.56 -11.61 -15.06
O3 SO4 L . -5.67 -10.14 -15.10
O4 SO4 L . -5.47 -12.32 -14.18
S SO4 M . -13.02 -12.69 8.35
O1 SO4 M . -14.39 -12.75 8.77
O2 SO4 M . -12.95 -12.69 6.92
O3 SO4 M . -12.30 -13.82 8.86
O4 SO4 M . -12.43 -11.47 8.86
C ACT N . -41.35 -0.30 -22.58
O ACT N . -41.58 -1.28 -21.84
OXT ACT N . -40.88 -0.40 -23.73
CH3 ACT N . -41.62 1.11 -22.04
C ACT O . -15.72 10.00 20.36
O ACT O . -15.66 8.78 20.51
OXT ACT O . -14.72 10.76 20.38
CH3 ACT O . -17.05 10.63 20.21
S SO4 P . -33.41 8.04 -6.85
O1 SO4 P . -34.80 7.98 -6.44
O2 SO4 P . -33.34 8.41 -8.24
O3 SO4 P . -32.79 6.76 -6.67
O4 SO4 P . -32.74 9.04 -6.07
S SO4 Q . -15.89 8.65 -7.73
O1 SO4 Q . -16.26 8.69 -6.35
O2 SO4 Q . -17.10 8.67 -8.53
O3 SO4 Q . -15.09 9.82 -8.05
O4 SO4 Q . -15.14 7.47 -8.03
S SO4 R . -23.58 27.56 -1.78
O1 SO4 R . -24.62 26.75 -2.34
O2 SO4 R . -23.73 27.57 -0.34
O3 SO4 R . -23.67 28.89 -2.28
O4 SO4 R . -22.30 26.99 -2.13
S SO4 S . -2.92 31.37 26.29
O1 SO4 S . -2.65 30.25 25.44
O2 SO4 S . -4.35 31.59 26.37
O3 SO4 S . -2.30 32.55 25.75
O4 SO4 S . -2.40 31.11 27.62
S SO4 T . -8.60 9.05 14.68
O1 SO4 T . -9.88 9.19 15.35
O2 SO4 T . -8.80 8.44 13.38
O3 SO4 T . -8.00 10.37 14.52
O4 SO4 T . -7.69 8.21 15.47
S SO4 U . -18.85 9.52 -13.82
O1 SO4 U . -19.69 8.61 -13.05
O2 SO4 U . -19.61 10.68 -14.20
O3 SO4 U . -17.73 9.92 -12.99
O4 SO4 U . -18.33 8.86 -15.01
S SO4 V . -37.49 26.91 11.81
O1 SO4 V . -37.87 25.96 10.80
O2 SO4 V . -38.20 26.62 13.02
O3 SO4 V . -37.80 28.24 11.36
O4 SO4 V . -36.08 26.84 12.05
C ACT W . -18.57 -7.50 39.95
O ACT W . -18.59 -6.34 40.41
OXT ACT W . -17.74 -7.89 39.12
CH3 ACT W . -19.66 -8.45 40.47
C ACT X . -30.98 31.59 3.98
O ACT X . -31.92 30.79 3.81
OXT ACT X . -29.94 31.61 3.27
CH3 ACT X . -31.09 32.60 5.12
C ACT Y . -29.84 34.04 31.94
O ACT Y . -30.35 32.94 32.23
OXT ACT Y . -28.80 34.47 32.44
CH3 ACT Y . -30.56 34.91 30.91
C ACT Z . 14.70 8.54 22.17
O ACT Z . 14.61 9.47 21.40
OXT ACT Z . 15.77 8.00 22.49
CH3 ACT Z . 13.41 8.03 22.80
S SO4 AA . 36.30 -9.24 30.02
O1 SO4 AA . 36.40 -10.64 30.33
O2 SO4 AA . 34.95 -8.79 30.29
O3 SO4 AA . 36.60 -9.02 28.64
O4 SO4 AA . 37.23 -8.50 30.84
S SO4 BA . 46.01 -4.84 20.16
O1 SO4 BA . 45.40 -4.05 21.20
O2 SO4 BA . 45.51 -6.19 20.24
O3 SO4 BA . 47.44 -4.86 20.33
O4 SO4 BA . 45.70 -4.27 18.88
S SO4 CA . 16.19 -11.23 2.24
O1 SO4 CA . 15.46 -12.37 2.75
O2 SO4 CA . 15.73 -10.90 0.92
O3 SO4 CA . 17.60 -11.54 2.21
O4 SO4 CA . 15.97 -10.12 3.13
S SO4 DA . 12.95 14.99 -2.58
O1 SO4 DA . 12.21 14.40 -1.49
O2 SO4 DA . 12.15 16.03 -3.20
O3 SO4 DA . 14.16 15.56 -2.07
O4 SO4 DA . 13.26 14.00 -3.56
S SO4 EA . 10.10 0.23 22.87
O1 SO4 EA . 10.32 -0.20 24.22
O2 SO4 EA . 8.68 0.25 22.60
O3 SO4 EA . 10.74 -0.69 21.97
O4 SO4 EA . 10.65 1.54 22.70
S SO4 FA . 0.79 -1.40 41.20
O1 SO4 FA . 0.06 -2.59 41.55
O2 SO4 FA . 0.20 -0.25 41.85
O3 SO4 FA . 0.74 -1.21 39.78
O4 SO4 FA . 2.17 -1.56 41.61
S SO4 GA . 20.78 -17.03 -1.86
O1 SO4 GA . 20.16 -17.03 -0.56
O2 SO4 GA . 19.77 -17.18 -2.87
O3 SO4 GA . 21.72 -18.11 -1.95
O4 SO4 GA . 21.47 -15.78 -2.05
S SO4 HA . 28.72 -18.85 28.02
O1 SO4 HA . 28.40 -19.89 28.97
O2 SO4 HA . 27.48 -18.31 27.50
O3 SO4 HA . 29.51 -19.39 26.96
O4 SO4 HA . 29.46 -17.80 28.67
S SO4 IA . 16.74 -19.54 11.76
O1 SO4 IA . 16.70 -20.83 12.38
O2 SO4 IA . 15.42 -19.17 11.34
O3 SO4 IA . 17.62 -19.56 10.62
O4 SO4 IA . 17.22 -18.58 12.72
S SO4 JA . 7.76 4.83 17.23
O1 SO4 JA . 6.80 5.92 17.03
O2 SO4 JA . 7.12 3.72 17.91
O3 SO4 JA . 8.89 5.30 18.01
O4 SO4 JA . 8.23 4.38 15.94
S SO4 KA . 33.85 -9.87 3.50
O1 SO4 KA . 33.37 -8.76 2.70
O2 SO4 KA . 33.01 -10.06 4.66
O3 SO4 KA . 33.84 -11.08 2.72
O4 SO4 KA . 35.20 -9.59 3.93
C ACT LA . 15.29 -4.48 -22.57
O ACT LA . 14.27 -4.48 -23.28
OXT ACT LA . 15.71 -5.47 -21.98
CH3 ACT LA . 15.99 -3.17 -22.35
S SO4 MA . 47.89 -7.35 -15.15
O1 SO4 MA . 46.95 -8.26 -14.55
O2 SO4 MA . 47.39 -5.99 -15.07
O3 SO4 MA . 48.09 -7.69 -16.54
O4 SO4 MA . 49.13 -7.44 -14.44
S SO4 NA . 31.51 17.94 -31.43
O1 SO4 NA . 30.82 16.68 -31.36
O2 SO4 NA . 30.78 18.83 -32.30
O3 SO4 NA . 32.84 17.72 -31.96
O4 SO4 NA . 31.61 18.51 -30.13
S SO4 OA . 15.65 21.39 1.08
O1 SO4 OA . 14.66 21.15 2.10
O2 SO4 OA . 15.45 20.45 0.01
O3 SO4 OA . 16.97 21.20 1.64
O4 SO4 OA . 15.51 22.74 0.61
S SO4 PA . -1.18 1.56 -41.40
O1 SO4 PA . -1.70 1.52 -40.06
O2 SO4 PA . -2.09 2.29 -42.23
O3 SO4 PA . 0.09 2.23 -41.41
O4 SO4 PA . -1.04 0.21 -41.91
S SO4 QA . 16.29 24.61 -21.02
O1 SO4 QA . 15.65 24.17 -19.81
O2 SO4 QA . 15.53 25.67 -21.63
O3 SO4 QA . 17.62 25.08 -20.68
O4 SO4 QA . 16.42 23.53 -21.96
S SO4 RA . 27.10 27.26 -27.13
O1 SO4 RA . 26.72 25.90 -27.41
O2 SO4 RA . 26.40 28.17 -28.05
O3 SO4 RA . 28.54 27.39 -27.29
O4 SO4 RA . 26.76 27.61 -25.77
S SO4 SA . 8.10 -2.90 -17.45
O1 SO4 SA . 7.21 -1.99 -18.17
O2 SO4 SA . 7.44 -4.19 -17.27
O3 SO4 SA . 8.40 -2.33 -16.15
O4 SO4 SA . 9.34 -3.06 -18.19
C ACT TA . 30.21 17.99 -4.64
O ACT TA . 29.51 18.20 -5.64
OXT ACT TA . 29.78 17.43 -3.62
CH3 ACT TA . 31.68 18.42 -4.71
#